data_5NGZ
# 
_entry.id   5NGZ 
# 
_audit_conform.dict_name       mmcif_pdbx.dic 
_audit_conform.dict_version    5.383 
_audit_conform.dict_location   http://mmcif.pdb.org/dictionaries/ascii/mmcif_pdbx.dic 
# 
loop_
_database_2.database_id 
_database_2.database_code 
_database_2.pdbx_database_accession 
_database_2.pdbx_DOI 
PDB   5NGZ         pdb_00005ngz 10.2210/pdb5ngz/pdb 
WWPDB D_1200003374 ?            ?                   
# 
loop_
_pdbx_audit_revision_history.ordinal 
_pdbx_audit_revision_history.data_content_type 
_pdbx_audit_revision_history.major_revision 
_pdbx_audit_revision_history.minor_revision 
_pdbx_audit_revision_history.revision_date 
1 'Structure model' 1 0 2017-05-03 
2 'Structure model' 1 1 2017-05-24 
3 'Structure model' 1 2 2024-01-17 
# 
_pdbx_audit_revision_details.ordinal             1 
_pdbx_audit_revision_details.revision_ordinal    1 
_pdbx_audit_revision_details.data_content_type   'Structure model' 
_pdbx_audit_revision_details.provider            repository 
_pdbx_audit_revision_details.type                'Initial release' 
_pdbx_audit_revision_details.description         ? 
_pdbx_audit_revision_details.details             ? 
# 
loop_
_pdbx_audit_revision_group.ordinal 
_pdbx_audit_revision_group.revision_ordinal 
_pdbx_audit_revision_group.data_content_type 
_pdbx_audit_revision_group.group 
1 2 'Structure model' 'Database references'    
2 3 'Structure model' 'Data collection'        
3 3 'Structure model' 'Database references'    
4 3 'Structure model' 'Refinement description' 
# 
loop_
_pdbx_audit_revision_category.ordinal 
_pdbx_audit_revision_category.revision_ordinal 
_pdbx_audit_revision_category.data_content_type 
_pdbx_audit_revision_category.category 
1 3 'Structure model' chem_comp_atom                
2 3 'Structure model' chem_comp_bond                
3 3 'Structure model' database_2                    
4 3 'Structure model' pdbx_initial_refinement_model 
# 
loop_
_pdbx_audit_revision_item.ordinal 
_pdbx_audit_revision_item.revision_ordinal 
_pdbx_audit_revision_item.data_content_type 
_pdbx_audit_revision_item.item 
1 3 'Structure model' '_database_2.pdbx_DOI'                
2 3 'Structure model' '_database_2.pdbx_database_accession' 
# 
_pdbx_database_status.status_code                     REL 
_pdbx_database_status.status_code_sf                  REL 
_pdbx_database_status.status_code_mr                  ? 
_pdbx_database_status.entry_id                        5NGZ 
_pdbx_database_status.recvd_initial_deposition_date   2017-03-21 
_pdbx_database_status.SG_entry                        N 
_pdbx_database_status.deposit_site                    PDBE 
_pdbx_database_status.process_site                    PDBE 
_pdbx_database_status.status_code_cs                  ? 
_pdbx_database_status.methods_development_category    ? 
_pdbx_database_status.pdb_format_compatible           Y 
_pdbx_database_status.status_code_nmr_data            ? 
# 
loop_
_audit_author.name 
_audit_author.pdbx_ordinal 
_audit_author.identifier_ORCID 
'Morreale, F.E.' 1 0000-0001-9416-0459 
'Bortoluzzi, A.' 2 ?                   
'Chaugule, V.K.' 3 0000-0001-7814-5865 
'Arkinson, C.'   4 ?                   
'Walden, H.'     5 0000-0002-4289-4810 
'Ciulli, A.'     6 0000-0002-8654-1670 
# 
_citation.abstract                  ? 
_citation.abstract_id_CAS           ? 
_citation.book_id_ISBN              ? 
_citation.book_publisher            ? 
_citation.book_publisher_city       ? 
_citation.book_title                ? 
_citation.coordinate_linkage        ? 
_citation.country                   US 
_citation.database_id_Medline       ? 
_citation.details                   ? 
_citation.id                        primary 
_citation.journal_abbrev            'J. Med. Chem.' 
_citation.journal_id_ASTM           JMCMAR 
_citation.journal_id_CSD            0151 
_citation.journal_id_ISSN           1520-4804 
_citation.journal_full              ? 
_citation.journal_issue             ? 
_citation.journal_volume            60 
_citation.language                  ? 
_citation.page_first                4093 
_citation.page_last                 4098 
_citation.title                     
'Allosteric Targeting of the Fanconi Anemia Ubiquitin-Conjugating Enzyme Ube2T by Fragment Screening.' 
_citation.year                      2017 
_citation.database_id_CSD           ? 
_citation.pdbx_database_id_DOI      10.1021/acs.jmedchem.7b00147 
_citation.pdbx_database_id_PubMed   28437106 
_citation.unpublished_flag          ? 
# 
loop_
_citation_author.citation_id 
_citation_author.name 
_citation_author.ordinal 
_citation_author.identifier_ORCID 
primary 'Morreale, F.E.' 1 ? 
primary 'Bortoluzzi, A.' 2 ? 
primary 'Chaugule, V.K.' 3 ? 
primary 'Arkinson, C.'   4 ? 
primary 'Walden, H.'     5 ? 
primary 'Ciulli, A.'     6 ? 
# 
loop_
_entity.id 
_entity.type 
_entity.src_method 
_entity.pdbx_description 
_entity.formula_weight 
_entity.pdbx_number_of_molecules 
_entity.pdbx_ec 
_entity.pdbx_mutation 
_entity.pdbx_fragment 
_entity.details 
1 polymer     man 'Ubiquitin-conjugating enzyme E2 T'    22553.873 1  2.3.2.23 ? ? ? 
2 non-polymer syn '1-(1,3-benzothiazol-2-yl)methanamine' 164.228   1  ?        ? ? ? 
3 water       nat water                                  18.015    48 ?        ? ? ? 
# 
_entity_name_com.entity_id   1 
_entity_name_com.name        
;Cell proliferation-inducing gene 50 protein,E2 ubiquitin-conjugating enzyme T,Ubiquitin carrier protein T,Ubiquitin-protein ligase T
;
# 
_entity_poly.entity_id                      1 
_entity_poly.type                           'polypeptide(L)' 
_entity_poly.nstd_linkage                   no 
_entity_poly.nstd_monomer                   no 
_entity_poly.pdbx_seq_one_letter_code       
;MQRASRLKRELHMLATEPPPGITCWQDKDQMDDLRAQILGGANTPYEKGVFKLEVIIPERYPFEPPQIRFLTPIYHPNID
SAGRICLDVLKLPPKGAWRPSLNIATVLTSIQLLMSEPNPDDPLMADISSEFKYNKPAFLKNARQWTEKHARQKQKADEE
EMLDNLPEAGDSRVHNSTQKRKASQLVGIEKKFHPDV
;
_entity_poly.pdbx_seq_one_letter_code_can   
;MQRASRLKRELHMLATEPPPGITCWQDKDQMDDLRAQILGGANTPYEKGVFKLEVIIPERYPFEPPQIRFLTPIYHPNID
SAGRICLDVLKLPPKGAWRPSLNIATVLTSIQLLMSEPNPDDPLMADISSEFKYNKPAFLKNARQWTEKHARQKQKADEE
EMLDNLPEAGDSRVHNSTQKRKASQLVGIEKKFHPDV
;
_entity_poly.pdbx_strand_id                 A 
_entity_poly.pdbx_target_identifier         ? 
# 
loop_
_pdbx_entity_nonpoly.entity_id 
_pdbx_entity_nonpoly.name 
_pdbx_entity_nonpoly.comp_id 
2 '1-(1,3-benzothiazol-2-yl)methanamine' 2BG 
3 water                                  HOH 
# 
loop_
_entity_poly_seq.entity_id 
_entity_poly_seq.num 
_entity_poly_seq.mon_id 
_entity_poly_seq.hetero 
1 1   MET n 
1 2   GLN n 
1 3   ARG n 
1 4   ALA n 
1 5   SER n 
1 6   ARG n 
1 7   LEU n 
1 8   LYS n 
1 9   ARG n 
1 10  GLU n 
1 11  LEU n 
1 12  HIS n 
1 13  MET n 
1 14  LEU n 
1 15  ALA n 
1 16  THR n 
1 17  GLU n 
1 18  PRO n 
1 19  PRO n 
1 20  PRO n 
1 21  GLY n 
1 22  ILE n 
1 23  THR n 
1 24  CYS n 
1 25  TRP n 
1 26  GLN n 
1 27  ASP n 
1 28  LYS n 
1 29  ASP n 
1 30  GLN n 
1 31  MET n 
1 32  ASP n 
1 33  ASP n 
1 34  LEU n 
1 35  ARG n 
1 36  ALA n 
1 37  GLN n 
1 38  ILE n 
1 39  LEU n 
1 40  GLY n 
1 41  GLY n 
1 42  ALA n 
1 43  ASN n 
1 44  THR n 
1 45  PRO n 
1 46  TYR n 
1 47  GLU n 
1 48  LYS n 
1 49  GLY n 
1 50  VAL n 
1 51  PHE n 
1 52  LYS n 
1 53  LEU n 
1 54  GLU n 
1 55  VAL n 
1 56  ILE n 
1 57  ILE n 
1 58  PRO n 
1 59  GLU n 
1 60  ARG n 
1 61  TYR n 
1 62  PRO n 
1 63  PHE n 
1 64  GLU n 
1 65  PRO n 
1 66  PRO n 
1 67  GLN n 
1 68  ILE n 
1 69  ARG n 
1 70  PHE n 
1 71  LEU n 
1 72  THR n 
1 73  PRO n 
1 74  ILE n 
1 75  TYR n 
1 76  HIS n 
1 77  PRO n 
1 78  ASN n 
1 79  ILE n 
1 80  ASP n 
1 81  SER n 
1 82  ALA n 
1 83  GLY n 
1 84  ARG n 
1 85  ILE n 
1 86  CYS n 
1 87  LEU n 
1 88  ASP n 
1 89  VAL n 
1 90  LEU n 
1 91  LYS n 
1 92  LEU n 
1 93  PRO n 
1 94  PRO n 
1 95  LYS n 
1 96  GLY n 
1 97  ALA n 
1 98  TRP n 
1 99  ARG n 
1 100 PRO n 
1 101 SER n 
1 102 LEU n 
1 103 ASN n 
1 104 ILE n 
1 105 ALA n 
1 106 THR n 
1 107 VAL n 
1 108 LEU n 
1 109 THR n 
1 110 SER n 
1 111 ILE n 
1 112 GLN n 
1 113 LEU n 
1 114 LEU n 
1 115 MET n 
1 116 SER n 
1 117 GLU n 
1 118 PRO n 
1 119 ASN n 
1 120 PRO n 
1 121 ASP n 
1 122 ASP n 
1 123 PRO n 
1 124 LEU n 
1 125 MET n 
1 126 ALA n 
1 127 ASP n 
1 128 ILE n 
1 129 SER n 
1 130 SER n 
1 131 GLU n 
1 132 PHE n 
1 133 LYS n 
1 134 TYR n 
1 135 ASN n 
1 136 LYS n 
1 137 PRO n 
1 138 ALA n 
1 139 PHE n 
1 140 LEU n 
1 141 LYS n 
1 142 ASN n 
1 143 ALA n 
1 144 ARG n 
1 145 GLN n 
1 146 TRP n 
1 147 THR n 
1 148 GLU n 
1 149 LYS n 
1 150 HIS n 
1 151 ALA n 
1 152 ARG n 
1 153 GLN n 
1 154 LYS n 
1 155 GLN n 
1 156 LYS n 
1 157 ALA n 
1 158 ASP n 
1 159 GLU n 
1 160 GLU n 
1 161 GLU n 
1 162 MET n 
1 163 LEU n 
1 164 ASP n 
1 165 ASN n 
1 166 LEU n 
1 167 PRO n 
1 168 GLU n 
1 169 ALA n 
1 170 GLY n 
1 171 ASP n 
1 172 SER n 
1 173 ARG n 
1 174 VAL n 
1 175 HIS n 
1 176 ASN n 
1 177 SER n 
1 178 THR n 
1 179 GLN n 
1 180 LYS n 
1 181 ARG n 
1 182 LYS n 
1 183 ALA n 
1 184 SER n 
1 185 GLN n 
1 186 LEU n 
1 187 VAL n 
1 188 GLY n 
1 189 ILE n 
1 190 GLU n 
1 191 LYS n 
1 192 LYS n 
1 193 PHE n 
1 194 HIS n 
1 195 PRO n 
1 196 ASP n 
1 197 VAL n 
# 
_entity_src_gen.entity_id                          1 
_entity_src_gen.pdbx_src_id                        1 
_entity_src_gen.pdbx_alt_source_flag               sample 
_entity_src_gen.pdbx_seq_type                      'Biological sequence' 
_entity_src_gen.pdbx_beg_seq_num                   1 
_entity_src_gen.pdbx_end_seq_num                   197 
_entity_src_gen.gene_src_common_name               Human 
_entity_src_gen.gene_src_genus                     ? 
_entity_src_gen.pdbx_gene_src_gene                 'UBE2T, HSPC150, PIG50' 
_entity_src_gen.gene_src_species                   ? 
_entity_src_gen.gene_src_strain                    ? 
_entity_src_gen.gene_src_tissue                    ? 
_entity_src_gen.gene_src_tissue_fraction           ? 
_entity_src_gen.gene_src_details                   ? 
_entity_src_gen.pdbx_gene_src_fragment             ? 
_entity_src_gen.pdbx_gene_src_scientific_name      'Homo sapiens' 
_entity_src_gen.pdbx_gene_src_ncbi_taxonomy_id     9606 
_entity_src_gen.pdbx_gene_src_variant              ? 
_entity_src_gen.pdbx_gene_src_cell_line            ? 
_entity_src_gen.pdbx_gene_src_atcc                 ? 
_entity_src_gen.pdbx_gene_src_organ                ? 
_entity_src_gen.pdbx_gene_src_organelle            ? 
_entity_src_gen.pdbx_gene_src_cell                 ? 
_entity_src_gen.pdbx_gene_src_cellular_location    ? 
_entity_src_gen.host_org_common_name               ? 
_entity_src_gen.pdbx_host_org_scientific_name      'Escherichia coli' 
_entity_src_gen.pdbx_host_org_ncbi_taxonomy_id     562 
_entity_src_gen.host_org_genus                     ? 
_entity_src_gen.pdbx_host_org_gene                 ? 
_entity_src_gen.pdbx_host_org_organ                ? 
_entity_src_gen.host_org_species                   ? 
_entity_src_gen.pdbx_host_org_tissue               ? 
_entity_src_gen.pdbx_host_org_tissue_fraction      ? 
_entity_src_gen.pdbx_host_org_strain               ? 
_entity_src_gen.pdbx_host_org_variant              ? 
_entity_src_gen.pdbx_host_org_cell_line            ? 
_entity_src_gen.pdbx_host_org_atcc                 ? 
_entity_src_gen.pdbx_host_org_culture_collection   ? 
_entity_src_gen.pdbx_host_org_cell                 ? 
_entity_src_gen.pdbx_host_org_organelle            ? 
_entity_src_gen.pdbx_host_org_cellular_location    ? 
_entity_src_gen.pdbx_host_org_vector_type          ? 
_entity_src_gen.pdbx_host_org_vector               ? 
_entity_src_gen.host_org_details                   ? 
_entity_src_gen.expression_system_id               ? 
_entity_src_gen.plasmid_name                       ? 
_entity_src_gen.plasmid_details                    ? 
_entity_src_gen.pdbx_description                   ? 
# 
loop_
_chem_comp.id 
_chem_comp.type 
_chem_comp.mon_nstd_flag 
_chem_comp.name 
_chem_comp.pdbx_synonyms 
_chem_comp.formula 
_chem_comp.formula_weight 
2BG non-polymer         . '1-(1,3-benzothiazol-2-yl)methanamine' ? 'C8 H8 N2 S'     164.228 
ALA 'L-peptide linking' y ALANINE                                ? 'C3 H7 N O2'     89.093  
ARG 'L-peptide linking' y ARGININE                               ? 'C6 H15 N4 O2 1' 175.209 
ASN 'L-peptide linking' y ASPARAGINE                             ? 'C4 H8 N2 O3'    132.118 
ASP 'L-peptide linking' y 'ASPARTIC ACID'                        ? 'C4 H7 N O4'     133.103 
CYS 'L-peptide linking' y CYSTEINE                               ? 'C3 H7 N O2 S'   121.158 
GLN 'L-peptide linking' y GLUTAMINE                              ? 'C5 H10 N2 O3'   146.144 
GLU 'L-peptide linking' y 'GLUTAMIC ACID'                        ? 'C5 H9 N O4'     147.129 
GLY 'peptide linking'   y GLYCINE                                ? 'C2 H5 N O2'     75.067  
HIS 'L-peptide linking' y HISTIDINE                              ? 'C6 H10 N3 O2 1' 156.162 
HOH non-polymer         . WATER                                  ? 'H2 O'           18.015  
ILE 'L-peptide linking' y ISOLEUCINE                             ? 'C6 H13 N O2'    131.173 
LEU 'L-peptide linking' y LEUCINE                                ? 'C6 H13 N O2'    131.173 
LYS 'L-peptide linking' y LYSINE                                 ? 'C6 H15 N2 O2 1' 147.195 
MET 'L-peptide linking' y METHIONINE                             ? 'C5 H11 N O2 S'  149.211 
PHE 'L-peptide linking' y PHENYLALANINE                          ? 'C9 H11 N O2'    165.189 
PRO 'L-peptide linking' y PROLINE                                ? 'C5 H9 N O2'     115.130 
SER 'L-peptide linking' y SERINE                                 ? 'C3 H7 N O3'     105.093 
THR 'L-peptide linking' y THREONINE                              ? 'C4 H9 N O3'     119.119 
TRP 'L-peptide linking' y TRYPTOPHAN                             ? 'C11 H12 N2 O2'  204.225 
TYR 'L-peptide linking' y TYROSINE                               ? 'C9 H11 N O3'    181.189 
VAL 'L-peptide linking' y VALINE                                 ? 'C5 H11 N O2'    117.146 
# 
loop_
_pdbx_poly_seq_scheme.asym_id 
_pdbx_poly_seq_scheme.entity_id 
_pdbx_poly_seq_scheme.seq_id 
_pdbx_poly_seq_scheme.mon_id 
_pdbx_poly_seq_scheme.ndb_seq_num 
_pdbx_poly_seq_scheme.pdb_seq_num 
_pdbx_poly_seq_scheme.auth_seq_num 
_pdbx_poly_seq_scheme.pdb_mon_id 
_pdbx_poly_seq_scheme.auth_mon_id 
_pdbx_poly_seq_scheme.pdb_strand_id 
_pdbx_poly_seq_scheme.pdb_ins_code 
_pdbx_poly_seq_scheme.hetero 
A 1 1   MET 1   1   ?   ?   ?   A . n 
A 1 2   GLN 2   2   2   GLN GLN A . n 
A 1 3   ARG 3   3   3   ARG ARG A . n 
A 1 4   ALA 4   4   4   ALA ALA A . n 
A 1 5   SER 5   5   5   SER SER A . n 
A 1 6   ARG 6   6   6   ARG ARG A . n 
A 1 7   LEU 7   7   7   LEU LEU A . n 
A 1 8   LYS 8   8   8   LYS LYS A . n 
A 1 9   ARG 9   9   9   ARG ARG A . n 
A 1 10  GLU 10  10  10  GLU GLU A . n 
A 1 11  LEU 11  11  11  LEU LEU A . n 
A 1 12  HIS 12  12  12  HIS HIS A . n 
A 1 13  MET 13  13  13  MET MET A . n 
A 1 14  LEU 14  14  14  LEU LEU A . n 
A 1 15  ALA 15  15  15  ALA ALA A . n 
A 1 16  THR 16  16  16  THR THR A . n 
A 1 17  GLU 17  17  17  GLU GLU A . n 
A 1 18  PRO 18  18  18  PRO PRO A . n 
A 1 19  PRO 19  19  19  PRO PRO A . n 
A 1 20  PRO 20  20  20  PRO PRO A . n 
A 1 21  GLY 21  21  21  GLY GLY A . n 
A 1 22  ILE 22  22  22  ILE ILE A . n 
A 1 23  THR 23  23  23  THR THR A . n 
A 1 24  CYS 24  24  24  CYS CYS A . n 
A 1 25  TRP 25  25  25  TRP TRP A . n 
A 1 26  GLN 26  26  26  GLN GLN A . n 
A 1 27  ASP 27  27  27  ASP ASP A . n 
A 1 28  LYS 28  28  28  LYS LYS A . n 
A 1 29  ASP 29  29  29  ASP ASP A . n 
A 1 30  GLN 30  30  30  GLN GLN A . n 
A 1 31  MET 31  31  31  MET MET A . n 
A 1 32  ASP 32  32  32  ASP ASP A . n 
A 1 33  ASP 33  33  33  ASP ASP A . n 
A 1 34  LEU 34  34  34  LEU LEU A . n 
A 1 35  ARG 35  35  35  ARG ARG A . n 
A 1 36  ALA 36  36  36  ALA ALA A . n 
A 1 37  GLN 37  37  37  GLN GLN A . n 
A 1 38  ILE 38  38  38  ILE ILE A . n 
A 1 39  LEU 39  39  39  LEU LEU A . n 
A 1 40  GLY 40  40  40  GLY GLY A . n 
A 1 41  GLY 41  41  41  GLY GLY A . n 
A 1 42  ALA 42  42  42  ALA ALA A . n 
A 1 43  ASN 43  43  43  ASN ASN A . n 
A 1 44  THR 44  44  44  THR THR A . n 
A 1 45  PRO 45  45  45  PRO PRO A . n 
A 1 46  TYR 46  46  46  TYR TYR A . n 
A 1 47  GLU 47  47  47  GLU GLU A . n 
A 1 48  LYS 48  48  48  LYS LYS A . n 
A 1 49  GLY 49  49  49  GLY GLY A . n 
A 1 50  VAL 50  50  50  VAL VAL A . n 
A 1 51  PHE 51  51  51  PHE PHE A . n 
A 1 52  LYS 52  52  52  LYS LYS A . n 
A 1 53  LEU 53  53  53  LEU LEU A . n 
A 1 54  GLU 54  54  54  GLU GLU A . n 
A 1 55  VAL 55  55  55  VAL VAL A . n 
A 1 56  ILE 56  56  56  ILE ILE A . n 
A 1 57  ILE 57  57  57  ILE ILE A . n 
A 1 58  PRO 58  58  58  PRO PRO A . n 
A 1 59  GLU 59  59  59  GLU GLU A . n 
A 1 60  ARG 60  60  60  ARG ARG A . n 
A 1 61  TYR 61  61  61  TYR TYR A . n 
A 1 62  PRO 62  62  62  PRO PRO A . n 
A 1 63  PHE 63  63  63  PHE PHE A . n 
A 1 64  GLU 64  64  64  GLU GLU A . n 
A 1 65  PRO 65  65  65  PRO PRO A . n 
A 1 66  PRO 66  66  66  PRO PRO A . n 
A 1 67  GLN 67  67  67  GLN GLN A . n 
A 1 68  ILE 68  68  68  ILE ILE A . n 
A 1 69  ARG 69  69  69  ARG ARG A . n 
A 1 70  PHE 70  70  70  PHE PHE A . n 
A 1 71  LEU 71  71  71  LEU LEU A . n 
A 1 72  THR 72  72  72  THR THR A . n 
A 1 73  PRO 73  73  73  PRO PRO A . n 
A 1 74  ILE 74  74  74  ILE ILE A . n 
A 1 75  TYR 75  75  75  TYR TYR A . n 
A 1 76  HIS 76  76  76  HIS HIS A . n 
A 1 77  PRO 77  77  77  PRO PRO A . n 
A 1 78  ASN 78  78  78  ASN ASN A . n 
A 1 79  ILE 79  79  79  ILE ILE A . n 
A 1 80  ASP 80  80  80  ASP ASP A . n 
A 1 81  SER 81  81  81  SER SER A . n 
A 1 82  ALA 82  82  82  ALA ALA A . n 
A 1 83  GLY 83  83  83  GLY GLY A . n 
A 1 84  ARG 84  84  84  ARG ARG A . n 
A 1 85  ILE 85  85  85  ILE ILE A . n 
A 1 86  CYS 86  86  86  CYS CYS A . n 
A 1 87  LEU 87  87  87  LEU LEU A . n 
A 1 88  ASP 88  88  88  ASP ASP A . n 
A 1 89  VAL 89  89  89  VAL VAL A . n 
A 1 90  LEU 90  90  90  LEU LEU A . n 
A 1 91  LYS 91  91  91  LYS LYS A . n 
A 1 92  LEU 92  92  92  LEU LEU A . n 
A 1 93  PRO 93  93  93  PRO PRO A . n 
A 1 94  PRO 94  94  94  PRO PRO A . n 
A 1 95  LYS 95  95  95  LYS LYS A . n 
A 1 96  GLY 96  96  96  GLY GLY A . n 
A 1 97  ALA 97  97  97  ALA ALA A . n 
A 1 98  TRP 98  98  98  TRP TRP A . n 
A 1 99  ARG 99  99  99  ARG ARG A . n 
A 1 100 PRO 100 100 100 PRO PRO A . n 
A 1 101 SER 101 101 101 SER SER A . n 
A 1 102 LEU 102 102 102 LEU LEU A . n 
A 1 103 ASN 103 103 103 ASN ASN A . n 
A 1 104 ILE 104 104 104 ILE ILE A . n 
A 1 105 ALA 105 105 105 ALA ALA A . n 
A 1 106 THR 106 106 106 THR THR A . n 
A 1 107 VAL 107 107 107 VAL VAL A . n 
A 1 108 LEU 108 108 108 LEU LEU A . n 
A 1 109 THR 109 109 109 THR THR A . n 
A 1 110 SER 110 110 110 SER SER A . n 
A 1 111 ILE 111 111 111 ILE ILE A . n 
A 1 112 GLN 112 112 112 GLN GLN A . n 
A 1 113 LEU 113 113 113 LEU LEU A . n 
A 1 114 LEU 114 114 114 LEU LEU A . n 
A 1 115 MET 115 115 115 MET MET A . n 
A 1 116 SER 116 116 116 SER SER A . n 
A 1 117 GLU 117 117 117 GLU GLU A . n 
A 1 118 PRO 118 118 118 PRO PRO A . n 
A 1 119 ASN 119 119 119 ASN ASN A . n 
A 1 120 PRO 120 120 120 PRO PRO A . n 
A 1 121 ASP 121 121 121 ASP ASP A . n 
A 1 122 ASP 122 122 122 ASP ASP A . n 
A 1 123 PRO 123 123 123 PRO PRO A . n 
A 1 124 LEU 124 124 124 LEU LEU A . n 
A 1 125 MET 125 125 125 MET MET A . n 
A 1 126 ALA 126 126 126 ALA ALA A . n 
A 1 127 ASP 127 127 127 ASP ASP A . n 
A 1 128 ILE 128 128 128 ILE ILE A . n 
A 1 129 SER 129 129 129 SER SER A . n 
A 1 130 SER 130 130 130 SER SER A . n 
A 1 131 GLU 131 131 131 GLU GLU A . n 
A 1 132 PHE 132 132 132 PHE PHE A . n 
A 1 133 LYS 133 133 133 LYS LYS A . n 
A 1 134 TYR 134 134 134 TYR TYR A . n 
A 1 135 ASN 135 135 135 ASN ASN A . n 
A 1 136 LYS 136 136 136 LYS LYS A . n 
A 1 137 PRO 137 137 137 PRO PRO A . n 
A 1 138 ALA 138 138 138 ALA ALA A . n 
A 1 139 PHE 139 139 139 PHE PHE A . n 
A 1 140 LEU 140 140 140 LEU LEU A . n 
A 1 141 LYS 141 141 141 LYS LYS A . n 
A 1 142 ASN 142 142 142 ASN ASN A . n 
A 1 143 ALA 143 143 143 ALA ALA A . n 
A 1 144 ARG 144 144 144 ARG ARG A . n 
A 1 145 GLN 145 145 145 GLN GLN A . n 
A 1 146 TRP 146 146 146 TRP TRP A . n 
A 1 147 THR 147 147 147 THR THR A . n 
A 1 148 GLU 148 148 148 GLU GLU A . n 
A 1 149 LYS 149 149 149 LYS LYS A . n 
A 1 150 HIS 150 150 150 HIS HIS A . n 
A 1 151 ALA 151 151 151 ALA ALA A . n 
A 1 152 ARG 152 152 152 ARG ARG A . n 
A 1 153 GLN 153 153 153 GLN GLN A . n 
A 1 154 LYS 154 154 ?   ?   ?   A . n 
A 1 155 GLN 155 155 ?   ?   ?   A . n 
A 1 156 LYS 156 156 ?   ?   ?   A . n 
A 1 157 ALA 157 157 ?   ?   ?   A . n 
A 1 158 ASP 158 158 ?   ?   ?   A . n 
A 1 159 GLU 159 159 ?   ?   ?   A . n 
A 1 160 GLU 160 160 ?   ?   ?   A . n 
A 1 161 GLU 161 161 ?   ?   ?   A . n 
A 1 162 MET 162 162 ?   ?   ?   A . n 
A 1 163 LEU 163 163 ?   ?   ?   A . n 
A 1 164 ASP 164 164 ?   ?   ?   A . n 
A 1 165 ASN 165 165 ?   ?   ?   A . n 
A 1 166 LEU 166 166 ?   ?   ?   A . n 
A 1 167 PRO 167 167 ?   ?   ?   A . n 
A 1 168 GLU 168 168 ?   ?   ?   A . n 
A 1 169 ALA 169 169 ?   ?   ?   A . n 
A 1 170 GLY 170 170 ?   ?   ?   A . n 
A 1 171 ASP 171 171 ?   ?   ?   A . n 
A 1 172 SER 172 172 ?   ?   ?   A . n 
A 1 173 ARG 173 173 ?   ?   ?   A . n 
A 1 174 VAL 174 174 ?   ?   ?   A . n 
A 1 175 HIS 175 175 ?   ?   ?   A . n 
A 1 176 ASN 176 176 ?   ?   ?   A . n 
A 1 177 SER 177 177 ?   ?   ?   A . n 
A 1 178 THR 178 178 ?   ?   ?   A . n 
A 1 179 GLN 179 179 ?   ?   ?   A . n 
A 1 180 LYS 180 180 ?   ?   ?   A . n 
A 1 181 ARG 181 181 ?   ?   ?   A . n 
A 1 182 LYS 182 182 ?   ?   ?   A . n 
A 1 183 ALA 183 183 ?   ?   ?   A . n 
A 1 184 SER 184 184 ?   ?   ?   A . n 
A 1 185 GLN 185 185 ?   ?   ?   A . n 
A 1 186 LEU 186 186 ?   ?   ?   A . n 
A 1 187 VAL 187 187 ?   ?   ?   A . n 
A 1 188 GLY 188 188 ?   ?   ?   A . n 
A 1 189 ILE 189 189 ?   ?   ?   A . n 
A 1 190 GLU 190 190 ?   ?   ?   A . n 
A 1 191 LYS 191 191 ?   ?   ?   A . n 
A 1 192 LYS 192 192 ?   ?   ?   A . n 
A 1 193 PHE 193 193 ?   ?   ?   A . n 
A 1 194 HIS 194 194 ?   ?   ?   A . n 
A 1 195 PRO 195 195 ?   ?   ?   A . n 
A 1 196 ASP 196 196 ?   ?   ?   A . n 
A 1 197 VAL 197 197 ?   ?   ?   A . n 
# 
loop_
_pdbx_nonpoly_scheme.asym_id 
_pdbx_nonpoly_scheme.entity_id 
_pdbx_nonpoly_scheme.mon_id 
_pdbx_nonpoly_scheme.ndb_seq_num 
_pdbx_nonpoly_scheme.pdb_seq_num 
_pdbx_nonpoly_scheme.auth_seq_num 
_pdbx_nonpoly_scheme.pdb_mon_id 
_pdbx_nonpoly_scheme.auth_mon_id 
_pdbx_nonpoly_scheme.pdb_strand_id 
_pdbx_nonpoly_scheme.pdb_ins_code 
B 2 2BG 1  201 218 2BG EM4 A . 
C 3 HOH 1  301 173 HOH HOH A . 
C 3 HOH 2  302 178 HOH HOH A . 
C 3 HOH 3  303 170 HOH HOH A . 
C 3 HOH 4  304 207 HOH HOH A . 
C 3 HOH 5  305 183 HOH HOH A . 
C 3 HOH 6  306 217 HOH HOH A . 
C 3 HOH 7  307 175 HOH HOH A . 
C 3 HOH 8  308 213 HOH HOH A . 
C 3 HOH 9  309 195 HOH HOH A . 
C 3 HOH 10 310 190 HOH HOH A . 
C 3 HOH 11 311 189 HOH HOH A . 
C 3 HOH 12 312 180 HOH HOH A . 
C 3 HOH 13 313 187 HOH HOH A . 
C 3 HOH 14 314 191 HOH HOH A . 
C 3 HOH 15 315 200 HOH HOH A . 
C 3 HOH 16 316 186 HOH HOH A . 
C 3 HOH 17 317 209 HOH HOH A . 
C 3 HOH 18 318 181 HOH HOH A . 
C 3 HOH 19 319 188 HOH HOH A . 
C 3 HOH 20 320 179 HOH HOH A . 
C 3 HOH 21 321 193 HOH HOH A . 
C 3 HOH 22 322 174 HOH HOH A . 
C 3 HOH 23 323 196 HOH HOH A . 
C 3 HOH 24 324 177 HOH HOH A . 
C 3 HOH 25 325 201 HOH HOH A . 
C 3 HOH 26 326 185 HOH HOH A . 
C 3 HOH 27 327 204 HOH HOH A . 
C 3 HOH 28 328 203 HOH HOH A . 
C 3 HOH 29 329 176 HOH HOH A . 
C 3 HOH 30 330 171 HOH HOH A . 
C 3 HOH 31 331 182 HOH HOH A . 
C 3 HOH 32 332 199 HOH HOH A . 
C 3 HOH 33 333 208 HOH HOH A . 
C 3 HOH 34 334 197 HOH HOH A . 
C 3 HOH 35 335 210 HOH HOH A . 
C 3 HOH 36 336 184 HOH HOH A . 
C 3 HOH 37 337 192 HOH HOH A . 
C 3 HOH 38 338 172 HOH HOH A . 
C 3 HOH 39 339 215 HOH HOH A . 
C 3 HOH 40 340 202 HOH HOH A . 
C 3 HOH 41 341 212 HOH HOH A . 
C 3 HOH 42 342 198 HOH HOH A . 
C 3 HOH 43 343 206 HOH HOH A . 
C 3 HOH 44 344 194 HOH HOH A . 
C 3 HOH 45 345 216 HOH HOH A . 
C 3 HOH 46 346 205 HOH HOH A . 
C 3 HOH 47 347 214 HOH HOH A . 
C 3 HOH 48 348 211 HOH HOH A . 
# 
loop_
_pdbx_unobs_or_zero_occ_atoms.id 
_pdbx_unobs_or_zero_occ_atoms.PDB_model_num 
_pdbx_unobs_or_zero_occ_atoms.polymer_flag 
_pdbx_unobs_or_zero_occ_atoms.occupancy_flag 
_pdbx_unobs_or_zero_occ_atoms.auth_asym_id 
_pdbx_unobs_or_zero_occ_atoms.auth_comp_id 
_pdbx_unobs_or_zero_occ_atoms.auth_seq_id 
_pdbx_unobs_or_zero_occ_atoms.PDB_ins_code 
_pdbx_unobs_or_zero_occ_atoms.auth_atom_id 
_pdbx_unobs_or_zero_occ_atoms.label_alt_id 
_pdbx_unobs_or_zero_occ_atoms.label_asym_id 
_pdbx_unobs_or_zero_occ_atoms.label_comp_id 
_pdbx_unobs_or_zero_occ_atoms.label_seq_id 
_pdbx_unobs_or_zero_occ_atoms.label_atom_id 
1 1 Y 1 A LYS 48  ? CG  ? A LYS 48  CG  
2 1 Y 1 A LYS 48  ? CD  ? A LYS 48  CD  
3 1 Y 1 A LYS 48  ? CE  ? A LYS 48  CE  
4 1 Y 1 A LYS 48  ? NZ  ? A LYS 48  NZ  
5 1 Y 1 A GLN 153 ? CG  ? A GLN 153 CG  
6 1 Y 1 A GLN 153 ? CD  ? A GLN 153 CD  
7 1 Y 1 A GLN 153 ? OE1 ? A GLN 153 OE1 
8 1 Y 1 A GLN 153 ? NE2 ? A GLN 153 NE2 
# 
loop_
_software.citation_id 
_software.classification 
_software.compiler_name 
_software.compiler_version 
_software.contact_author 
_software.contact_author_email 
_software.date 
_software.description 
_software.dependencies 
_software.hardware 
_software.language 
_software.location 
_software.mods 
_software.name 
_software.os 
_software.os_version 
_software.type 
_software.version 
_software.pdbx_ordinal 
? refinement       ? ? ? ? ? ? ? ? ? ? ? REFMAC  ? ? ? 5.8.0103 1 
? 'data reduction' ? ? ? ? ? ? ? ? ? ? ? XDS     ? ? ? .        2 
? 'data scaling'   ? ? ? ? ? ? ? ? ? ? ? Aimless ? ? ? .        3 
? phasing          ? ? ? ? ? ? ? ? ? ? ? REFMAC  ? ? ? .        4 
# 
_cell.angle_alpha                  90.00 
_cell.angle_alpha_esd              ? 
_cell.angle_beta                   90.00 
_cell.angle_beta_esd               ? 
_cell.angle_gamma                  90.00 
_cell.angle_gamma_esd              ? 
_cell.entry_id                     5NGZ 
_cell.details                      ? 
_cell.formula_units_Z              ? 
_cell.length_a                     55.817 
_cell.length_a_esd                 ? 
_cell.length_b                     55.817 
_cell.length_b_esd                 ? 
_cell.length_c                     185.278 
_cell.length_c_esd                 ? 
_cell.volume                       ? 
_cell.volume_esd                   ? 
_cell.Z_PDB                        8 
_cell.reciprocal_angle_alpha       ? 
_cell.reciprocal_angle_beta        ? 
_cell.reciprocal_angle_gamma       ? 
_cell.reciprocal_angle_alpha_esd   ? 
_cell.reciprocal_angle_beta_esd    ? 
_cell.reciprocal_angle_gamma_esd   ? 
_cell.reciprocal_length_a          ? 
_cell.reciprocal_length_b          ? 
_cell.reciprocal_length_c          ? 
_cell.reciprocal_length_a_esd      ? 
_cell.reciprocal_length_b_esd      ? 
_cell.reciprocal_length_c_esd      ? 
_cell.pdbx_unique_axis             ? 
# 
_symmetry.entry_id                         5NGZ 
_symmetry.cell_setting                     ? 
_symmetry.Int_Tables_number                96 
_symmetry.space_group_name_Hall            ? 
_symmetry.space_group_name_H-M             'P 43 21 2' 
_symmetry.pdbx_full_space_group_name_H-M   ? 
# 
_exptl.absorpt_coefficient_mu     ? 
_exptl.absorpt_correction_T_max   ? 
_exptl.absorpt_correction_T_min   ? 
_exptl.absorpt_correction_type    ? 
_exptl.absorpt_process_details    ? 
_exptl.entry_id                   5NGZ 
_exptl.crystals_number            1 
_exptl.details                    ? 
_exptl.method                     'X-RAY DIFFRACTION' 
_exptl.method_details             ? 
# 
_exptl_crystal.colour                      ? 
_exptl_crystal.density_diffrn              ? 
_exptl_crystal.density_Matthews            3.20 
_exptl_crystal.density_method              ? 
_exptl_crystal.density_percent_sol         61.55 
_exptl_crystal.description                 ? 
_exptl_crystal.F_000                       ? 
_exptl_crystal.id                          1 
_exptl_crystal.preparation                 ? 
_exptl_crystal.size_max                    ? 
_exptl_crystal.size_mid                    ? 
_exptl_crystal.size_min                    ? 
_exptl_crystal.size_rad                    ? 
_exptl_crystal.colour_lustre               ? 
_exptl_crystal.colour_modifier             ? 
_exptl_crystal.colour_primary              ? 
_exptl_crystal.density_meas                ? 
_exptl_crystal.density_meas_esd            ? 
_exptl_crystal.density_meas_gt             ? 
_exptl_crystal.density_meas_lt             ? 
_exptl_crystal.density_meas_temp           ? 
_exptl_crystal.density_meas_temp_esd       ? 
_exptl_crystal.density_meas_temp_gt        ? 
_exptl_crystal.density_meas_temp_lt        ? 
_exptl_crystal.pdbx_crystal_image_url      ? 
_exptl_crystal.pdbx_crystal_image_format   ? 
_exptl_crystal.pdbx_mosaicity              ? 
_exptl_crystal.pdbx_mosaicity_esd          ? 
# 
_exptl_crystal_grow.apparatus       ? 
_exptl_crystal_grow.atmosphere      ? 
_exptl_crystal_grow.crystal_id      1 
_exptl_crystal_grow.details         ? 
_exptl_crystal_grow.method          'VAPOR DIFFUSION, SITTING DROP' 
_exptl_crystal_grow.method_ref      ? 
_exptl_crystal_grow.pH              ? 
_exptl_crystal_grow.pressure        ? 
_exptl_crystal_grow.pressure_esd    ? 
_exptl_crystal_grow.seeding         ? 
_exptl_crystal_grow.seeding_ref     ? 
_exptl_crystal_grow.temp            293 
_exptl_crystal_grow.temp_details    ? 
_exptl_crystal_grow.temp_esd        ? 
_exptl_crystal_grow.time            ? 
_exptl_crystal_grow.pdbx_details    'potassium acetate, Tris-HCl pH 8.5' 
_exptl_crystal_grow.pdbx_pH_range   ? 
# 
_diffrn.ambient_environment    ? 
_diffrn.ambient_temp           100 
_diffrn.ambient_temp_details   ? 
_diffrn.ambient_temp_esd       ? 
_diffrn.crystal_id             1 
_diffrn.crystal_support        ? 
_diffrn.crystal_treatment      ? 
_diffrn.details                ? 
_diffrn.id                     1 
_diffrn.ambient_pressure       ? 
_diffrn.ambient_pressure_esd   ? 
_diffrn.ambient_pressure_gt    ? 
_diffrn.ambient_pressure_lt    ? 
_diffrn.ambient_temp_gt        ? 
_diffrn.ambient_temp_lt        ? 
# 
_diffrn_detector.details                      ? 
_diffrn_detector.detector                     PIXEL 
_diffrn_detector.diffrn_id                    1 
_diffrn_detector.type                         'DECTRIS PILATUS 6M-F' 
_diffrn_detector.area_resol_mean              ? 
_diffrn_detector.dtime                        ? 
_diffrn_detector.pdbx_frames_total            ? 
_diffrn_detector.pdbx_collection_time_total   ? 
_diffrn_detector.pdbx_collection_date         2016-08-01 
# 
_diffrn_radiation.collimation                      ? 
_diffrn_radiation.diffrn_id                        1 
_diffrn_radiation.filter_edge                      ? 
_diffrn_radiation.inhomogeneity                    ? 
_diffrn_radiation.monochromator                    ? 
_diffrn_radiation.polarisn_norm                    ? 
_diffrn_radiation.polarisn_ratio                   ? 
_diffrn_radiation.probe                            ? 
_diffrn_radiation.type                             ? 
_diffrn_radiation.xray_symbol                      ? 
_diffrn_radiation.wavelength_id                    1 
_diffrn_radiation.pdbx_monochromatic_or_laue_m_l   M 
_diffrn_radiation.pdbx_wavelength_list             ? 
_diffrn_radiation.pdbx_wavelength                  ? 
_diffrn_radiation.pdbx_diffrn_protocol             'SINGLE WAVELENGTH' 
_diffrn_radiation.pdbx_analyzer                    ? 
_diffrn_radiation.pdbx_scattering_type             x-ray 
# 
_diffrn_radiation_wavelength.id           1 
_diffrn_radiation_wavelength.wavelength   0.9282 
_diffrn_radiation_wavelength.wt           1.0 
# 
_diffrn_source.current                     ? 
_diffrn_source.details                     ? 
_diffrn_source.diffrn_id                   1 
_diffrn_source.power                       ? 
_diffrn_source.size                        ? 
_diffrn_source.source                      SYNCHROTRON 
_diffrn_source.target                      ? 
_diffrn_source.type                        'DIAMOND BEAMLINE I04-1' 
_diffrn_source.voltage                     ? 
_diffrn_source.take-off_angle              ? 
_diffrn_source.pdbx_wavelength_list        0.9282 
_diffrn_source.pdbx_wavelength             ? 
_diffrn_source.pdbx_synchrotron_beamline   I04-1 
_diffrn_source.pdbx_synchrotron_site       Diamond 
# 
_reflns.B_iso_Wilson_estimate            ? 
_reflns.entry_id                         5NGZ 
_reflns.data_reduction_details           ? 
_reflns.data_reduction_method            ? 
_reflns.d_resolution_high                2.40 
_reflns.d_resolution_low                 53.45 
_reflns.details                          ? 
_reflns.limit_h_max                      ? 
_reflns.limit_h_min                      ? 
_reflns.limit_k_max                      ? 
_reflns.limit_k_min                      ? 
_reflns.limit_l_max                      ? 
_reflns.limit_l_min                      ? 
_reflns.number_all                       ? 
_reflns.number_obs                       12037 
_reflns.observed_criterion               ? 
_reflns.observed_criterion_F_max         ? 
_reflns.observed_criterion_F_min         ? 
_reflns.observed_criterion_I_max         ? 
_reflns.observed_criterion_I_min         ? 
_reflns.observed_criterion_sigma_F       ? 
_reflns.observed_criterion_sigma_I       ? 
_reflns.percent_possible_obs             99.2 
_reflns.R_free_details                   ? 
_reflns.Rmerge_F_all                     ? 
_reflns.Rmerge_F_obs                     ? 
_reflns.Friedel_coverage                 ? 
_reflns.number_gt                        ? 
_reflns.threshold_expression             ? 
_reflns.pdbx_redundancy                  5.5 
_reflns.pdbx_Rmerge_I_obs                ? 
_reflns.pdbx_Rmerge_I_all                ? 
_reflns.pdbx_Rsym_value                  ? 
_reflns.pdbx_netI_over_av_sigmaI         ? 
_reflns.pdbx_netI_over_sigmaI            14.0 
_reflns.pdbx_res_netI_over_av_sigmaI_2   ? 
_reflns.pdbx_res_netI_over_sigmaI_2      ? 
_reflns.pdbx_chi_squared                 ? 
_reflns.pdbx_scaling_rejects             ? 
_reflns.pdbx_d_res_high_opt              ? 
_reflns.pdbx_d_res_low_opt               ? 
_reflns.pdbx_d_res_opt_method            ? 
_reflns.phase_calculation_details        ? 
_reflns.pdbx_Rrim_I_all                  ? 
_reflns.pdbx_Rpim_I_all                  ? 
_reflns.pdbx_d_opt                       ? 
_reflns.pdbx_number_measured_all         ? 
_reflns.pdbx_diffrn_id                   1 
_reflns.pdbx_ordinal                     1 
_reflns.pdbx_CC_half                     ? 
_reflns.pdbx_R_split                     ? 
# 
_reflns_shell.d_res_high                  . 
_reflns_shell.d_res_low                   ? 
_reflns_shell.meanI_over_sigI_all         ? 
_reflns_shell.meanI_over_sigI_obs         ? 
_reflns_shell.number_measured_all         ? 
_reflns_shell.number_measured_obs         ? 
_reflns_shell.number_possible             ? 
_reflns_shell.number_unique_all           ? 
_reflns_shell.number_unique_obs           ? 
_reflns_shell.percent_possible_all        ? 
_reflns_shell.percent_possible_obs        ? 
_reflns_shell.Rmerge_F_all                ? 
_reflns_shell.Rmerge_F_obs                ? 
_reflns_shell.Rmerge_I_all                ? 
_reflns_shell.Rmerge_I_obs                0.888 
_reflns_shell.meanI_over_sigI_gt          ? 
_reflns_shell.meanI_over_uI_all           ? 
_reflns_shell.meanI_over_uI_gt            ? 
_reflns_shell.number_measured_gt          ? 
_reflns_shell.number_unique_gt            ? 
_reflns_shell.percent_possible_gt         ? 
_reflns_shell.Rmerge_F_gt                 ? 
_reflns_shell.Rmerge_I_gt                 ? 
_reflns_shell.pdbx_redundancy             ? 
_reflns_shell.pdbx_Rsym_value             ? 
_reflns_shell.pdbx_chi_squared            ? 
_reflns_shell.pdbx_netI_over_sigmaI_all   ? 
_reflns_shell.pdbx_netI_over_sigmaI_obs   ? 
_reflns_shell.pdbx_Rrim_I_all             ? 
_reflns_shell.pdbx_Rpim_I_all             ? 
_reflns_shell.pdbx_rejects                ? 
_reflns_shell.pdbx_ordinal                1 
_reflns_shell.pdbx_diffrn_id              1 
_reflns_shell.pdbx_CC_half                ? 
_reflns_shell.pdbx_R_split                ? 
# 
_refine.aniso_B[1][1]                            3.34 
_refine.aniso_B[1][2]                            0.00 
_refine.aniso_B[1][3]                            0.00 
_refine.aniso_B[2][2]                            3.34 
_refine.aniso_B[2][3]                            0.00 
_refine.aniso_B[3][3]                            -6.68 
_refine.B_iso_max                                ? 
_refine.B_iso_mean                               64.201 
_refine.B_iso_min                                ? 
_refine.correlation_coeff_Fo_to_Fc               0.960 
_refine.correlation_coeff_Fo_to_Fc_free          0.943 
_refine.details                                  'HYDROGENS HAVE BEEN ADDED IN THE RIDING POSITIONS' 
_refine.diff_density_max                         ? 
_refine.diff_density_max_esd                     ? 
_refine.diff_density_min                         ? 
_refine.diff_density_min_esd                     ? 
_refine.diff_density_rms                         ? 
_refine.diff_density_rms_esd                     ? 
_refine.entry_id                                 5NGZ 
_refine.pdbx_refine_id                           'X-RAY DIFFRACTION' 
_refine.ls_abs_structure_details                 ? 
_refine.ls_abs_structure_Flack                   ? 
_refine.ls_abs_structure_Flack_esd               ? 
_refine.ls_abs_structure_Rogers                  ? 
_refine.ls_abs_structure_Rogers_esd              ? 
_refine.ls_d_res_high                            2.40 
_refine.ls_d_res_low                             53.44 
_refine.ls_extinction_coef                       ? 
_refine.ls_extinction_coef_esd                   ? 
_refine.ls_extinction_expression                 ? 
_refine.ls_extinction_method                     ? 
_refine.ls_goodness_of_fit_all                   ? 
_refine.ls_goodness_of_fit_all_esd               ? 
_refine.ls_goodness_of_fit_obs                   ? 
_refine.ls_goodness_of_fit_obs_esd               ? 
_refine.ls_hydrogen_treatment                    ? 
_refine.ls_matrix_type                           ? 
_refine.ls_number_constraints                    ? 
_refine.ls_number_parameters                     ? 
_refine.ls_number_reflns_all                     ? 
_refine.ls_number_reflns_obs                     11397 
_refine.ls_number_reflns_R_free                  629 
_refine.ls_number_reflns_R_work                  ? 
_refine.ls_number_restraints                     ? 
_refine.ls_percent_reflns_obs                    98.56 
_refine.ls_percent_reflns_R_free                 5.2 
_refine.ls_R_factor_all                          ? 
_refine.ls_R_factor_obs                          0.21192 
_refine.ls_R_factor_R_free                       0.24734 
_refine.ls_R_factor_R_free_error                 ? 
_refine.ls_R_factor_R_free_error_details         ? 
_refine.ls_R_factor_R_work                       0.20986 
_refine.ls_R_Fsqd_factor_obs                     ? 
_refine.ls_R_I_factor_obs                        ? 
_refine.ls_redundancy_reflns_all                 ? 
_refine.ls_redundancy_reflns_obs                 ? 
_refine.ls_restrained_S_all                      ? 
_refine.ls_restrained_S_obs                      ? 
_refine.ls_shift_over_esd_max                    ? 
_refine.ls_shift_over_esd_mean                   ? 
_refine.ls_structure_factor_coef                 ? 
_refine.ls_weighting_details                     ? 
_refine.ls_weighting_scheme                      ? 
_refine.ls_wR_factor_all                         ? 
_refine.ls_wR_factor_obs                         ? 
_refine.ls_wR_factor_R_free                      ? 
_refine.ls_wR_factor_R_work                      ? 
_refine.occupancy_max                            ? 
_refine.occupancy_min                            ? 
_refine.solvent_model_details                    ? 
_refine.solvent_model_param_bsol                 ? 
_refine.solvent_model_param_ksol                 ? 
_refine.ls_R_factor_gt                           ? 
_refine.ls_goodness_of_fit_gt                    ? 
_refine.ls_goodness_of_fit_ref                   ? 
_refine.ls_shift_over_su_max                     ? 
_refine.ls_shift_over_su_max_lt                  ? 
_refine.ls_shift_over_su_mean                    ? 
_refine.ls_shift_over_su_mean_lt                 ? 
_refine.pdbx_ls_sigma_I                          ? 
_refine.pdbx_ls_sigma_F                          ? 
_refine.pdbx_ls_sigma_Fsqd                       ? 
_refine.pdbx_data_cutoff_high_absF               ? 
_refine.pdbx_data_cutoff_high_rms_absF           ? 
_refine.pdbx_data_cutoff_low_absF                ? 
_refine.pdbx_isotropic_thermal_model             ? 
_refine.pdbx_ls_cross_valid_method               THROUGHOUT 
_refine.pdbx_method_to_determine_struct          'MOLECULAR REPLACEMENT' 
_refine.pdbx_starting_model                      1YH2 
_refine.pdbx_stereochemistry_target_values       ? 
_refine.pdbx_R_Free_selection_details            RANDOM 
_refine.pdbx_stereochem_target_val_spec_case     ? 
_refine.pdbx_overall_ESU_R                       0.232 
_refine.pdbx_overall_ESU_R_Free                  0.203 
_refine.pdbx_solvent_vdw_probe_radii             1.20 
_refine.pdbx_solvent_ion_probe_radii             0.80 
_refine.pdbx_solvent_shrinkage_radii             0.80 
_refine.pdbx_real_space_R                        ? 
_refine.pdbx_density_correlation                 ? 
_refine.pdbx_pd_number_of_powder_patterns        ? 
_refine.pdbx_pd_number_of_points                 ? 
_refine.pdbx_pd_meas_number_of_points            ? 
_refine.pdbx_pd_proc_ls_prof_R_factor            ? 
_refine.pdbx_pd_proc_ls_prof_wR_factor           ? 
_refine.pdbx_pd_Marquardt_correlation_coeff      ? 
_refine.pdbx_pd_Fsqrd_R_factor                   ? 
_refine.pdbx_pd_ls_matrix_band_width             ? 
_refine.pdbx_overall_phase_error                 ? 
_refine.pdbx_overall_SU_R_free_Cruickshank_DPI   ? 
_refine.pdbx_overall_SU_R_free_Blow_DPI          ? 
_refine.pdbx_overall_SU_R_Blow_DPI               ? 
_refine.pdbx_TLS_residual_ADP_flag               ? 
_refine.pdbx_diffrn_id                           1 
_refine.overall_SU_B                             8.186 
_refine.overall_SU_ML                            0.180 
_refine.overall_SU_R_Cruickshank_DPI             ? 
_refine.overall_SU_R_free                        ? 
_refine.overall_FOM_free_R_set                   ? 
_refine.overall_FOM_work_R_set                   ? 
_refine.pdbx_average_fsc_overall                 ? 
_refine.pdbx_average_fsc_work                    ? 
_refine.pdbx_average_fsc_free                    ? 
# 
_refine_hist.pdbx_refine_id                   'X-RAY DIFFRACTION' 
_refine_hist.cycle_id                         1 
_refine_hist.pdbx_number_atoms_protein        1217 
_refine_hist.pdbx_number_atoms_nucleic_acid   0 
_refine_hist.pdbx_number_atoms_ligand         11 
_refine_hist.number_atoms_solvent             48 
_refine_hist.number_atoms_total               1276 
_refine_hist.d_res_high                       2.40 
_refine_hist.d_res_low                        53.44 
# 
loop_
_refine_ls_restr.pdbx_refine_id 
_refine_ls_restr.criterion 
_refine_ls_restr.dev_ideal 
_refine_ls_restr.dev_ideal_target 
_refine_ls_restr.number 
_refine_ls_restr.rejects 
_refine_ls_restr.type 
_refine_ls_restr.weight 
_refine_ls_restr.pdbx_restraint_function 
'X-RAY DIFFRACTION' ? 0.009  0.019  1263 ? r_bond_refined_d             ? ? 
'X-RAY DIFFRACTION' ? 0.002  0.020  1216 ? r_bond_other_d               ? ? 
'X-RAY DIFFRACTION' ? 1.312  1.989  1717 ? r_angle_refined_deg          ? ? 
'X-RAY DIFFRACTION' ? 0.945  3.003  2811 ? r_angle_other_deg            ? ? 
'X-RAY DIFFRACTION' ? 5.928  5.000  151  ? r_dihedral_angle_1_deg       ? ? 
'X-RAY DIFFRACTION' ? 34.973 23.750 56   ? r_dihedral_angle_2_deg       ? ? 
'X-RAY DIFFRACTION' ? 12.935 15.000 214  ? r_dihedral_angle_3_deg       ? ? 
'X-RAY DIFFRACTION' ? 18.398 15.000 10   ? r_dihedral_angle_4_deg       ? ? 
'X-RAY DIFFRACTION' ? 0.082  0.200  184  ? r_chiral_restr               ? ? 
'X-RAY DIFFRACTION' ? 0.005  0.021  1391 ? r_gen_planes_refined         ? ? 
'X-RAY DIFFRACTION' ? 0.002  0.020  275  ? r_gen_planes_other           ? ? 
'X-RAY DIFFRACTION' ? ?      ?      ?    ? r_nbd_refined                ? ? 
'X-RAY DIFFRACTION' ? ?      ?      ?    ? r_nbd_other                  ? ? 
'X-RAY DIFFRACTION' ? ?      ?      ?    ? r_nbtor_refined              ? ? 
'X-RAY DIFFRACTION' ? ?      ?      ?    ? r_nbtor_other                ? ? 
'X-RAY DIFFRACTION' ? ?      ?      ?    ? r_xyhbond_nbd_refined        ? ? 
'X-RAY DIFFRACTION' ? ?      ?      ?    ? r_xyhbond_nbd_other          ? ? 
'X-RAY DIFFRACTION' ? ?      ?      ?    ? r_metal_ion_refined          ? ? 
'X-RAY DIFFRACTION' ? ?      ?      ?    ? r_metal_ion_other            ? ? 
'X-RAY DIFFRACTION' ? ?      ?      ?    ? r_symmetry_vdw_refined       ? ? 
'X-RAY DIFFRACTION' ? ?      ?      ?    ? r_symmetry_vdw_other         ? ? 
'X-RAY DIFFRACTION' ? ?      ?      ?    ? r_symmetry_hbond_refined     ? ? 
'X-RAY DIFFRACTION' ? ?      ?      ?    ? r_symmetry_hbond_other       ? ? 
'X-RAY DIFFRACTION' ? ?      ?      ?    ? r_symmetry_metal_ion_refined ? ? 
'X-RAY DIFFRACTION' ? ?      ?      ?    ? r_symmetry_metal_ion_other   ? ? 
'X-RAY DIFFRACTION' ? 3.381  6.156  607  ? r_mcbond_it                  ? ? 
'X-RAY DIFFRACTION' ? 3.383  6.147  606  ? r_mcbond_other               ? ? 
'X-RAY DIFFRACTION' ? 5.489  9.212  757  ? r_mcangle_it                 ? ? 
'X-RAY DIFFRACTION' ? 5.486  9.223  758  ? r_mcangle_other              ? ? 
'X-RAY DIFFRACTION' ? 3.594  6.714  656  ? r_scbond_it                  ? ? 
'X-RAY DIFFRACTION' ? 3.591  6.717  657  ? r_scbond_other               ? ? 
'X-RAY DIFFRACTION' ? ?      ?      ?    ? r_scangle_it                 ? ? 
'X-RAY DIFFRACTION' ? 6.134  9.851  961  ? r_scangle_other              ? ? 
'X-RAY DIFFRACTION' ? 8.896  49.383 1340 ? r_long_range_B_refined       ? ? 
'X-RAY DIFFRACTION' ? 8.893  49.410 1341 ? r_long_range_B_other         ? ? 
'X-RAY DIFFRACTION' ? ?      ?      ?    ? r_rigid_bond_restr           ? ? 
'X-RAY DIFFRACTION' ? ?      ?      ?    ? r_sphericity_free            ? ? 
'X-RAY DIFFRACTION' ? ?      ?      ?    ? r_sphericity_bonded          ? ? 
# 
_refine_ls_shell.pdbx_refine_id                   'X-RAY DIFFRACTION' 
_refine_ls_shell.d_res_high                       2.400 
_refine_ls_shell.d_res_low                        2.462 
_refine_ls_shell.number_reflns_all                ? 
_refine_ls_shell.number_reflns_obs                ? 
_refine_ls_shell.number_reflns_R_free             46 
_refine_ls_shell.number_reflns_R_work             809 
_refine_ls_shell.percent_reflns_obs               98.50 
_refine_ls_shell.percent_reflns_R_free            ? 
_refine_ls_shell.R_factor_all                     ? 
_refine_ls_shell.R_factor_obs                     ? 
_refine_ls_shell.R_factor_R_free                  0.292 
_refine_ls_shell.R_factor_R_free_error            ? 
_refine_ls_shell.R_factor_R_work                  0.320 
_refine_ls_shell.redundancy_reflns_all            ? 
_refine_ls_shell.redundancy_reflns_obs            ? 
_refine_ls_shell.wR_factor_all                    ? 
_refine_ls_shell.wR_factor_obs                    ? 
_refine_ls_shell.wR_factor_R_free                 ? 
_refine_ls_shell.wR_factor_R_work                 ? 
_refine_ls_shell.pdbx_total_number_of_bins_used   20 
_refine_ls_shell.pdbx_phase_error                 ? 
_refine_ls_shell.pdbx_fsc_work                    ? 
_refine_ls_shell.pdbx_fsc_free                    ? 
# 
_struct.entry_id                     5NGZ 
_struct.title                        'Ube2T in complex with fragment EM04' 
_struct.pdbx_model_details           ? 
_struct.pdbx_formula_weight          ? 
_struct.pdbx_formula_weight_method   ? 
_struct.pdbx_model_type_details      ? 
_struct.pdbx_CASP_flag               N 
# 
_struct_keywords.entry_id        5NGZ 
_struct_keywords.text            
'Ubiquitin-conjugating enzyme Ube2T, fragment screening, Fanconi anemia pathway, DNA repair, LIGASE' 
_struct_keywords.pdbx_keywords   LIGASE 
# 
loop_
_struct_asym.id 
_struct_asym.pdbx_blank_PDB_chainid_flag 
_struct_asym.pdbx_modified 
_struct_asym.entity_id 
_struct_asym.details 
A N N 1 ? 
B N N 2 ? 
C N N 3 ? 
# 
_struct_ref.id                         1 
_struct_ref.db_name                    UNP 
_struct_ref.db_code                    UBE2T_HUMAN 
_struct_ref.pdbx_db_accession          Q9NPD8 
_struct_ref.pdbx_db_isoform            ? 
_struct_ref.entity_id                  1 
_struct_ref.pdbx_seq_one_letter_code   
;MQRASRLKRELHMLATEPPPGITCWQDKDQMDDLRAQILGGANTPYEKGVFKLEVIIPERYPFEPPQIRFLTPIYHPNID
SAGRICLDVLKLPPKGAWRPSLNIATVLTSIQLLMSEPNPDDPLMADISSEFKYNKPAFLKNARQWTEKHARQKQKADEE
EMLDNLPEAGDSRVHNSTQKRKASQLVGIEKKFHPDV
;
_struct_ref.pdbx_align_begin           1 
# 
_struct_ref_seq.align_id                      1 
_struct_ref_seq.ref_id                        1 
_struct_ref_seq.pdbx_PDB_id_code              5NGZ 
_struct_ref_seq.pdbx_strand_id                A 
_struct_ref_seq.seq_align_beg                 1 
_struct_ref_seq.pdbx_seq_align_beg_ins_code   ? 
_struct_ref_seq.seq_align_end                 197 
_struct_ref_seq.pdbx_seq_align_end_ins_code   ? 
_struct_ref_seq.pdbx_db_accession             Q9NPD8 
_struct_ref_seq.db_align_beg                  1 
_struct_ref_seq.pdbx_db_align_beg_ins_code    ? 
_struct_ref_seq.db_align_end                  197 
_struct_ref_seq.pdbx_db_align_end_ins_code    ? 
_struct_ref_seq.pdbx_auth_seq_align_beg       1 
_struct_ref_seq.pdbx_auth_seq_align_end       197 
# 
_pdbx_struct_assembly.id                   1 
_pdbx_struct_assembly.details              author_and_software_defined_assembly 
_pdbx_struct_assembly.method_details       PISA 
_pdbx_struct_assembly.oligomeric_details   monomeric 
_pdbx_struct_assembly.oligomeric_count     1 
# 
loop_
_pdbx_struct_assembly_prop.biol_id 
_pdbx_struct_assembly_prop.type 
_pdbx_struct_assembly_prop.value 
_pdbx_struct_assembly_prop.details 
1 'ABSA (A^2)' 0    ? 
1 MORE         0    ? 
1 'SSA (A^2)'  8390 ? 
# 
_pdbx_struct_assembly_gen.assembly_id       1 
_pdbx_struct_assembly_gen.oper_expression   1 
_pdbx_struct_assembly_gen.asym_id_list      A,B,C 
# 
_pdbx_struct_assembly_auth_evidence.id                     1 
_pdbx_struct_assembly_auth_evidence.assembly_id            1 
_pdbx_struct_assembly_auth_evidence.experimental_support   'gel filtration' 
_pdbx_struct_assembly_auth_evidence.details                ? 
# 
_pdbx_struct_oper_list.id                   1 
_pdbx_struct_oper_list.type                 'identity operation' 
_pdbx_struct_oper_list.name                 1_555 
_pdbx_struct_oper_list.symmetry_operation   x,y,z 
_pdbx_struct_oper_list.matrix[1][1]         1.0000000000 
_pdbx_struct_oper_list.matrix[1][2]         0.0000000000 
_pdbx_struct_oper_list.matrix[1][3]         0.0000000000 
_pdbx_struct_oper_list.vector[1]            0.0000000000 
_pdbx_struct_oper_list.matrix[2][1]         0.0000000000 
_pdbx_struct_oper_list.matrix[2][2]         1.0000000000 
_pdbx_struct_oper_list.matrix[2][3]         0.0000000000 
_pdbx_struct_oper_list.vector[2]            0.0000000000 
_pdbx_struct_oper_list.matrix[3][1]         0.0000000000 
_pdbx_struct_oper_list.matrix[3][2]         0.0000000000 
_pdbx_struct_oper_list.matrix[3][3]         1.0000000000 
_pdbx_struct_oper_list.vector[3]            0.0000000000 
# 
loop_
_struct_conf.conf_type_id 
_struct_conf.id 
_struct_conf.pdbx_PDB_helix_id 
_struct_conf.beg_label_comp_id 
_struct_conf.beg_label_asym_id 
_struct_conf.beg_label_seq_id 
_struct_conf.pdbx_beg_PDB_ins_code 
_struct_conf.end_label_comp_id 
_struct_conf.end_label_asym_id 
_struct_conf.end_label_seq_id 
_struct_conf.pdbx_end_PDB_ins_code 
_struct_conf.beg_auth_comp_id 
_struct_conf.beg_auth_asym_id 
_struct_conf.beg_auth_seq_id 
_struct_conf.end_auth_comp_id 
_struct_conf.end_auth_asym_id 
_struct_conf.end_auth_seq_id 
_struct_conf.pdbx_PDB_helix_class 
_struct_conf.details 
_struct_conf.pdbx_PDB_helix_length 
HELX_P HELX_P1 AA1 GLN A 2   ? GLU A 17  ? GLN A 2   GLU A 17  1 ? 16 
HELX_P HELX_P2 AA2 LEU A 87  ? LYS A 91  ? LEU A 87  LYS A 91  5 ? 5  
HELX_P HELX_P3 AA3 ASN A 103 ? GLU A 117 ? ASN A 103 GLU A 117 1 ? 15 
HELX_P HELX_P4 AA4 MET A 125 ? ASN A 135 ? MET A 125 ASN A 135 1 ? 11 
HELX_P HELX_P5 AA5 ASN A 135 ? ALA A 151 ? ASN A 135 ALA A 151 1 ? 17 
# 
_struct_conf_type.id          HELX_P 
_struct_conf_type.criteria    ? 
_struct_conf_type.reference   ? 
# 
loop_
_struct_mon_prot_cis.pdbx_id 
_struct_mon_prot_cis.label_comp_id 
_struct_mon_prot_cis.label_seq_id 
_struct_mon_prot_cis.label_asym_id 
_struct_mon_prot_cis.label_alt_id 
_struct_mon_prot_cis.pdbx_PDB_ins_code 
_struct_mon_prot_cis.auth_comp_id 
_struct_mon_prot_cis.auth_seq_id 
_struct_mon_prot_cis.auth_asym_id 
_struct_mon_prot_cis.pdbx_label_comp_id_2 
_struct_mon_prot_cis.pdbx_label_seq_id_2 
_struct_mon_prot_cis.pdbx_label_asym_id_2 
_struct_mon_prot_cis.pdbx_PDB_ins_code_2 
_struct_mon_prot_cis.pdbx_auth_comp_id_2 
_struct_mon_prot_cis.pdbx_auth_seq_id_2 
_struct_mon_prot_cis.pdbx_auth_asym_id_2 
_struct_mon_prot_cis.pdbx_PDB_model_num 
_struct_mon_prot_cis.pdbx_omega_angle 
1 TYR 61 A . ? TYR 61 A PRO 62 A ? PRO 62 A 1 7.69  
2 PRO 93 A . ? PRO 93 A PRO 94 A ? PRO 94 A 1 10.99 
# 
_struct_sheet.id               AA1 
_struct_sheet.type             ? 
_struct_sheet.number_strands   4 
_struct_sheet.details          ? 
# 
loop_
_struct_sheet_order.sheet_id 
_struct_sheet_order.range_id_1 
_struct_sheet_order.range_id_2 
_struct_sheet_order.offset 
_struct_sheet_order.sense 
AA1 1 2 ? anti-parallel 
AA1 2 3 ? anti-parallel 
AA1 3 4 ? anti-parallel 
# 
loop_
_struct_sheet_range.sheet_id 
_struct_sheet_range.id 
_struct_sheet_range.beg_label_comp_id 
_struct_sheet_range.beg_label_asym_id 
_struct_sheet_range.beg_label_seq_id 
_struct_sheet_range.pdbx_beg_PDB_ins_code 
_struct_sheet_range.end_label_comp_id 
_struct_sheet_range.end_label_asym_id 
_struct_sheet_range.end_label_seq_id 
_struct_sheet_range.pdbx_end_PDB_ins_code 
_struct_sheet_range.beg_auth_comp_id 
_struct_sheet_range.beg_auth_asym_id 
_struct_sheet_range.beg_auth_seq_id 
_struct_sheet_range.end_auth_comp_id 
_struct_sheet_range.end_auth_asym_id 
_struct_sheet_range.end_auth_seq_id 
AA1 1 ILE A 22 ? GLN A 26 ? ILE A 22 GLN A 26 
AA1 2 ASP A 33 ? LEU A 39 ? ASP A 33 LEU A 39 
AA1 3 VAL A 50 ? ILE A 56 ? VAL A 50 ILE A 56 
AA1 4 GLN A 67 ? PHE A 70 ? GLN A 67 PHE A 70 
# 
loop_
_pdbx_struct_sheet_hbond.sheet_id 
_pdbx_struct_sheet_hbond.range_id_1 
_pdbx_struct_sheet_hbond.range_id_2 
_pdbx_struct_sheet_hbond.range_1_label_atom_id 
_pdbx_struct_sheet_hbond.range_1_label_comp_id 
_pdbx_struct_sheet_hbond.range_1_label_asym_id 
_pdbx_struct_sheet_hbond.range_1_label_seq_id 
_pdbx_struct_sheet_hbond.range_1_PDB_ins_code 
_pdbx_struct_sheet_hbond.range_1_auth_atom_id 
_pdbx_struct_sheet_hbond.range_1_auth_comp_id 
_pdbx_struct_sheet_hbond.range_1_auth_asym_id 
_pdbx_struct_sheet_hbond.range_1_auth_seq_id 
_pdbx_struct_sheet_hbond.range_2_label_atom_id 
_pdbx_struct_sheet_hbond.range_2_label_comp_id 
_pdbx_struct_sheet_hbond.range_2_label_asym_id 
_pdbx_struct_sheet_hbond.range_2_label_seq_id 
_pdbx_struct_sheet_hbond.range_2_PDB_ins_code 
_pdbx_struct_sheet_hbond.range_2_auth_atom_id 
_pdbx_struct_sheet_hbond.range_2_auth_comp_id 
_pdbx_struct_sheet_hbond.range_2_auth_asym_id 
_pdbx_struct_sheet_hbond.range_2_auth_seq_id 
AA1 1 2 N TRP A 25 ? N TRP A 25 O ARG A 35 ? O ARG A 35 
AA1 2 3 N ILE A 38 ? N ILE A 38 O PHE A 51 ? O PHE A 51 
AA1 3 4 N ILE A 56 ? N ILE A 56 O GLN A 67 ? O GLN A 67 
# 
_struct_site.id                   AC1 
_struct_site.pdbx_evidence_code   Software 
_struct_site.pdbx_auth_asym_id    A 
_struct_site.pdbx_auth_comp_id    2BG 
_struct_site.pdbx_auth_seq_id     201 
_struct_site.pdbx_auth_ins_code   ? 
_struct_site.pdbx_num_residues    7 
_struct_site.details              'binding site for residue 2BG A 201' 
# 
loop_
_struct_site_gen.id 
_struct_site_gen.site_id 
_struct_site_gen.pdbx_num_res 
_struct_site_gen.label_comp_id 
_struct_site_gen.label_asym_id 
_struct_site_gen.label_seq_id 
_struct_site_gen.pdbx_auth_ins_code 
_struct_site_gen.auth_comp_id 
_struct_site_gen.auth_asym_id 
_struct_site_gen.auth_seq_id 
_struct_site_gen.label_atom_id 
_struct_site_gen.label_alt_id 
_struct_site_gen.symmetry 
_struct_site_gen.details 
1 AC1 7 PHE A 70  ? PHE A 70  . ? 1_555 ? 
2 AC1 7 LEU A 71  ? LEU A 71  . ? 1_555 ? 
3 AC1 7 PRO A 73  ? PRO A 73  . ? 1_555 ? 
4 AC1 7 ILE A 74  ? ILE A 74  . ? 1_555 ? 
5 AC1 7 ASP A 80  ? ASP A 80  . ? 1_555 ? 
6 AC1 7 SER A 81  ? SER A 81  . ? 1_555 ? 
7 AC1 7 TRP A 146 ? TRP A 146 . ? 1_555 ? 
# 
loop_
_pdbx_validate_torsion.id 
_pdbx_validate_torsion.PDB_model_num 
_pdbx_validate_torsion.auth_comp_id 
_pdbx_validate_torsion.auth_asym_id 
_pdbx_validate_torsion.auth_seq_id 
_pdbx_validate_torsion.PDB_ins_code 
_pdbx_validate_torsion.label_alt_id 
_pdbx_validate_torsion.phi 
_pdbx_validate_torsion.psi 
1 1 LYS A 28  ? ? -129.66 -138.27 
2 1 ASP A 29  ? ? -115.69 56.66   
3 1 ASN A 135 ? ? -146.11 59.57   
# 
_pdbx_struct_special_symmetry.id              1 
_pdbx_struct_special_symmetry.PDB_model_num   1 
_pdbx_struct_special_symmetry.auth_asym_id    A 
_pdbx_struct_special_symmetry.auth_comp_id    HOH 
_pdbx_struct_special_symmetry.auth_seq_id     340 
_pdbx_struct_special_symmetry.PDB_ins_code    ? 
_pdbx_struct_special_symmetry.label_asym_id   C 
_pdbx_struct_special_symmetry.label_comp_id   HOH 
_pdbx_struct_special_symmetry.label_seq_id    . 
# 
loop_
_pdbx_unobs_or_zero_occ_residues.id 
_pdbx_unobs_or_zero_occ_residues.PDB_model_num 
_pdbx_unobs_or_zero_occ_residues.polymer_flag 
_pdbx_unobs_or_zero_occ_residues.occupancy_flag 
_pdbx_unobs_or_zero_occ_residues.auth_asym_id 
_pdbx_unobs_or_zero_occ_residues.auth_comp_id 
_pdbx_unobs_or_zero_occ_residues.auth_seq_id 
_pdbx_unobs_or_zero_occ_residues.PDB_ins_code 
_pdbx_unobs_or_zero_occ_residues.label_asym_id 
_pdbx_unobs_or_zero_occ_residues.label_comp_id 
_pdbx_unobs_or_zero_occ_residues.label_seq_id 
1  1 Y 1 A MET 1   ? A MET 1   
2  1 Y 1 A LYS 154 ? A LYS 154 
3  1 Y 1 A GLN 155 ? A GLN 155 
4  1 Y 1 A LYS 156 ? A LYS 156 
5  1 Y 1 A ALA 157 ? A ALA 157 
6  1 Y 1 A ASP 158 ? A ASP 158 
7  1 Y 1 A GLU 159 ? A GLU 159 
8  1 Y 1 A GLU 160 ? A GLU 160 
9  1 Y 1 A GLU 161 ? A GLU 161 
10 1 Y 1 A MET 162 ? A MET 162 
11 1 Y 1 A LEU 163 ? A LEU 163 
12 1 Y 1 A ASP 164 ? A ASP 164 
13 1 Y 1 A ASN 165 ? A ASN 165 
14 1 Y 1 A LEU 166 ? A LEU 166 
15 1 Y 1 A PRO 167 ? A PRO 167 
16 1 Y 1 A GLU 168 ? A GLU 168 
17 1 Y 1 A ALA 169 ? A ALA 169 
18 1 Y 1 A GLY 170 ? A GLY 170 
19 1 Y 1 A ASP 171 ? A ASP 171 
20 1 Y 1 A SER 172 ? A SER 172 
21 1 Y 1 A ARG 173 ? A ARG 173 
22 1 Y 1 A VAL 174 ? A VAL 174 
23 1 Y 1 A HIS 175 ? A HIS 175 
24 1 Y 1 A ASN 176 ? A ASN 176 
25 1 Y 1 A SER 177 ? A SER 177 
26 1 Y 1 A THR 178 ? A THR 178 
27 1 Y 1 A GLN 179 ? A GLN 179 
28 1 Y 1 A LYS 180 ? A LYS 180 
29 1 Y 1 A ARG 181 ? A ARG 181 
30 1 Y 1 A LYS 182 ? A LYS 182 
31 1 Y 1 A ALA 183 ? A ALA 183 
32 1 Y 1 A SER 184 ? A SER 184 
33 1 Y 1 A GLN 185 ? A GLN 185 
34 1 Y 1 A LEU 186 ? A LEU 186 
35 1 Y 1 A VAL 187 ? A VAL 187 
36 1 Y 1 A GLY 188 ? A GLY 188 
37 1 Y 1 A ILE 189 ? A ILE 189 
38 1 Y 1 A GLU 190 ? A GLU 190 
39 1 Y 1 A LYS 191 ? A LYS 191 
40 1 Y 1 A LYS 192 ? A LYS 192 
41 1 Y 1 A PHE 193 ? A PHE 193 
42 1 Y 1 A HIS 194 ? A HIS 194 
43 1 Y 1 A PRO 195 ? A PRO 195 
44 1 Y 1 A ASP 196 ? A ASP 196 
45 1 Y 1 A VAL 197 ? A VAL 197 
# 
loop_
_chem_comp_atom.comp_id 
_chem_comp_atom.atom_id 
_chem_comp_atom.type_symbol 
_chem_comp_atom.pdbx_aromatic_flag 
_chem_comp_atom.pdbx_stereo_config 
_chem_comp_atom.pdbx_ordinal 
2BG NAG  N Y N 1   
2BG CAJ  C Y N 2   
2BG CAD  C Y N 3   
2BG CAB  C Y N 4   
2BG CAC  C Y N 5   
2BG CAE  C Y N 6   
2BG CAK  C Y N 7   
2BG SAH  S Y N 8   
2BG CAI  C Y N 9   
2BG CAF  C N N 10  
2BG NAA  N N N 11  
2BG H1   H N N 12  
2BG H2   H N N 13  
2BG H3   H N N 14  
2BG H4   H N N 15  
2BG H5   H N N 16  
2BG H6   H N N 17  
2BG H7   H N N 18  
2BG H8   H N N 19  
ALA N    N N N 20  
ALA CA   C N S 21  
ALA C    C N N 22  
ALA O    O N N 23  
ALA CB   C N N 24  
ALA OXT  O N N 25  
ALA H    H N N 26  
ALA H2   H N N 27  
ALA HA   H N N 28  
ALA HB1  H N N 29  
ALA HB2  H N N 30  
ALA HB3  H N N 31  
ALA HXT  H N N 32  
ARG N    N N N 33  
ARG CA   C N S 34  
ARG C    C N N 35  
ARG O    O N N 36  
ARG CB   C N N 37  
ARG CG   C N N 38  
ARG CD   C N N 39  
ARG NE   N N N 40  
ARG CZ   C N N 41  
ARG NH1  N N N 42  
ARG NH2  N N N 43  
ARG OXT  O N N 44  
ARG H    H N N 45  
ARG H2   H N N 46  
ARG HA   H N N 47  
ARG HB2  H N N 48  
ARG HB3  H N N 49  
ARG HG2  H N N 50  
ARG HG3  H N N 51  
ARG HD2  H N N 52  
ARG HD3  H N N 53  
ARG HE   H N N 54  
ARG HH11 H N N 55  
ARG HH12 H N N 56  
ARG HH21 H N N 57  
ARG HH22 H N N 58  
ARG HXT  H N N 59  
ASN N    N N N 60  
ASN CA   C N S 61  
ASN C    C N N 62  
ASN O    O N N 63  
ASN CB   C N N 64  
ASN CG   C N N 65  
ASN OD1  O N N 66  
ASN ND2  N N N 67  
ASN OXT  O N N 68  
ASN H    H N N 69  
ASN H2   H N N 70  
ASN HA   H N N 71  
ASN HB2  H N N 72  
ASN HB3  H N N 73  
ASN HD21 H N N 74  
ASN HD22 H N N 75  
ASN HXT  H N N 76  
ASP N    N N N 77  
ASP CA   C N S 78  
ASP C    C N N 79  
ASP O    O N N 80  
ASP CB   C N N 81  
ASP CG   C N N 82  
ASP OD1  O N N 83  
ASP OD2  O N N 84  
ASP OXT  O N N 85  
ASP H    H N N 86  
ASP H2   H N N 87  
ASP HA   H N N 88  
ASP HB2  H N N 89  
ASP HB3  H N N 90  
ASP HD2  H N N 91  
ASP HXT  H N N 92  
CYS N    N N N 93  
CYS CA   C N R 94  
CYS C    C N N 95  
CYS O    O N N 96  
CYS CB   C N N 97  
CYS SG   S N N 98  
CYS OXT  O N N 99  
CYS H    H N N 100 
CYS H2   H N N 101 
CYS HA   H N N 102 
CYS HB2  H N N 103 
CYS HB3  H N N 104 
CYS HG   H N N 105 
CYS HXT  H N N 106 
GLN N    N N N 107 
GLN CA   C N S 108 
GLN C    C N N 109 
GLN O    O N N 110 
GLN CB   C N N 111 
GLN CG   C N N 112 
GLN CD   C N N 113 
GLN OE1  O N N 114 
GLN NE2  N N N 115 
GLN OXT  O N N 116 
GLN H    H N N 117 
GLN H2   H N N 118 
GLN HA   H N N 119 
GLN HB2  H N N 120 
GLN HB3  H N N 121 
GLN HG2  H N N 122 
GLN HG3  H N N 123 
GLN HE21 H N N 124 
GLN HE22 H N N 125 
GLN HXT  H N N 126 
GLU N    N N N 127 
GLU CA   C N S 128 
GLU C    C N N 129 
GLU O    O N N 130 
GLU CB   C N N 131 
GLU CG   C N N 132 
GLU CD   C N N 133 
GLU OE1  O N N 134 
GLU OE2  O N N 135 
GLU OXT  O N N 136 
GLU H    H N N 137 
GLU H2   H N N 138 
GLU HA   H N N 139 
GLU HB2  H N N 140 
GLU HB3  H N N 141 
GLU HG2  H N N 142 
GLU HG3  H N N 143 
GLU HE2  H N N 144 
GLU HXT  H N N 145 
GLY N    N N N 146 
GLY CA   C N N 147 
GLY C    C N N 148 
GLY O    O N N 149 
GLY OXT  O N N 150 
GLY H    H N N 151 
GLY H2   H N N 152 
GLY HA2  H N N 153 
GLY HA3  H N N 154 
GLY HXT  H N N 155 
HIS N    N N N 156 
HIS CA   C N S 157 
HIS C    C N N 158 
HIS O    O N N 159 
HIS CB   C N N 160 
HIS CG   C Y N 161 
HIS ND1  N Y N 162 
HIS CD2  C Y N 163 
HIS CE1  C Y N 164 
HIS NE2  N Y N 165 
HIS OXT  O N N 166 
HIS H    H N N 167 
HIS H2   H N N 168 
HIS HA   H N N 169 
HIS HB2  H N N 170 
HIS HB3  H N N 171 
HIS HD1  H N N 172 
HIS HD2  H N N 173 
HIS HE1  H N N 174 
HIS HE2  H N N 175 
HIS HXT  H N N 176 
HOH O    O N N 177 
HOH H1   H N N 178 
HOH H2   H N N 179 
ILE N    N N N 180 
ILE CA   C N S 181 
ILE C    C N N 182 
ILE O    O N N 183 
ILE CB   C N S 184 
ILE CG1  C N N 185 
ILE CG2  C N N 186 
ILE CD1  C N N 187 
ILE OXT  O N N 188 
ILE H    H N N 189 
ILE H2   H N N 190 
ILE HA   H N N 191 
ILE HB   H N N 192 
ILE HG12 H N N 193 
ILE HG13 H N N 194 
ILE HG21 H N N 195 
ILE HG22 H N N 196 
ILE HG23 H N N 197 
ILE HD11 H N N 198 
ILE HD12 H N N 199 
ILE HD13 H N N 200 
ILE HXT  H N N 201 
LEU N    N N N 202 
LEU CA   C N S 203 
LEU C    C N N 204 
LEU O    O N N 205 
LEU CB   C N N 206 
LEU CG   C N N 207 
LEU CD1  C N N 208 
LEU CD2  C N N 209 
LEU OXT  O N N 210 
LEU H    H N N 211 
LEU H2   H N N 212 
LEU HA   H N N 213 
LEU HB2  H N N 214 
LEU HB3  H N N 215 
LEU HG   H N N 216 
LEU HD11 H N N 217 
LEU HD12 H N N 218 
LEU HD13 H N N 219 
LEU HD21 H N N 220 
LEU HD22 H N N 221 
LEU HD23 H N N 222 
LEU HXT  H N N 223 
LYS N    N N N 224 
LYS CA   C N S 225 
LYS C    C N N 226 
LYS O    O N N 227 
LYS CB   C N N 228 
LYS CG   C N N 229 
LYS CD   C N N 230 
LYS CE   C N N 231 
LYS NZ   N N N 232 
LYS OXT  O N N 233 
LYS H    H N N 234 
LYS H2   H N N 235 
LYS HA   H N N 236 
LYS HB2  H N N 237 
LYS HB3  H N N 238 
LYS HG2  H N N 239 
LYS HG3  H N N 240 
LYS HD2  H N N 241 
LYS HD3  H N N 242 
LYS HE2  H N N 243 
LYS HE3  H N N 244 
LYS HZ1  H N N 245 
LYS HZ2  H N N 246 
LYS HZ3  H N N 247 
LYS HXT  H N N 248 
MET N    N N N 249 
MET CA   C N S 250 
MET C    C N N 251 
MET O    O N N 252 
MET CB   C N N 253 
MET CG   C N N 254 
MET SD   S N N 255 
MET CE   C N N 256 
MET OXT  O N N 257 
MET H    H N N 258 
MET H2   H N N 259 
MET HA   H N N 260 
MET HB2  H N N 261 
MET HB3  H N N 262 
MET HG2  H N N 263 
MET HG3  H N N 264 
MET HE1  H N N 265 
MET HE2  H N N 266 
MET HE3  H N N 267 
MET HXT  H N N 268 
PHE N    N N N 269 
PHE CA   C N S 270 
PHE C    C N N 271 
PHE O    O N N 272 
PHE CB   C N N 273 
PHE CG   C Y N 274 
PHE CD1  C Y N 275 
PHE CD2  C Y N 276 
PHE CE1  C Y N 277 
PHE CE2  C Y N 278 
PHE CZ   C Y N 279 
PHE OXT  O N N 280 
PHE H    H N N 281 
PHE H2   H N N 282 
PHE HA   H N N 283 
PHE HB2  H N N 284 
PHE HB3  H N N 285 
PHE HD1  H N N 286 
PHE HD2  H N N 287 
PHE HE1  H N N 288 
PHE HE2  H N N 289 
PHE HZ   H N N 290 
PHE HXT  H N N 291 
PRO N    N N N 292 
PRO CA   C N S 293 
PRO C    C N N 294 
PRO O    O N N 295 
PRO CB   C N N 296 
PRO CG   C N N 297 
PRO CD   C N N 298 
PRO OXT  O N N 299 
PRO H    H N N 300 
PRO HA   H N N 301 
PRO HB2  H N N 302 
PRO HB3  H N N 303 
PRO HG2  H N N 304 
PRO HG3  H N N 305 
PRO HD2  H N N 306 
PRO HD3  H N N 307 
PRO HXT  H N N 308 
SER N    N N N 309 
SER CA   C N S 310 
SER C    C N N 311 
SER O    O N N 312 
SER CB   C N N 313 
SER OG   O N N 314 
SER OXT  O N N 315 
SER H    H N N 316 
SER H2   H N N 317 
SER HA   H N N 318 
SER HB2  H N N 319 
SER HB3  H N N 320 
SER HG   H N N 321 
SER HXT  H N N 322 
THR N    N N N 323 
THR CA   C N S 324 
THR C    C N N 325 
THR O    O N N 326 
THR CB   C N R 327 
THR OG1  O N N 328 
THR CG2  C N N 329 
THR OXT  O N N 330 
THR H    H N N 331 
THR H2   H N N 332 
THR HA   H N N 333 
THR HB   H N N 334 
THR HG1  H N N 335 
THR HG21 H N N 336 
THR HG22 H N N 337 
THR HG23 H N N 338 
THR HXT  H N N 339 
TRP N    N N N 340 
TRP CA   C N S 341 
TRP C    C N N 342 
TRP O    O N N 343 
TRP CB   C N N 344 
TRP CG   C Y N 345 
TRP CD1  C Y N 346 
TRP CD2  C Y N 347 
TRP NE1  N Y N 348 
TRP CE2  C Y N 349 
TRP CE3  C Y N 350 
TRP CZ2  C Y N 351 
TRP CZ3  C Y N 352 
TRP CH2  C Y N 353 
TRP OXT  O N N 354 
TRP H    H N N 355 
TRP H2   H N N 356 
TRP HA   H N N 357 
TRP HB2  H N N 358 
TRP HB3  H N N 359 
TRP HD1  H N N 360 
TRP HE1  H N N 361 
TRP HE3  H N N 362 
TRP HZ2  H N N 363 
TRP HZ3  H N N 364 
TRP HH2  H N N 365 
TRP HXT  H N N 366 
TYR N    N N N 367 
TYR CA   C N S 368 
TYR C    C N N 369 
TYR O    O N N 370 
TYR CB   C N N 371 
TYR CG   C Y N 372 
TYR CD1  C Y N 373 
TYR CD2  C Y N 374 
TYR CE1  C Y N 375 
TYR CE2  C Y N 376 
TYR CZ   C Y N 377 
TYR OH   O N N 378 
TYR OXT  O N N 379 
TYR H    H N N 380 
TYR H2   H N N 381 
TYR HA   H N N 382 
TYR HB2  H N N 383 
TYR HB3  H N N 384 
TYR HD1  H N N 385 
TYR HD2  H N N 386 
TYR HE1  H N N 387 
TYR HE2  H N N 388 
TYR HH   H N N 389 
TYR HXT  H N N 390 
VAL N    N N N 391 
VAL CA   C N S 392 
VAL C    C N N 393 
VAL O    O N N 394 
VAL CB   C N N 395 
VAL CG1  C N N 396 
VAL CG2  C N N 397 
VAL OXT  O N N 398 
VAL H    H N N 399 
VAL H2   H N N 400 
VAL HA   H N N 401 
VAL HB   H N N 402 
VAL HG11 H N N 403 
VAL HG12 H N N 404 
VAL HG13 H N N 405 
VAL HG21 H N N 406 
VAL HG22 H N N 407 
VAL HG23 H N N 408 
VAL HXT  H N N 409 
# 
loop_
_chem_comp_bond.comp_id 
_chem_comp_bond.atom_id_1 
_chem_comp_bond.atom_id_2 
_chem_comp_bond.value_order 
_chem_comp_bond.pdbx_aromatic_flag 
_chem_comp_bond.pdbx_stereo_config 
_chem_comp_bond.pdbx_ordinal 
2BG CAE CAC  doub Y N 1   
2BG CAE CAK  sing Y N 2   
2BG CAC CAB  sing Y N 3   
2BG SAH CAK  sing Y N 4   
2BG SAH CAI  sing Y N 5   
2BG CAK CAJ  doub Y N 6   
2BG CAB CAD  doub Y N 7   
2BG CAJ CAD  sing Y N 8   
2BG CAJ NAG  sing Y N 9   
2BG CAI NAG  doub Y N 10  
2BG CAI CAF  sing N N 11  
2BG CAF NAA  sing N N 12  
2BG CAD H1   sing N N 13  
2BG CAB H2   sing N N 14  
2BG CAC H3   sing N N 15  
2BG CAE H4   sing N N 16  
2BG CAF H5   sing N N 17  
2BG CAF H6   sing N N 18  
2BG NAA H7   sing N N 19  
2BG NAA H8   sing N N 20  
ALA N   CA   sing N N 21  
ALA N   H    sing N N 22  
ALA N   H2   sing N N 23  
ALA CA  C    sing N N 24  
ALA CA  CB   sing N N 25  
ALA CA  HA   sing N N 26  
ALA C   O    doub N N 27  
ALA C   OXT  sing N N 28  
ALA CB  HB1  sing N N 29  
ALA CB  HB2  sing N N 30  
ALA CB  HB3  sing N N 31  
ALA OXT HXT  sing N N 32  
ARG N   CA   sing N N 33  
ARG N   H    sing N N 34  
ARG N   H2   sing N N 35  
ARG CA  C    sing N N 36  
ARG CA  CB   sing N N 37  
ARG CA  HA   sing N N 38  
ARG C   O    doub N N 39  
ARG C   OXT  sing N N 40  
ARG CB  CG   sing N N 41  
ARG CB  HB2  sing N N 42  
ARG CB  HB3  sing N N 43  
ARG CG  CD   sing N N 44  
ARG CG  HG2  sing N N 45  
ARG CG  HG3  sing N N 46  
ARG CD  NE   sing N N 47  
ARG CD  HD2  sing N N 48  
ARG CD  HD3  sing N N 49  
ARG NE  CZ   sing N N 50  
ARG NE  HE   sing N N 51  
ARG CZ  NH1  sing N N 52  
ARG CZ  NH2  doub N N 53  
ARG NH1 HH11 sing N N 54  
ARG NH1 HH12 sing N N 55  
ARG NH2 HH21 sing N N 56  
ARG NH2 HH22 sing N N 57  
ARG OXT HXT  sing N N 58  
ASN N   CA   sing N N 59  
ASN N   H    sing N N 60  
ASN N   H2   sing N N 61  
ASN CA  C    sing N N 62  
ASN CA  CB   sing N N 63  
ASN CA  HA   sing N N 64  
ASN C   O    doub N N 65  
ASN C   OXT  sing N N 66  
ASN CB  CG   sing N N 67  
ASN CB  HB2  sing N N 68  
ASN CB  HB3  sing N N 69  
ASN CG  OD1  doub N N 70  
ASN CG  ND2  sing N N 71  
ASN ND2 HD21 sing N N 72  
ASN ND2 HD22 sing N N 73  
ASN OXT HXT  sing N N 74  
ASP N   CA   sing N N 75  
ASP N   H    sing N N 76  
ASP N   H2   sing N N 77  
ASP CA  C    sing N N 78  
ASP CA  CB   sing N N 79  
ASP CA  HA   sing N N 80  
ASP C   O    doub N N 81  
ASP C   OXT  sing N N 82  
ASP CB  CG   sing N N 83  
ASP CB  HB2  sing N N 84  
ASP CB  HB3  sing N N 85  
ASP CG  OD1  doub N N 86  
ASP CG  OD2  sing N N 87  
ASP OD2 HD2  sing N N 88  
ASP OXT HXT  sing N N 89  
CYS N   CA   sing N N 90  
CYS N   H    sing N N 91  
CYS N   H2   sing N N 92  
CYS CA  C    sing N N 93  
CYS CA  CB   sing N N 94  
CYS CA  HA   sing N N 95  
CYS C   O    doub N N 96  
CYS C   OXT  sing N N 97  
CYS CB  SG   sing N N 98  
CYS CB  HB2  sing N N 99  
CYS CB  HB3  sing N N 100 
CYS SG  HG   sing N N 101 
CYS OXT HXT  sing N N 102 
GLN N   CA   sing N N 103 
GLN N   H    sing N N 104 
GLN N   H2   sing N N 105 
GLN CA  C    sing N N 106 
GLN CA  CB   sing N N 107 
GLN CA  HA   sing N N 108 
GLN C   O    doub N N 109 
GLN C   OXT  sing N N 110 
GLN CB  CG   sing N N 111 
GLN CB  HB2  sing N N 112 
GLN CB  HB3  sing N N 113 
GLN CG  CD   sing N N 114 
GLN CG  HG2  sing N N 115 
GLN CG  HG3  sing N N 116 
GLN CD  OE1  doub N N 117 
GLN CD  NE2  sing N N 118 
GLN NE2 HE21 sing N N 119 
GLN NE2 HE22 sing N N 120 
GLN OXT HXT  sing N N 121 
GLU N   CA   sing N N 122 
GLU N   H    sing N N 123 
GLU N   H2   sing N N 124 
GLU CA  C    sing N N 125 
GLU CA  CB   sing N N 126 
GLU CA  HA   sing N N 127 
GLU C   O    doub N N 128 
GLU C   OXT  sing N N 129 
GLU CB  CG   sing N N 130 
GLU CB  HB2  sing N N 131 
GLU CB  HB3  sing N N 132 
GLU CG  CD   sing N N 133 
GLU CG  HG2  sing N N 134 
GLU CG  HG3  sing N N 135 
GLU CD  OE1  doub N N 136 
GLU CD  OE2  sing N N 137 
GLU OE2 HE2  sing N N 138 
GLU OXT HXT  sing N N 139 
GLY N   CA   sing N N 140 
GLY N   H    sing N N 141 
GLY N   H2   sing N N 142 
GLY CA  C    sing N N 143 
GLY CA  HA2  sing N N 144 
GLY CA  HA3  sing N N 145 
GLY C   O    doub N N 146 
GLY C   OXT  sing N N 147 
GLY OXT HXT  sing N N 148 
HIS N   CA   sing N N 149 
HIS N   H    sing N N 150 
HIS N   H2   sing N N 151 
HIS CA  C    sing N N 152 
HIS CA  CB   sing N N 153 
HIS CA  HA   sing N N 154 
HIS C   O    doub N N 155 
HIS C   OXT  sing N N 156 
HIS CB  CG   sing N N 157 
HIS CB  HB2  sing N N 158 
HIS CB  HB3  sing N N 159 
HIS CG  ND1  sing Y N 160 
HIS CG  CD2  doub Y N 161 
HIS ND1 CE1  doub Y N 162 
HIS ND1 HD1  sing N N 163 
HIS CD2 NE2  sing Y N 164 
HIS CD2 HD2  sing N N 165 
HIS CE1 NE2  sing Y N 166 
HIS CE1 HE1  sing N N 167 
HIS NE2 HE2  sing N N 168 
HIS OXT HXT  sing N N 169 
HOH O   H1   sing N N 170 
HOH O   H2   sing N N 171 
ILE N   CA   sing N N 172 
ILE N   H    sing N N 173 
ILE N   H2   sing N N 174 
ILE CA  C    sing N N 175 
ILE CA  CB   sing N N 176 
ILE CA  HA   sing N N 177 
ILE C   O    doub N N 178 
ILE C   OXT  sing N N 179 
ILE CB  CG1  sing N N 180 
ILE CB  CG2  sing N N 181 
ILE CB  HB   sing N N 182 
ILE CG1 CD1  sing N N 183 
ILE CG1 HG12 sing N N 184 
ILE CG1 HG13 sing N N 185 
ILE CG2 HG21 sing N N 186 
ILE CG2 HG22 sing N N 187 
ILE CG2 HG23 sing N N 188 
ILE CD1 HD11 sing N N 189 
ILE CD1 HD12 sing N N 190 
ILE CD1 HD13 sing N N 191 
ILE OXT HXT  sing N N 192 
LEU N   CA   sing N N 193 
LEU N   H    sing N N 194 
LEU N   H2   sing N N 195 
LEU CA  C    sing N N 196 
LEU CA  CB   sing N N 197 
LEU CA  HA   sing N N 198 
LEU C   O    doub N N 199 
LEU C   OXT  sing N N 200 
LEU CB  CG   sing N N 201 
LEU CB  HB2  sing N N 202 
LEU CB  HB3  sing N N 203 
LEU CG  CD1  sing N N 204 
LEU CG  CD2  sing N N 205 
LEU CG  HG   sing N N 206 
LEU CD1 HD11 sing N N 207 
LEU CD1 HD12 sing N N 208 
LEU CD1 HD13 sing N N 209 
LEU CD2 HD21 sing N N 210 
LEU CD2 HD22 sing N N 211 
LEU CD2 HD23 sing N N 212 
LEU OXT HXT  sing N N 213 
LYS N   CA   sing N N 214 
LYS N   H    sing N N 215 
LYS N   H2   sing N N 216 
LYS CA  C    sing N N 217 
LYS CA  CB   sing N N 218 
LYS CA  HA   sing N N 219 
LYS C   O    doub N N 220 
LYS C   OXT  sing N N 221 
LYS CB  CG   sing N N 222 
LYS CB  HB2  sing N N 223 
LYS CB  HB3  sing N N 224 
LYS CG  CD   sing N N 225 
LYS CG  HG2  sing N N 226 
LYS CG  HG3  sing N N 227 
LYS CD  CE   sing N N 228 
LYS CD  HD2  sing N N 229 
LYS CD  HD3  sing N N 230 
LYS CE  NZ   sing N N 231 
LYS CE  HE2  sing N N 232 
LYS CE  HE3  sing N N 233 
LYS NZ  HZ1  sing N N 234 
LYS NZ  HZ2  sing N N 235 
LYS NZ  HZ3  sing N N 236 
LYS OXT HXT  sing N N 237 
MET N   CA   sing N N 238 
MET N   H    sing N N 239 
MET N   H2   sing N N 240 
MET CA  C    sing N N 241 
MET CA  CB   sing N N 242 
MET CA  HA   sing N N 243 
MET C   O    doub N N 244 
MET C   OXT  sing N N 245 
MET CB  CG   sing N N 246 
MET CB  HB2  sing N N 247 
MET CB  HB3  sing N N 248 
MET CG  SD   sing N N 249 
MET CG  HG2  sing N N 250 
MET CG  HG3  sing N N 251 
MET SD  CE   sing N N 252 
MET CE  HE1  sing N N 253 
MET CE  HE2  sing N N 254 
MET CE  HE3  sing N N 255 
MET OXT HXT  sing N N 256 
PHE N   CA   sing N N 257 
PHE N   H    sing N N 258 
PHE N   H2   sing N N 259 
PHE CA  C    sing N N 260 
PHE CA  CB   sing N N 261 
PHE CA  HA   sing N N 262 
PHE C   O    doub N N 263 
PHE C   OXT  sing N N 264 
PHE CB  CG   sing N N 265 
PHE CB  HB2  sing N N 266 
PHE CB  HB3  sing N N 267 
PHE CG  CD1  doub Y N 268 
PHE CG  CD2  sing Y N 269 
PHE CD1 CE1  sing Y N 270 
PHE CD1 HD1  sing N N 271 
PHE CD2 CE2  doub Y N 272 
PHE CD2 HD2  sing N N 273 
PHE CE1 CZ   doub Y N 274 
PHE CE1 HE1  sing N N 275 
PHE CE2 CZ   sing Y N 276 
PHE CE2 HE2  sing N N 277 
PHE CZ  HZ   sing N N 278 
PHE OXT HXT  sing N N 279 
PRO N   CA   sing N N 280 
PRO N   CD   sing N N 281 
PRO N   H    sing N N 282 
PRO CA  C    sing N N 283 
PRO CA  CB   sing N N 284 
PRO CA  HA   sing N N 285 
PRO C   O    doub N N 286 
PRO C   OXT  sing N N 287 
PRO CB  CG   sing N N 288 
PRO CB  HB2  sing N N 289 
PRO CB  HB3  sing N N 290 
PRO CG  CD   sing N N 291 
PRO CG  HG2  sing N N 292 
PRO CG  HG3  sing N N 293 
PRO CD  HD2  sing N N 294 
PRO CD  HD3  sing N N 295 
PRO OXT HXT  sing N N 296 
SER N   CA   sing N N 297 
SER N   H    sing N N 298 
SER N   H2   sing N N 299 
SER CA  C    sing N N 300 
SER CA  CB   sing N N 301 
SER CA  HA   sing N N 302 
SER C   O    doub N N 303 
SER C   OXT  sing N N 304 
SER CB  OG   sing N N 305 
SER CB  HB2  sing N N 306 
SER CB  HB3  sing N N 307 
SER OG  HG   sing N N 308 
SER OXT HXT  sing N N 309 
THR N   CA   sing N N 310 
THR N   H    sing N N 311 
THR N   H2   sing N N 312 
THR CA  C    sing N N 313 
THR CA  CB   sing N N 314 
THR CA  HA   sing N N 315 
THR C   O    doub N N 316 
THR C   OXT  sing N N 317 
THR CB  OG1  sing N N 318 
THR CB  CG2  sing N N 319 
THR CB  HB   sing N N 320 
THR OG1 HG1  sing N N 321 
THR CG2 HG21 sing N N 322 
THR CG2 HG22 sing N N 323 
THR CG2 HG23 sing N N 324 
THR OXT HXT  sing N N 325 
TRP N   CA   sing N N 326 
TRP N   H    sing N N 327 
TRP N   H2   sing N N 328 
TRP CA  C    sing N N 329 
TRP CA  CB   sing N N 330 
TRP CA  HA   sing N N 331 
TRP C   O    doub N N 332 
TRP C   OXT  sing N N 333 
TRP CB  CG   sing N N 334 
TRP CB  HB2  sing N N 335 
TRP CB  HB3  sing N N 336 
TRP CG  CD1  doub Y N 337 
TRP CG  CD2  sing Y N 338 
TRP CD1 NE1  sing Y N 339 
TRP CD1 HD1  sing N N 340 
TRP CD2 CE2  doub Y N 341 
TRP CD2 CE3  sing Y N 342 
TRP NE1 CE2  sing Y N 343 
TRP NE1 HE1  sing N N 344 
TRP CE2 CZ2  sing Y N 345 
TRP CE3 CZ3  doub Y N 346 
TRP CE3 HE3  sing N N 347 
TRP CZ2 CH2  doub Y N 348 
TRP CZ2 HZ2  sing N N 349 
TRP CZ3 CH2  sing Y N 350 
TRP CZ3 HZ3  sing N N 351 
TRP CH2 HH2  sing N N 352 
TRP OXT HXT  sing N N 353 
TYR N   CA   sing N N 354 
TYR N   H    sing N N 355 
TYR N   H2   sing N N 356 
TYR CA  C    sing N N 357 
TYR CA  CB   sing N N 358 
TYR CA  HA   sing N N 359 
TYR C   O    doub N N 360 
TYR C   OXT  sing N N 361 
TYR CB  CG   sing N N 362 
TYR CB  HB2  sing N N 363 
TYR CB  HB3  sing N N 364 
TYR CG  CD1  doub Y N 365 
TYR CG  CD2  sing Y N 366 
TYR CD1 CE1  sing Y N 367 
TYR CD1 HD1  sing N N 368 
TYR CD2 CE2  doub Y N 369 
TYR CD2 HD2  sing N N 370 
TYR CE1 CZ   doub Y N 371 
TYR CE1 HE1  sing N N 372 
TYR CE2 CZ   sing Y N 373 
TYR CE2 HE2  sing N N 374 
TYR CZ  OH   sing N N 375 
TYR OH  HH   sing N N 376 
TYR OXT HXT  sing N N 377 
VAL N   CA   sing N N 378 
VAL N   H    sing N N 379 
VAL N   H2   sing N N 380 
VAL CA  C    sing N N 381 
VAL CA  CB   sing N N 382 
VAL CA  HA   sing N N 383 
VAL C   O    doub N N 384 
VAL C   OXT  sing N N 385 
VAL CB  CG1  sing N N 386 
VAL CB  CG2  sing N N 387 
VAL CB  HB   sing N N 388 
VAL CG1 HG11 sing N N 389 
VAL CG1 HG12 sing N N 390 
VAL CG1 HG13 sing N N 391 
VAL CG2 HG21 sing N N 392 
VAL CG2 HG22 sing N N 393 
VAL CG2 HG23 sing N N 394 
VAL OXT HXT  sing N N 395 
# 
_pdbx_initial_refinement_model.id               1 
_pdbx_initial_refinement_model.entity_id_list   ? 
_pdbx_initial_refinement_model.type             'experimental model' 
_pdbx_initial_refinement_model.source_name      PDB 
_pdbx_initial_refinement_model.accession_code   1YH2 
_pdbx_initial_refinement_model.details          ? 
# 
_atom_sites.entry_id                    5NGZ 
_atom_sites.fract_transf_matrix[1][1]   0.01036484 
_atom_sites.fract_transf_matrix[1][2]   0.00594167 
_atom_sites.fract_transf_matrix[1][3]   -0.01335102 
_atom_sites.fract_transf_matrix[2][1]   0.01277812 
_atom_sites.fract_transf_matrix[2][2]   0.00425679 
_atom_sites.fract_transf_matrix[2][3]   0.01181450 
_atom_sites.fract_transf_matrix[3][1]   0.00213589 
_atom_sites.fract_transf_matrix[3][2]   -0.00492744 
_atom_sites.fract_transf_matrix[3][3]   -0.00053473 
_atom_sites.fract_transf_vector[1]      0.070319 
_atom_sites.fract_transf_vector[2]      0.330209 
_atom_sites.fract_transf_vector[3]      0.061468 
# 
loop_
_atom_type.symbol 
C 
N 
O 
S 
# 
loop_
_atom_site.group_PDB 
_atom_site.id 
_atom_site.type_symbol 
_atom_site.label_atom_id 
_atom_site.label_alt_id 
_atom_site.label_comp_id 
_atom_site.label_asym_id 
_atom_site.label_entity_id 
_atom_site.label_seq_id 
_atom_site.pdbx_PDB_ins_code 
_atom_site.Cartn_x 
_atom_site.Cartn_y 
_atom_site.Cartn_z 
_atom_site.occupancy 
_atom_site.B_iso_or_equiv 
_atom_site.pdbx_formal_charge 
_atom_site.auth_seq_id 
_atom_site.auth_comp_id 
_atom_site.auth_asym_id 
_atom_site.auth_atom_id 
_atom_site.pdbx_PDB_model_num 
ATOM   1    N N   . GLN A 1 2   ? 5.582   -21.209 -14.931 1.00 84.04  ? 2   GLN A N   1 
ATOM   2    C CA  . GLN A 1 2   ? 6.529   -20.193 -14.360 1.00 87.98  ? 2   GLN A CA  1 
ATOM   3    C C   . GLN A 1 2   ? 5.828   -19.164 -13.466 1.00 79.68  ? 2   GLN A C   1 
ATOM   4    O O   . GLN A 1 2   ? 6.308   -18.868 -12.370 1.00 76.01  ? 2   GLN A O   1 
ATOM   5    C CB  . GLN A 1 2   ? 7.298   -19.465 -15.478 1.00 95.16  ? 2   GLN A CB  1 
ATOM   6    C CG  . GLN A 1 2   ? 8.266   -18.370 -14.999 1.00 100.38 ? 2   GLN A CG  1 
ATOM   7    C CD  . GLN A 1 2   ? 8.985   -17.650 -16.137 1.00 102.86 ? 2   GLN A CD  1 
ATOM   8    O OE1 . GLN A 1 2   ? 8.894   -18.044 -17.303 1.00 98.58  ? 2   GLN A OE1 1 
ATOM   9    N NE2 . GLN A 1 2   ? 9.702   -16.582 -15.799 1.00 98.97  ? 2   GLN A NE2 1 
ATOM   10   N N   . ARG A 1 3   ? 4.729   -18.597 -13.967 1.00 72.60  ? 3   ARG A N   1 
ATOM   11   C CA  . ARG A 1 3   ? 3.952   -17.593 -13.230 1.00 73.70  ? 3   ARG A CA  1 
ATOM   12   C C   . ARG A 1 3   ? 3.250   -18.256 -12.053 1.00 72.22  ? 3   ARG A C   1 
ATOM   13   O O   . ARG A 1 3   ? 3.475   -17.876 -10.902 1.00 72.37  ? 3   ARG A O   1 
ATOM   14   C CB  . ARG A 1 3   ? 2.930   -16.913 -14.151 1.00 71.33  ? 3   ARG A CB  1 
ATOM   15   C CG  . ARG A 1 3   ? 2.011   -15.897 -13.485 1.00 71.06  ? 3   ARG A CG  1 
ATOM   16   C CD  . ARG A 1 3   ? 1.180   -15.213 -14.554 1.00 74.25  ? 3   ARG A CD  1 
ATOM   17   N NE  . ARG A 1 3   ? 0.199   -14.257 -14.035 1.00 75.43  ? 3   ARG A NE  1 
ATOM   18   C CZ  . ARG A 1 3   ? -1.051  -14.543 -13.665 1.00 79.21  ? 3   ARG A CZ  1 
ATOM   19   N NH1 . ARG A 1 3   ? -1.526  -15.786 -13.712 1.00 83.95  ? 3   ARG A NH1 1 
ATOM   20   N NH2 . ARG A 1 3   ? -1.841  -13.569 -13.225 1.00 80.41  ? 3   ARG A NH2 1 
ATOM   21   N N   . ALA A 1 4   ? 2.423   -19.257 -12.359 1.00 70.47  ? 4   ALA A N   1 
ATOM   22   C CA  . ALA A 1 4   ? 1.746   -20.076 -11.343 1.00 71.31  ? 4   ALA A CA  1 
ATOM   23   C C   . ALA A 1 4   ? 2.734   -20.597 -10.298 1.00 69.56  ? 4   ALA A C   1 
ATOM   24   O O   . ALA A 1 4   ? 2.476   -20.532 -9.097  1.00 70.71  ? 4   ALA A O   1 
ATOM   25   C CB  . ALA A 1 4   ? 1.014   -21.238 -12.002 1.00 70.85  ? 4   ALA A CB  1 
ATOM   26   N N   . SER A 1 5   ? 3.879   -21.072 -10.771 1.00 66.66  ? 5   SER A N   1 
ATOM   27   C CA  . SER A 1 5   ? 4.926   -21.610 -9.908  1.00 65.53  ? 5   SER A CA  1 
ATOM   28   C C   . SER A 1 5   ? 5.489   -20.568 -8.944  1.00 63.24  ? 5   SER A C   1 
ATOM   29   O O   . SER A 1 5   ? 5.737   -20.863 -7.774  1.00 60.97  ? 5   SER A O   1 
ATOM   30   C CB  . SER A 1 5   ? 6.048   -22.179 -10.776 1.00 69.05  ? 5   SER A CB  1 
ATOM   31   O OG  . SER A 1 5   ? 6.966   -22.914 -9.996  1.00 77.33  ? 5   SER A OG  1 
ATOM   32   N N   . ARG A 1 6   ? 5.693   -19.352 -9.446  1.00 61.48  ? 6   ARG A N   1 
ATOM   33   C CA  . ARG A 1 6   ? 6.210   -18.246 -8.631  1.00 60.75  ? 6   ARG A CA  1 
ATOM   34   C C   . ARG A 1 6   ? 5.184   -17.745 -7.602  1.00 53.56  ? 6   ARG A C   1 
ATOM   35   O O   . ARG A 1 6   ? 5.552   -17.412 -6.478  1.00 48.77  ? 6   ARG A O   1 
ATOM   36   C CB  . ARG A 1 6   ? 6.649   -17.071 -9.521  1.00 62.21  ? 6   ARG A CB  1 
ATOM   37   C CG  . ARG A 1 6   ? 7.505   -16.037 -8.795  1.00 63.26  ? 6   ARG A CG  1 
ATOM   38   C CD  . ARG A 1 6   ? 7.316   -14.650 -9.367  1.00 68.80  ? 6   ARG A CD  1 
ATOM   39   N NE  . ARG A 1 6   ? 7.822   -13.611 -8.460  1.00 72.75  ? 6   ARG A NE  1 
ATOM   40   C CZ  . ARG A 1 6   ? 8.953   -12.915 -8.605  1.00 71.12  ? 6   ARG A CZ  1 
ATOM   41   N NH1 . ARG A 1 6   ? 9.769   -13.107 -9.641  1.00 69.80  ? 6   ARG A NH1 1 
ATOM   42   N NH2 . ARG A 1 6   ? 9.273   -12.003 -7.692  1.00 70.14  ? 6   ARG A NH2 1 
ATOM   43   N N   . LEU A 1 7   ? 3.920   -17.651 -8.005  1.00 49.58  ? 7   LEU A N   1 
ATOM   44   C CA  . LEU A 1 7   ? 2.846   -17.245 -7.090  1.00 53.10  ? 7   LEU A CA  1 
ATOM   45   C C   . LEU A 1 7   ? 2.676   -18.180 -5.873  1.00 54.34  ? 7   LEU A C   1 
ATOM   46   O O   . LEU A 1 7   ? 2.400   -17.701 -4.768  1.00 54.79  ? 7   LEU A O   1 
ATOM   47   C CB  . LEU A 1 7   ? 1.515   -17.100 -7.842  1.00 54.70  ? 7   LEU A CB  1 
ATOM   48   C CG  . LEU A 1 7   ? 1.396   -15.909 -8.801  1.00 56.85  ? 7   LEU A CG  1 
ATOM   49   C CD1 . LEU A 1 7   ? -0.013  -15.816 -9.362  1.00 53.55  ? 7   LEU A CD1 1 
ATOM   50   C CD2 . LEU A 1 7   ? 1.783   -14.603 -8.113  1.00 59.32  ? 7   LEU A CD2 1 
ATOM   51   N N   . LYS A 1 8   ? 2.852   -19.485 -6.077  1.00 50.28  ? 8   LYS A N   1 
ATOM   52   C CA  . LYS A 1 8   ? 2.820   -20.449 -4.981  1.00 50.74  ? 8   LYS A CA  1 
ATOM   53   C C   . LYS A 1 8   ? 3.934   -20.219 -3.979  1.00 51.61  ? 8   LYS A C   1 
ATOM   54   O O   . LYS A 1 8   ? 3.718   -20.292 -2.772  1.00 51.01  ? 8   LYS A O   1 
ATOM   55   C CB  . LYS A 1 8   ? 2.906   -21.874 -5.514  1.00 53.61  ? 8   LYS A CB  1 
ATOM   56   C CG  . LYS A 1 8   ? 1.661   -22.299 -6.270  1.00 55.46  ? 8   LYS A CG  1 
ATOM   57   C CD  . LYS A 1 8   ? 1.831   -23.694 -6.838  1.00 60.98  ? 8   LYS A CD  1 
ATOM   58   C CE  . LYS A 1 8   ? 0.670   -24.049 -7.751  1.00 63.62  ? 8   LYS A CE  1 
ATOM   59   N NZ  . LYS A 1 8   ? 0.874   -25.403 -8.336  1.00 67.66  ? 8   LYS A NZ  1 
ATOM   60   N N   . ARG A 1 9   ? 5.130   -19.937 -4.478  1.00 54.20  ? 9   ARG A N   1 
ATOM   61   C CA  . ARG A 1 9   ? 6.270   -19.638 -3.614  1.00 60.09  ? 9   ARG A CA  1 
ATOM   62   C C   . ARG A 1 9   ? 5.967   -18.386 -2.761  1.00 57.19  ? 9   ARG A C   1 
ATOM   63   O O   . ARG A 1 9   ? 6.220   -18.371 -1.557  1.00 50.34  ? 9   ARG A O   1 
ATOM   64   C CB  . ARG A 1 9   ? 7.528   -19.462 -4.480  1.00 71.03  ? 9   ARG A CB  1 
ATOM   65   C CG  . ARG A 1 9   ? 8.866   -19.399 -3.749  1.00 80.94  ? 9   ARG A CG  1 
ATOM   66   C CD  . ARG A 1 9   ? 9.922   -18.725 -4.636  1.00 90.19  ? 9   ARG A CD  1 
ATOM   67   N NE  . ARG A 1 9   ? 9.840   -17.251 -4.574  1.00 96.62  ? 9   ARG A NE  1 
ATOM   68   C CZ  . ARG A 1 9   ? 10.134  -16.392 -5.562  1.00 98.41  ? 9   ARG A CZ  1 
ATOM   69   N NH1 . ARG A 1 9   ? 10.534  -16.815 -6.764  1.00 101.41 ? 9   ARG A NH1 1 
ATOM   70   N NH2 . ARG A 1 9   ? 10.011  -15.077 -5.350  1.00 92.47  ? 9   ARG A NH2 1 
ATOM   71   N N   . GLU A 1 10  ? 5.372   -17.368 -3.391  1.00 54.96  ? 10  GLU A N   1 
ATOM   72   C CA  . GLU A 1 10  ? 5.071   -16.101 -2.723  1.00 54.73  ? 10  GLU A CA  1 
ATOM   73   C C   . GLU A 1 10  ? 3.952   -16.253 -1.691  1.00 50.84  ? 10  GLU A C   1 
ATOM   74   O O   . GLU A 1 10  ? 4.107   -15.832 -0.548  1.00 47.19  ? 10  GLU A O   1 
ATOM   75   C CB  . GLU A 1 10  ? 4.706   -15.007 -3.738  1.00 57.51  ? 10  GLU A CB  1 
ATOM   76   C CG  . GLU A 1 10  ? 5.853   -14.600 -4.672  1.00 58.78  ? 10  GLU A CG  1 
ATOM   77   C CD  . GLU A 1 10  ? 5.771   -13.162 -5.171  1.00 57.62  ? 10  GLU A CD  1 
ATOM   78   O OE1 . GLU A 1 10  ? 5.262   -12.294 -4.434  1.00 56.62  ? 10  GLU A OE1 1 
ATOM   79   O OE2 . GLU A 1 10  ? 6.231   -12.887 -6.302  1.00 57.39  ? 10  GLU A OE2 1 
ATOM   80   N N   . LEU A 1 11  ? 2.837   -16.854 -2.091  1.00 48.51  ? 11  LEU A N   1 
ATOM   81   C CA  . LEU A 1 11  ? 1.743   -17.125 -1.147  1.00 53.01  ? 11  LEU A CA  1 
ATOM   82   C C   . LEU A 1 11  ? 2.212   -17.892 0.099   1.00 50.44  ? 11  LEU A C   1 
ATOM   83   O O   . LEU A 1 11  ? 1.880   -17.499 1.215   1.00 46.76  ? 11  LEU A O   1 
ATOM   84   C CB  . LEU A 1 11  ? 0.591   -17.872 -1.820  1.00 55.12  ? 11  LEU A CB  1 
ATOM   85   C CG  . LEU A 1 11  ? -0.197  -17.060 -2.848  1.00 58.45  ? 11  LEU A CG  1 
ATOM   86   C CD1 . LEU A 1 11  ? -1.210  -17.960 -3.527  1.00 60.94  ? 11  LEU A CD1 1 
ATOM   87   C CD2 . LEU A 1 11  ? -0.879  -15.852 -2.225  1.00 60.44  ? 11  LEU A CD2 1 
ATOM   88   N N   . HIS A 1 12  ? 3.023   -18.928 -0.098  1.00 47.71  ? 12  HIS A N   1 
ATOM   89   C CA  . HIS A 1 12  ? 3.610   -19.661 1.005   1.00 48.18  ? 12  HIS A CA  1 
ATOM   90   C C   . HIS A 1 12  ? 4.358   -18.763 1.965   1.00 49.16  ? 12  HIS A C   1 
ATOM   91   O O   . HIS A 1 12  ? 4.184   -18.885 3.177   1.00 50.12  ? 12  HIS A O   1 
ATOM   92   C CB  . HIS A 1 12  ? 4.558   -20.771 0.523   1.00 51.74  ? 12  HIS A CB  1 
ATOM   93   C CG  . HIS A 1 12  ? 5.227   -21.493 1.648   1.00 55.10  ? 12  HIS A CG  1 
ATOM   94   N ND1 . HIS A 1 12  ? 4.627   -22.538 2.318   1.00 57.22  ? 12  HIS A ND1 1 
ATOM   95   C CD2 . HIS A 1 12  ? 6.407   -21.267 2.277   1.00 58.65  ? 12  HIS A CD2 1 
ATOM   96   C CE1 . HIS A 1 12  ? 5.422   -22.945 3.292   1.00 58.79  ? 12  HIS A CE1 1 
ATOM   97   N NE2 . HIS A 1 12  ? 6.507   -22.190 3.290   1.00 59.24  ? 12  HIS A NE2 1 
ATOM   98   N N   . MET A 1 13  ? 5.200   -17.886 1.426   1.00 51.01  ? 13  MET A N   1 
ATOM   99   C CA  . MET A 1 13  ? 6.023   -16.977 2.236   1.00 55.33  ? 13  MET A CA  1 
ATOM   100  C C   . MET A 1 13  ? 5.189   -15.960 2.992   1.00 51.60  ? 13  MET A C   1 
ATOM   101  O O   . MET A 1 13  ? 5.528   -15.594 4.122   1.00 52.73  ? 13  MET A O   1 
ATOM   102  C CB  . MET A 1 13  ? 7.031   -16.201 1.360   1.00 63.64  ? 13  MET A CB  1 
ATOM   103  C CG  . MET A 1 13  ? 8.105   -17.048 0.681   1.00 71.01  ? 13  MET A CG  1 
ATOM   104  S SD  . MET A 1 13  ? 9.213   -17.877 1.833   1.00 76.60  ? 13  MET A SD  1 
ATOM   105  C CE  . MET A 1 13  ? 10.079  -16.484 2.566   1.00 76.93  ? 13  MET A CE  1 
ATOM   106  N N   . LEU A 1 14  ? 4.137   -15.469 2.351   1.00 49.72  ? 14  LEU A N   1 
ATOM   107  C CA  . LEU A 1 14  ? 3.224   -14.518 2.985   1.00 55.29  ? 14  LEU A CA  1 
ATOM   108  C C   . LEU A 1 14  ? 2.404   -15.168 4.108   1.00 57.45  ? 14  LEU A C   1 
ATOM   109  O O   . LEU A 1 14  ? 2.145   -14.532 5.123   1.00 57.85  ? 14  LEU A O   1 
ATOM   110  C CB  . LEU A 1 14  ? 2.289   -13.876 1.946   1.00 55.08  ? 14  LEU A CB  1 
ATOM   111  C CG  . LEU A 1 14  ? 2.993   -12.942 0.948   1.00 56.19  ? 14  LEU A CG  1 
ATOM   112  C CD1 . LEU A 1 14  ? 2.118   -12.702 -0.279  1.00 55.89  ? 14  LEU A CD1 1 
ATOM   113  C CD2 . LEU A 1 14  ? 3.384   -11.623 1.603   1.00 55.44  ? 14  LEU A CD2 1 
ATOM   114  N N   . ALA A 1 15  ? 2.013   -16.426 3.918   1.00 56.55  ? 15  ALA A N   1 
ATOM   115  C CA  . ALA A 1 15  ? 1.306   -17.182 4.947   1.00 58.26  ? 15  ALA A CA  1 
ATOM   116  C C   . ALA A 1 15  ? 2.178   -17.495 6.158   1.00 60.99  ? 15  ALA A C   1 
ATOM   117  O O   . ALA A 1 15  ? 1.693   -17.416 7.285   1.00 66.52  ? 15  ALA A O   1 
ATOM   118  C CB  . ALA A 1 15  ? 0.733   -18.464 4.365   1.00 57.64  ? 15  ALA A CB  1 
ATOM   119  N N   . THR A 1 16  ? 3.456   -17.812 5.937   1.00 62.43  ? 16  THR A N   1 
ATOM   120  C CA  . THR A 1 16  ? 4.337   -18.346 6.995   1.00 64.70  ? 16  THR A CA  1 
ATOM   121  C C   . THR A 1 16  ? 5.310   -17.338 7.616   1.00 68.09  ? 16  THR A C   1 
ATOM   122  O O   . THR A 1 16  ? 5.531   -17.365 8.828   1.00 69.50  ? 16  THR A O   1 
ATOM   123  C CB  . THR A 1 16  ? 5.143   -19.557 6.475   1.00 64.75  ? 16  THR A CB  1 
ATOM   124  O OG1 . THR A 1 16  ? 5.954   -19.166 5.353   1.00 71.24  ? 16  THR A OG1 1 
ATOM   125  C CG2 . THR A 1 16  ? 4.196   -20.677 6.054   1.00 62.26  ? 16  THR A CG2 1 
ATOM   126  N N   . GLU A 1 17  ? 5.900   -16.475 6.788   1.00 71.40  ? 17  GLU A N   1 
ATOM   127  C CA  . GLU A 1 17  ? 6.817   -15.420 7.246   1.00 74.79  ? 17  GLU A CA  1 
ATOM   128  C C   . GLU A 1 17  ? 6.392   -14.037 6.735   1.00 70.69  ? 17  GLU A C   1 
ATOM   129  O O   . GLU A 1 17  ? 7.177   -13.364 6.074   1.00 64.06  ? 17  GLU A O   1 
ATOM   130  C CB  . GLU A 1 17  ? 8.242   -15.700 6.751   1.00 80.25  ? 17  GLU A CB  1 
ATOM   131  C CG  . GLU A 1 17  ? 8.990   -16.817 7.451   1.00 87.51  ? 17  GLU A CG  1 
ATOM   132  C CD  . GLU A 1 17  ? 10.383  -17.041 6.863   1.00 95.67  ? 17  GLU A CD  1 
ATOM   133  O OE1 . GLU A 1 17  ? 10.710  -16.448 5.803   1.00 96.57  ? 17  GLU A OE1 1 
ATOM   134  O OE2 . GLU A 1 17  ? 11.161  -17.822 7.459   1.00 100.01 ? 17  GLU A OE2 1 
ATOM   135  N N   . PRO A 1 18  ? 5.155   -13.594 7.045   1.00 70.50  ? 18  PRO A N   1 
ATOM   136  C CA  . PRO A 1 18  ? 4.763   -12.257 6.587   1.00 65.43  ? 18  PRO A CA  1 
ATOM   137  C C   . PRO A 1 18  ? 5.591   -11.157 7.249   1.00 67.24  ? 18  PRO A C   1 
ATOM   138  O O   . PRO A 1 18  ? 6.065   -11.352 8.365   1.00 70.44  ? 18  PRO A O   1 
ATOM   139  C CB  . PRO A 1 18  ? 3.304   -12.143 7.022   1.00 65.65  ? 18  PRO A CB  1 
ATOM   140  C CG  . PRO A 1 18  ? 3.145   -13.117 8.136   1.00 68.05  ? 18  PRO A CG  1 
ATOM   141  C CD  . PRO A 1 18  ? 4.102   -14.234 7.856   1.00 68.88  ? 18  PRO A CD  1 
ATOM   142  N N   . PRO A 1 19  ? 5.771   -10.004 6.574   1.00 67.74  ? 19  PRO A N   1 
ATOM   143  C CA  . PRO A 1 19  ? 6.484   -8.914  7.245   1.00 61.97  ? 19  PRO A CA  1 
ATOM   144  C C   . PRO A 1 19  ? 5.719   -8.367  8.459   1.00 60.31  ? 19  PRO A C   1 
ATOM   145  O O   . PRO A 1 19  ? 4.490   -8.482  8.516   1.00 59.27  ? 19  PRO A O   1 
ATOM   146  C CB  . PRO A 1 19  ? 6.612   -7.843  6.154   1.00 65.08  ? 19  PRO A CB  1 
ATOM   147  C CG  . PRO A 1 19  ? 6.398   -8.560  4.863   1.00 65.31  ? 19  PRO A CG  1 
ATOM   148  C CD  . PRO A 1 19  ? 5.435   -9.661  5.179   1.00 66.37  ? 19  PRO A CD  1 
ATOM   149  N N   . PRO A 1 20  ? 6.437   -7.794  9.442   1.00 60.50  ? 20  PRO A N   1 
ATOM   150  C CA  . PRO A 1 20  ? 5.734   -7.261  10.616  1.00 61.70  ? 20  PRO A CA  1 
ATOM   151  C C   . PRO A 1 20  ? 4.669   -6.225  10.240  1.00 60.62  ? 20  PRO A C   1 
ATOM   152  O O   . PRO A 1 20  ? 4.973   -5.269  9.523   1.00 64.39  ? 20  PRO A O   1 
ATOM   153  C CB  . PRO A 1 20  ? 6.859   -6.610  11.442  1.00 61.02  ? 20  PRO A CB  1 
ATOM   154  C CG  . PRO A 1 20  ? 8.099   -7.326  11.025  1.00 63.50  ? 20  PRO A CG  1 
ATOM   155  C CD  . PRO A 1 20  ? 7.903   -7.690  9.578   1.00 62.02  ? 20  PRO A CD  1 
ATOM   156  N N   . GLY A 1 21  ? 3.442   -6.444  10.694  1.00 56.44  ? 21  GLY A N   1 
ATOM   157  C CA  . GLY A 1 21  ? 2.330   -5.536  10.436  1.00 56.52  ? 21  GLY A CA  1 
ATOM   158  C C   . GLY A 1 21  ? 1.510   -5.840  9.192   1.00 55.97  ? 21  GLY A C   1 
ATOM   159  O O   . GLY A 1 21  ? 0.461   -5.225  8.977   1.00 59.11  ? 21  GLY A O   1 
ATOM   160  N N   . ILE A 1 22  ? 1.948   -6.806  8.393   1.00 51.38  ? 22  ILE A N   1 
ATOM   161  C CA  . ILE A 1 22  ? 1.378   -7.021  7.075   1.00 50.53  ? 22  ILE A CA  1 
ATOM   162  C C   . ILE A 1 22  ? 0.831   -8.431  6.940   1.00 47.81  ? 22  ILE A C   1 
ATOM   163  O O   . ILE A 1 22  ? 1.481   -9.384  7.341   1.00 50.12  ? 22  ILE A O   1 
ATOM   164  C CB  . ILE A 1 22  ? 2.433   -6.742  5.961   1.00 48.39  ? 22  ILE A CB  1 
ATOM   165  C CG1 . ILE A 1 22  ? 2.683   -5.236  5.876   1.00 50.04  ? 22  ILE A CG1 1 
ATOM   166  C CG2 . ILE A 1 22  ? 1.962   -7.284  4.603   1.00 47.48  ? 22  ILE A CG2 1 
ATOM   167  C CD1 . ILE A 1 22  ? 3.905   -4.827  5.074   1.00 50.27  ? 22  ILE A CD1 1 
ATOM   168  N N   . THR A 1 23  ? -0.337  -8.533  6.311   1.00 47.35  ? 23  THR A N   1 
ATOM   169  C CA  . THR A 1 23  ? -1.008  -9.795  6.035   1.00 51.23  ? 23  THR A CA  1 
ATOM   170  C C   . THR A 1 23  ? -1.493  -9.787  4.590   1.00 47.12  ? 23  THR A C   1 
ATOM   171  O O   . THR A 1 23  ? -1.933  -8.753  4.122   1.00 49.24  ? 23  THR A O   1 
ATOM   172  C CB  . THR A 1 23  ? -2.262  -9.939  6.926   1.00 57.16  ? 23  THR A CB  1 
ATOM   173  O OG1 . THR A 1 23  ? -1.941  -9.609  8.282   1.00 59.15  ? 23  THR A OG1 1 
ATOM   174  C CG2 . THR A 1 23  ? -2.796  -11.336 6.876   1.00 58.93  ? 23  THR A CG2 1 
ATOM   175  N N   . CYS A 1 24  ? -1.453  -10.934 3.914   1.00 45.61  ? 24  CYS A N   1 
ATOM   176  C CA  . CYS A 1 24  ? -1.959  -11.059 2.534   1.00 45.62  ? 24  CYS A CA  1 
ATOM   177  C C   . CYS A 1 24  ? -2.504  -12.465 2.275   1.00 44.00  ? 24  CYS A C   1 
ATOM   178  O O   . CYS A 1 24  ? -1.918  -13.427 2.757   1.00 44.17  ? 24  CYS A O   1 
ATOM   179  C CB  . CYS A 1 24  ? -0.824  -10.743 1.533   1.00 48.78  ? 24  CYS A CB  1 
ATOM   180  S SG  . CYS A 1 24  ? -1.343  -10.731 -0.200  1.00 50.59  ? 24  CYS A SG  1 
ATOM   181  N N   . TRP A 1 25  ? -3.595  -12.592 1.504   1.00 41.85  ? 25  TRP A N   1 
ATOM   182  C CA  . TRP A 1 25  ? -4.312  -13.870 1.384   1.00 42.05  ? 25  TRP A CA  1 
ATOM   183  C C   . TRP A 1 25  ? -5.237  -13.952 0.153   1.00 45.09  ? 25  TRP A C   1 
ATOM   184  O O   . TRP A 1 25  ? -5.666  -12.927 -0.366  1.00 46.34  ? 25  TRP A O   1 
ATOM   185  C CB  . TRP A 1 25  ? -5.153  -14.107 2.680   1.00 41.47  ? 25  TRP A CB  1 
ATOM   186  C CG  . TRP A 1 25  ? -6.365  -13.207 2.773   1.00 40.73  ? 25  TRP A CG  1 
ATOM   187  C CD1 . TRP A 1 25  ? -7.608  -13.448 2.235   1.00 41.50  ? 25  TRP A CD1 1 
ATOM   188  C CD2 . TRP A 1 25  ? -6.436  -11.900 3.371   1.00 37.88  ? 25  TRP A CD2 1 
ATOM   189  N NE1 . TRP A 1 25  ? -8.450  -12.381 2.491   1.00 44.33  ? 25  TRP A NE1 1 
ATOM   190  C CE2 . TRP A 1 25  ? -7.754  -11.422 3.183   1.00 40.34  ? 25  TRP A CE2 1 
ATOM   191  C CE3 . TRP A 1 25  ? -5.518  -11.093 4.054   1.00 39.06  ? 25  TRP A CE3 1 
ATOM   192  C CZ2 . TRP A 1 25  ? -8.168  -10.175 3.642   1.00 41.40  ? 25  TRP A CZ2 1 
ATOM   193  C CZ3 . TRP A 1 25  ? -5.929  -9.861  4.522   1.00 39.01  ? 25  TRP A CZ3 1 
ATOM   194  C CH2 . TRP A 1 25  ? -7.247  -9.409  4.317   1.00 39.73  ? 25  TRP A CH2 1 
ATOM   195  N N   . GLN A 1 26  ? -5.572  -15.177 -0.263  1.00 49.17  ? 26  GLN A N   1 
ATOM   196  C CA  . GLN A 1 26  ? -6.529  -15.439 -1.357  1.00 57.93  ? 26  GLN A CA  1 
ATOM   197  C C   . GLN A 1 26  ? -7.980  -15.234 -0.934  1.00 67.05  ? 26  GLN A C   1 
ATOM   198  O O   . GLN A 1 26  ? -8.459  -15.862 0.015   1.00 75.20  ? 26  GLN A O   1 
ATOM   199  C CB  . GLN A 1 26  ? -6.425  -16.878 -1.882  1.00 57.84  ? 26  GLN A CB  1 
ATOM   200  C CG  . GLN A 1 26  ? -5.180  -17.182 -2.688  1.00 57.38  ? 26  GLN A CG  1 
ATOM   201  C CD  . GLN A 1 26  ? -5.172  -18.596 -3.237  1.00 57.42  ? 26  GLN A CD  1 
ATOM   202  O OE1 . GLN A 1 26  ? -4.308  -19.393 -2.898  1.00 60.74  ? 26  GLN A OE1 1 
ATOM   203  N NE2 . GLN A 1 26  ? -6.137  -18.912 -4.098  1.00 61.93  ? 26  GLN A NE2 1 
ATOM   204  N N   . ASP A 1 27  ? -8.675  -14.386 -1.683  1.00 75.40  ? 27  ASP A N   1 
ATOM   205  C CA  . ASP A 1 27  ? -10.096 -14.116 -1.503  1.00 79.59  ? 27  ASP A CA  1 
ATOM   206  C C   . ASP A 1 27  ? -10.940 -15.355 -1.851  1.00 79.07  ? 27  ASP A C   1 
ATOM   207  O O   . ASP A 1 27  ? -11.852 -15.709 -1.120  1.00 82.79  ? 27  ASP A O   1 
ATOM   208  C CB  . ASP A 1 27  ? -10.485 -12.928 -2.408  1.00 82.69  ? 27  ASP A CB  1 
ATOM   209  C CG  . ASP A 1 27  ? -11.748 -12.219 -1.955  1.00 89.52  ? 27  ASP A CG  1 
ATOM   210  O OD1 . ASP A 1 27  ? -11.757 -11.692 -0.823  1.00 91.25  ? 27  ASP A OD1 1 
ATOM   211  O OD2 . ASP A 1 27  ? -12.722 -12.161 -2.740  1.00 93.80  ? 27  ASP A OD2 1 
ATOM   212  N N   . LYS A 1 28  ? -10.603 -16.007 -2.965  1.00 86.46  ? 28  LYS A N   1 
ATOM   213  C CA  . LYS A 1 28  ? -11.425 -17.049 -3.591  1.00 92.83  ? 28  LYS A CA  1 
ATOM   214  C C   . LYS A 1 28  ? -10.545 -18.292 -3.862  1.00 94.11  ? 28  LYS A C   1 
ATOM   215  O O   . LYS A 1 28  ? -9.756  -18.678 -2.995  1.00 92.18  ? 28  LYS A O   1 
ATOM   216  C CB  . LYS A 1 28  ? -12.042 -16.490 -4.888  1.00 97.57  ? 28  LYS A CB  1 
ATOM   217  C CG  . LYS A 1 28  ? -12.743 -15.141 -4.758  1.00 102.64 ? 28  LYS A CG  1 
ATOM   218  C CD  . LYS A 1 28  ? -12.600 -14.289 -6.011  1.00 102.35 ? 28  LYS A CD  1 
ATOM   219  C CE  . LYS A 1 28  ? -13.184 -12.904 -5.786  1.00 103.55 ? 28  LYS A CE  1 
ATOM   220  N NZ  . LYS A 1 28  ? -13.603 -12.248 -7.053  1.00 105.99 ? 28  LYS A NZ  1 
ATOM   221  N N   . ASP A 1 29  ? -10.709 -18.927 -5.033  1.00 93.90  ? 29  ASP A N   1 
ATOM   222  C CA  . ASP A 1 29  ? -9.862  -20.028 -5.505  1.00 96.80  ? 29  ASP A CA  1 
ATOM   223  C C   . ASP A 1 29  ? -9.114  -19.583 -6.777  1.00 98.06  ? 29  ASP A C   1 
ATOM   224  O O   . ASP A 1 29  ? -9.229  -20.194 -7.848  1.00 98.32  ? 29  ASP A O   1 
ATOM   225  C CB  . ASP A 1 29  ? -10.734 -21.272 -5.773  1.00 99.58  ? 29  ASP A CB  1 
ATOM   226  C CG  . ASP A 1 29  ? -9.929  -22.491 -6.248  1.00 102.87 ? 29  ASP A CG  1 
ATOM   227  O OD1 . ASP A 1 29  ? -8.714  -22.582 -5.967  1.00 107.97 ? 29  ASP A OD1 1 
ATOM   228  O OD2 . ASP A 1 29  ? -10.525 -23.362 -6.917  1.00 102.08 ? 29  ASP A OD2 1 
ATOM   229  N N   . GLN A 1 30  ? -8.372  -18.488 -6.652  1.00 93.76  ? 30  GLN A N   1 
ATOM   230  C CA  . GLN A 1 30  ? -7.465  -18.030 -7.708  1.00 89.03  ? 30  GLN A CA  1 
ATOM   231  C C   . GLN A 1 30  ? -6.289  -17.279 -7.074  1.00 82.83  ? 30  GLN A C   1 
ATOM   232  O O   . GLN A 1 30  ? -6.468  -16.538 -6.107  1.00 77.08  ? 30  GLN A O   1 
ATOM   233  C CB  . GLN A 1 30  ? -8.202  -17.169 -8.751  1.00 90.19  ? 30  GLN A CB  1 
ATOM   234  C CG  . GLN A 1 30  ? -9.042  -16.026 -8.183  1.00 94.61  ? 30  GLN A CG  1 
ATOM   235  C CD  . GLN A 1 30  ? -9.591  -15.067 -9.245  1.00 95.80  ? 30  GLN A CD  1 
ATOM   236  O OE1 . GLN A 1 30  ? -10.795 -14.802 -9.293  1.00 93.23  ? 30  GLN A OE1 1 
ATOM   237  N NE2 . GLN A 1 30  ? -8.707  -14.528 -10.085 1.00 94.82  ? 30  GLN A NE2 1 
ATOM   238  N N   . MET A 1 31  ? -5.087  -17.492 -7.605  1.00 77.20  ? 31  MET A N   1 
ATOM   239  C CA  . MET A 1 31  ? -3.877  -16.904 -7.028  1.00 74.70  ? 31  MET A CA  1 
ATOM   240  C C   . MET A 1 31  ? -3.598  -15.462 -7.474  1.00 69.15  ? 31  MET A C   1 
ATOM   241  O O   . MET A 1 31  ? -2.661  -14.850 -6.973  1.00 66.33  ? 31  MET A O   1 
ATOM   242  C CB  . MET A 1 31  ? -2.655  -17.790 -7.323  1.00 77.91  ? 31  MET A CB  1 
ATOM   243  C CG  . MET A 1 31  ? -2.691  -19.148 -6.636  1.00 78.25  ? 31  MET A CG  1 
ATOM   244  S SD  . MET A 1 31  ? -1.099  -20.007 -6.660  1.00 81.87  ? 31  MET A SD  1 
ATOM   245  C CE  . MET A 1 31  ? -1.072  -20.651 -8.331  1.00 79.90  ? 31  MET A CE  1 
ATOM   246  N N   . ASP A 1 32  ? -4.411  -14.912 -8.375  1.00 66.90  ? 32  ASP A N   1 
ATOM   247  C CA  . ASP A 1 32  ? -4.175  -13.563 -8.930  1.00 73.35  ? 32  ASP A CA  1 
ATOM   248  C C   . ASP A 1 32  ? -5.227  -12.491 -8.537  1.00 73.59  ? 32  ASP A C   1 
ATOM   249  O O   . ASP A 1 32  ? -5.248  -11.396 -9.115  1.00 72.34  ? 32  ASP A O   1 
ATOM   250  C CB  . ASP A 1 32  ? -3.966  -13.637 -10.462 1.00 74.50  ? 32  ASP A CB  1 
ATOM   251  C CG  . ASP A 1 32  ? -5.089  -14.361 -11.202 1.00 76.46  ? 32  ASP A CG  1 
ATOM   252  O OD1 . ASP A 1 32  ? -6.027  -14.904 -10.565 1.00 74.47  ? 32  ASP A OD1 1 
ATOM   253  O OD2 . ASP A 1 32  ? -5.015  -14.389 -12.448 1.00 79.17  ? 32  ASP A OD2 1 
ATOM   254  N N   . ASP A 1 33  ? -6.072  -12.813 -7.552  1.00 74.90  ? 33  ASP A N   1 
ATOM   255  C CA  . ASP A 1 33  ? -7.062  -11.888 -6.983  1.00 73.49  ? 33  ASP A CA  1 
ATOM   256  C C   . ASP A 1 33  ? -6.939  -11.984 -5.465  1.00 65.57  ? 33  ASP A C   1 
ATOM   257  O O   . ASP A 1 33  ? -7.566  -12.822 -4.823  1.00 64.98  ? 33  ASP A O   1 
ATOM   258  C CB  . ASP A 1 33  ? -8.479  -12.241 -7.449  1.00 81.22  ? 33  ASP A CB  1 
ATOM   259  C CG  . ASP A 1 33  ? -9.495  -11.148 -7.130  1.00 91.72  ? 33  ASP A CG  1 
ATOM   260  O OD1 . ASP A 1 33  ? -9.596  -10.182 -7.923  1.00 93.67  ? 33  ASP A OD1 1 
ATOM   261  O OD2 . ASP A 1 33  ? -10.202 -11.264 -6.101  1.00 94.21  ? 33  ASP A OD2 1 
ATOM   262  N N   . LEU A 1 34  ? -6.096  -11.128 -4.906  1.00 57.45  ? 34  LEU A N   1 
ATOM   263  C CA  . LEU A 1 34  ? -5.692  -11.227 -3.519  1.00 51.88  ? 34  LEU A CA  1 
ATOM   264  C C   . LEU A 1 34  ? -6.175  -10.024 -2.747  1.00 50.55  ? 34  LEU A C   1 
ATOM   265  O O   . LEU A 1 34  ? -6.701  -9.056  -3.325  1.00 47.65  ? 34  LEU A O   1 
ATOM   266  C CB  . LEU A 1 34  ? -4.175  -11.321 -3.431  1.00 51.65  ? 34  LEU A CB  1 
ATOM   267  C CG  . LEU A 1 34  ? -3.526  -12.409 -4.289  1.00 52.57  ? 34  LEU A CG  1 
ATOM   268  C CD1 . LEU A 1 34  ? -2.021  -12.207 -4.390  1.00 49.90  ? 34  LEU A CD1 1 
ATOM   269  C CD2 . LEU A 1 34  ? -3.860  -13.791 -3.740  1.00 50.63  ? 34  LEU A CD2 1 
ATOM   270  N N   . ARG A 1 35  ? -6.005  -10.112 -1.432  1.00 46.02  ? 35  ARG A N   1 
ATOM   271  C CA  . ARG A 1 35  ? -6.316  -9.036  -0.517  1.00 49.57  ? 35  ARG A CA  1 
ATOM   272  C C   . ARG A 1 35  ? -5.192  -8.932  0.472   1.00 47.00  ? 35  ARG A C   1 
ATOM   273  O O   . ARG A 1 35  ? -4.500  -9.908  0.741   1.00 47.86  ? 35  ARG A O   1 
ATOM   274  C CB  . ARG A 1 35  ? -7.618  -9.316  0.248   1.00 51.91  ? 35  ARG A CB  1 
ATOM   275  C CG  . ARG A 1 35  ? -8.873  -9.353  -0.603  1.00 55.20  ? 35  ARG A CG  1 
ATOM   276  C CD  . ARG A 1 35  ? -9.250  -7.983  -1.143  1.00 60.86  ? 35  ARG A CD  1 
ATOM   277  N NE  . ARG A 1 35  ? -10.487 -8.040  -1.928  1.00 65.97  ? 35  ARG A NE  1 
ATOM   278  C CZ  . ARG A 1 35  ? -10.599 -8.460  -3.193  1.00 72.40  ? 35  ARG A CZ  1 
ATOM   279  N NH1 . ARG A 1 35  ? -9.540  -8.877  -3.900  1.00 75.79  ? 35  ARG A NH1 1 
ATOM   280  N NH2 . ARG A 1 35  ? -11.799 -8.462  -3.769  1.00 75.69  ? 35  ARG A NH2 1 
ATOM   281  N N   . ALA A 1 36  ? -5.034  -7.751  1.045   1.00 46.02  ? 36  ALA A N   1 
ATOM   282  C CA  . ALA A 1 36  ? -4.034  -7.556  2.076   1.00 45.44  ? 36  ALA A CA  1 
ATOM   283  C C   . ALA A 1 36  ? -4.511  -6.615  3.170   1.00 42.71  ? 36  ALA A C   1 
ATOM   284  O O   . ALA A 1 36  ? -5.567  -5.978  3.060   1.00 40.40  ? 36  ALA A O   1 
ATOM   285  C CB  . ALA A 1 36  ? -2.747  -7.032  1.442   1.00 44.50  ? 36  ALA A CB  1 
ATOM   286  N N   . GLN A 1 37  ? -3.692  -6.505  4.208   1.00 41.13  ? 37  GLN A N   1 
ATOM   287  C CA  . GLN A 1 37  ? -4.003  -5.663  5.330   1.00 45.45  ? 37  GLN A CA  1 
ATOM   288  C C   . GLN A 1 37  ? -2.716  -5.138  5.920   1.00 45.73  ? 37  GLN A C   1 
ATOM   289  O O   . GLN A 1 37  ? -1.765  -5.899  6.103   1.00 46.27  ? 37  GLN A O   1 
ATOM   290  C CB  . GLN A 1 37  ? -4.812  -6.489  6.343   1.00 51.42  ? 37  GLN A CB  1 
ATOM   291  C CG  . GLN A 1 37  ? -4.887  -5.934  7.752   1.00 54.09  ? 37  GLN A CG  1 
ATOM   292  C CD  . GLN A 1 37  ? -5.826  -6.750  8.642   1.00 56.34  ? 37  GLN A CD  1 
ATOM   293  O OE1 . GLN A 1 37  ? -6.974  -7.053  8.275   1.00 52.46  ? 37  GLN A OE1 1 
ATOM   294  N NE2 . GLN A 1 37  ? -5.343  -7.100  9.815   1.00 57.53  ? 37  GLN A NE2 1 
ATOM   295  N N   . ILE A 1 38  ? -2.691  -3.834  6.183   1.00 47.79  ? 38  ILE A N   1 
ATOM   296  C CA  . ILE A 1 38  ? -1.552  -3.165  6.789   1.00 52.28  ? 38  ILE A CA  1 
ATOM   297  C C   . ILE A 1 38  ? -2.062  -2.445  8.019   1.00 56.35  ? 38  ILE A C   1 
ATOM   298  O O   . ILE A 1 38  ? -3.073  -1.736  7.950   1.00 55.66  ? 38  ILE A O   1 
ATOM   299  C CB  . ILE A 1 38  ? -0.893  -2.129  5.847   1.00 53.96  ? 38  ILE A CB  1 
ATOM   300  C CG1 . ILE A 1 38  ? -0.498  -2.777  4.514   1.00 54.03  ? 38  ILE A CG1 1 
ATOM   301  C CG2 . ILE A 1 38  ? 0.337   -1.520  6.514   1.00 54.73  ? 38  ILE A CG2 1 
ATOM   302  C CD1 . ILE A 1 38  ? 0.211   -1.844  3.553   1.00 53.47  ? 38  ILE A CD1 1 
ATOM   303  N N   . LEU A 1 39  ? -1.348  -2.634  9.127   1.00 61.69  ? 39  LEU A N   1 
ATOM   304  C CA  . LEU A 1 39  ? -1.676  -2.009  10.396  1.00 68.50  ? 39  LEU A CA  1 
ATOM   305  C C   . LEU A 1 39  ? -0.961  -0.678  10.469  1.00 66.03  ? 39  LEU A C   1 
ATOM   306  O O   . LEU A 1 39  ? 0.239   -0.608  10.195  1.00 64.83  ? 39  LEU A O   1 
ATOM   307  C CB  . LEU A 1 39  ? -1.210  -2.881  11.574  1.00 72.16  ? 39  LEU A CB  1 
ATOM   308  C CG  . LEU A 1 39  ? -1.704  -4.329  11.675  1.00 74.63  ? 39  LEU A CG  1 
ATOM   309  C CD1 . LEU A 1 39  ? -1.313  -4.902  13.033  1.00 74.95  ? 39  LEU A CD1 1 
ATOM   310  C CD2 . LEU A 1 39  ? -3.206  -4.443  11.446  1.00 74.64  ? 39  LEU A CD2 1 
ATOM   311  N N   . GLY A 1 40  ? -1.691  0.365   10.857  1.00 67.31  ? 40  GLY A N   1 
ATOM   312  C CA  . GLY A 1 40  ? -1.111  1.695   11.032  1.00 69.48  ? 40  GLY A CA  1 
ATOM   313  C C   . GLY A 1 40  ? 0.041   1.677   12.013  1.00 69.59  ? 40  GLY A C   1 
ATOM   314  O O   . GLY A 1 40  ? -0.080  1.114   13.096  1.00 72.55  ? 40  GLY A O   1 
ATOM   315  N N   . GLY A 1 41  ? 1.161   2.279   11.624  1.00 75.12  ? 41  GLY A N   1 
ATOM   316  C CA  . GLY A 1 41  ? 2.368   2.272   12.441  1.00 79.70  ? 41  GLY A CA  1 
ATOM   317  C C   . GLY A 1 41  ? 2.265   3.145   13.676  1.00 84.24  ? 41  GLY A C   1 
ATOM   318  O O   . GLY A 1 41  ? 1.363   3.984   13.785  1.00 79.27  ? 41  GLY A O   1 
ATOM   319  N N   . ALA A 1 42  ? 3.189   2.922   14.610  1.00 92.10  ? 42  ALA A N   1 
ATOM   320  C CA  . ALA A 1 42  ? 3.362   3.778   15.786  1.00 94.76  ? 42  ALA A CA  1 
ATOM   321  C C   . ALA A 1 42  ? 4.271   4.956   15.431  1.00 95.76  ? 42  ALA A C   1 
ATOM   322  O O   . ALA A 1 42  ? 5.149   4.831   14.565  1.00 94.30  ? 42  ALA A O   1 
ATOM   323  C CB  . ALA A 1 42  ? 3.944   2.983   16.944  1.00 97.34  ? 42  ALA A CB  1 
ATOM   324  N N   . ASN A 1 43  ? 4.058   6.081   16.117  1.00 94.34  ? 43  ASN A N   1 
ATOM   325  C CA  . ASN A 1 43  ? 4.608   7.394   15.726  1.00 97.64  ? 43  ASN A CA  1 
ATOM   326  C C   . ASN A 1 43  ? 4.119   7.861   14.345  1.00 90.35  ? 43  ASN A C   1 
ATOM   327  O O   . ASN A 1 43  ? 4.862   8.500   13.590  1.00 88.98  ? 43  ASN A O   1 
ATOM   328  C CB  . ASN A 1 43  ? 6.149   7.421   15.792  1.00 102.49 ? 43  ASN A CB  1 
ATOM   329  C CG  . ASN A 1 43  ? 6.687   7.013   17.150  1.00 104.92 ? 43  ASN A CG  1 
ATOM   330  O OD1 . ASN A 1 43  ? 5.999   7.128   18.166  1.00 104.11 ? 43  ASN A OD1 1 
ATOM   331  N ND2 . ASN A 1 43  ? 7.929   6.536   17.176  1.00 106.95 ? 43  ASN A ND2 1 
ATOM   332  N N   . THR A 1 44  ? 2.871   7.512   14.026  1.00 82.57  ? 44  THR A N   1 
ATOM   333  C CA  . THR A 1 44  ? 2.177   7.995   12.833  1.00 75.18  ? 44  THR A CA  1 
ATOM   334  C C   . THR A 1 44  ? 0.725   8.263   13.227  1.00 72.17  ? 44  THR A C   1 
ATOM   335  O O   . THR A 1 44  ? 0.215   7.626   14.148  1.00 70.50  ? 44  THR A O   1 
ATOM   336  C CB  . THR A 1 44  ? 2.191   6.980   11.644  1.00 72.36  ? 44  THR A CB  1 
ATOM   337  O OG1 . THR A 1 44  ? 1.218   5.944   11.850  1.00 62.66  ? 44  THR A OG1 1 
ATOM   338  C CG2 . THR A 1 44  ? 3.575   6.363   11.424  1.00 69.11  ? 44  THR A CG2 1 
ATOM   339  N N   . PRO A 1 45  ? 0.044   9.184   12.518  1.00 72.59  ? 45  PRO A N   1 
ATOM   340  C CA  . PRO A 1 45  ? -1.377  9.425   12.800  1.00 72.37  ? 45  PRO A CA  1 
ATOM   341  C C   . PRO A 1 45  ? -2.307  8.256   12.467  1.00 71.72  ? 45  PRO A C   1 
ATOM   342  O O   . PRO A 1 45  ? -3.459  8.253   12.899  1.00 70.51  ? 45  PRO A O   1 
ATOM   343  C CB  . PRO A 1 45  ? -1.711  10.636  11.921  1.00 75.95  ? 45  PRO A CB  1 
ATOM   344  C CG  . PRO A 1 45  ? -0.675  10.640  10.846  1.00 75.37  ? 45  PRO A CG  1 
ATOM   345  C CD  . PRO A 1 45  ? 0.565   10.104  11.488  1.00 75.00  ? 45  PRO A CD  1 
ATOM   346  N N   . TYR A 1 46  ? -1.803  7.281   11.710  1.00 72.22  ? 46  TYR A N   1 
ATOM   347  C CA  . TYR A 1 46  ? -2.571  6.105   11.292  1.00 70.01  ? 46  TYR A CA  1 
ATOM   348  C C   . TYR A 1 46  ? -2.633  5.002   12.368  1.00 74.71  ? 46  TYR A C   1 
ATOM   349  O O   . TYR A 1 46  ? -3.408  4.057   12.226  1.00 74.35  ? 46  TYR A O   1 
ATOM   350  C CB  . TYR A 1 46  ? -1.995  5.564   9.968   1.00 64.82  ? 46  TYR A CB  1 
ATOM   351  C CG  . TYR A 1 46  ? -1.829  6.659   8.924   1.00 59.91  ? 46  TYR A CG  1 
ATOM   352  C CD1 . TYR A 1 46  ? -2.943  7.310   8.393   1.00 57.12  ? 46  TYR A CD1 1 
ATOM   353  C CD2 . TYR A 1 46  ? -0.566  7.083   8.516   1.00 54.59  ? 46  TYR A CD2 1 
ATOM   354  C CE1 . TYR A 1 46  ? -2.807  8.328   7.478   1.00 55.13  ? 46  TYR A CE1 1 
ATOM   355  C CE2 . TYR A 1 46  ? -0.424  8.105   7.596   1.00 54.91  ? 46  TYR A CE2 1 
ATOM   356  C CZ  . TYR A 1 46  ? -1.544  8.720   7.079   1.00 53.99  ? 46  TYR A CZ  1 
ATOM   357  O OH  . TYR A 1 46  ? -1.406  9.735   6.161   1.00 54.08  ? 46  TYR A OH  1 
ATOM   358  N N   . GLU A 1 47  ? -1.833  5.148   13.431  1.00 81.22  ? 47  GLU A N   1 
ATOM   359  C CA  . GLU A 1 47  ? -1.755  4.210   14.573  1.00 83.93  ? 47  GLU A CA  1 
ATOM   360  C C   . GLU A 1 47  ? -3.097  3.676   15.083  1.00 80.44  ? 47  GLU A C   1 
ATOM   361  O O   . GLU A 1 47  ? -4.072  4.416   15.191  1.00 77.73  ? 47  GLU A O   1 
ATOM   362  C CB  . GLU A 1 47  ? -1.021  4.886   15.735  1.00 89.71  ? 47  GLU A CB  1 
ATOM   363  C CG  . GLU A 1 47  ? -0.593  3.954   16.857  1.00 98.59  ? 47  GLU A CG  1 
ATOM   364  C CD  . GLU A 1 47  ? 0.328   4.620   17.875  1.00 106.20 ? 47  GLU A CD  1 
ATOM   365  O OE1 . GLU A 1 47  ? 0.571   4.000   18.930  1.00 117.11 ? 47  GLU A OE1 1 
ATOM   366  O OE2 . GLU A 1 47  ? 0.823   5.750   17.638  1.00 105.26 ? 47  GLU A OE2 1 
ATOM   367  N N   . LYS A 1 48  ? -3.122  2.380   15.393  1.00 84.40  ? 48  LYS A N   1 
ATOM   368  C CA  . LYS A 1 48  ? -4.333  1.675   15.845  1.00 85.84  ? 48  LYS A CA  1 
ATOM   369  C C   . LYS A 1 48  ? -5.417  1.544   14.762  1.00 84.78  ? 48  LYS A C   1 
ATOM   370  O O   . LYS A 1 48  ? -6.563  1.208   15.076  1.00 84.23  ? 48  LYS A O   1 
ATOM   371  C CB  . LYS A 1 48  ? -4.914  2.334   17.111  1.00 86.53  ? 48  LYS A CB  1 
ATOM   372  N N   . GLY A 1 49  ? -5.051  1.781   13.497  1.00 80.52  ? 49  GLY A N   1 
ATOM   373  C CA  . GLY A 1 49  ? -5.964  1.641   12.360  1.00 74.35  ? 49  GLY A CA  1 
ATOM   374  C C   . GLY A 1 49  ? -5.622  0.390   11.570  1.00 67.02  ? 49  GLY A C   1 
ATOM   375  O O   . GLY A 1 49  ? -4.472  -0.047  11.552  1.00 65.53  ? 49  GLY A O   1 
ATOM   376  N N   . VAL A 1 50  ? -6.632  -0.173  10.919  1.00 61.92  ? 50  VAL A N   1 
ATOM   377  C CA  . VAL A 1 50  ? -6.495  -1.371  10.096  1.00 62.87  ? 50  VAL A CA  1 
ATOM   378  C C   . VAL A 1 50  ? -6.942  -1.007  8.682   1.00 59.68  ? 50  VAL A C   1 
ATOM   379  O O   . VAL A 1 50  ? -8.125  -0.693  8.462   1.00 56.36  ? 50  VAL A O   1 
ATOM   380  C CB  . VAL A 1 50  ? -7.363  -2.541  10.644  1.00 65.90  ? 50  VAL A CB  1 
ATOM   381  C CG1 . VAL A 1 50  ? -7.277  -3.774  9.743   1.00 66.92  ? 50  VAL A CG1 1 
ATOM   382  C CG2 . VAL A 1 50  ? -6.927  -2.907  12.061  1.00 67.46  ? 50  VAL A CG2 1 
ATOM   383  N N   . PHE A 1 51  ? -5.998  -1.063  7.735   1.00 56.59  ? 51  PHE A N   1 
ATOM   384  C CA  . PHE A 1 51  ? -6.245  -0.682  6.335   1.00 53.49  ? 51  PHE A CA  1 
ATOM   385  C C   . PHE A 1 51  ? -6.218  -1.895  5.411   1.00 50.42  ? 51  PHE A C   1 
ATOM   386  O O   . PHE A 1 51  ? -5.218  -2.613  5.352   1.00 45.99  ? 51  PHE A O   1 
ATOM   387  C CB  . PHE A 1 51  ? -5.211  0.338   5.878   1.00 51.18  ? 51  PHE A CB  1 
ATOM   388  C CG  . PHE A 1 51  ? -5.178  1.575   6.722   1.00 51.65  ? 51  PHE A CG  1 
ATOM   389  C CD1 . PHE A 1 51  ? -6.030  2.648   6.446   1.00 50.41  ? 51  PHE A CD1 1 
ATOM   390  C CD2 . PHE A 1 51  ? -4.299  1.672   7.808   1.00 52.33  ? 51  PHE A CD2 1 
ATOM   391  C CE1 . PHE A 1 51  ? -5.998  3.799   7.231   1.00 49.98  ? 51  PHE A CE1 1 
ATOM   392  C CE2 . PHE A 1 51  ? -4.264  2.818   8.593   1.00 51.46  ? 51  PHE A CE2 1 
ATOM   393  C CZ  . PHE A 1 51  ? -5.107  3.887   8.300   1.00 50.20  ? 51  PHE A CZ  1 
ATOM   394  N N   . LYS A 1 52  ? -7.331  -2.109  4.711   1.00 51.34  ? 52  LYS A N   1 
ATOM   395  C CA  . LYS A 1 52  ? -7.488  -3.194  3.761   1.00 53.81  ? 52  LYS A CA  1 
ATOM   396  C C   . LYS A 1 52  ? -7.137  -2.721  2.340   1.00 54.45  ? 52  LYS A C   1 
ATOM   397  O O   . LYS A 1 52  ? -7.448  -1.573  1.967   1.00 50.49  ? 52  LYS A O   1 
ATOM   398  C CB  . LYS A 1 52  ? -8.931  -3.701  3.808   1.00 60.69  ? 52  LYS A CB  1 
ATOM   399  C CG  . LYS A 1 52  ? -9.071  -5.154  3.383   1.00 69.92  ? 52  LYS A CG  1 
ATOM   400  C CD  . LYS A 1 52  ? -10.524 -5.592  3.226   1.00 76.41  ? 52  LYS A CD  1 
ATOM   401  C CE  . LYS A 1 52  ? -10.620 -7.087  2.921   1.00 79.08  ? 52  LYS A CE  1 
ATOM   402  N NZ  . LYS A 1 52  ? -11.729 -7.408  1.981   1.00 81.24  ? 52  LYS A NZ  1 
ATOM   403  N N   . LEU A 1 53  ? -6.510  -3.616  1.559   1.00 52.19  ? 53  LEU A N   1 
ATOM   404  C CA  . LEU A 1 53  ? -6.155  -3.364  0.154   1.00 47.53  ? 53  LEU A CA  1 
ATOM   405  C C   . LEU A 1 53  ? -6.529  -4.497  -0.795  1.00 46.25  ? 53  LEU A C   1 
ATOM   406  O O   . LEU A 1 53  ? -6.562  -5.664  -0.398  1.00 53.41  ? 53  LEU A O   1 
ATOM   407  C CB  . LEU A 1 53  ? -4.659  -3.142  0.013   1.00 46.31  ? 53  LEU A CB  1 
ATOM   408  C CG  . LEU A 1 53  ? -4.059  -2.022  0.844   1.00 47.41  ? 53  LEU A CG  1 
ATOM   409  C CD1 . LEU A 1 53  ? -3.502  -2.552  2.156   1.00 48.64  ? 53  LEU A CD1 1 
ATOM   410  C CD2 . LEU A 1 53  ? -2.966  -1.310  0.076   1.00 48.24  ? 53  LEU A CD2 1 
ATOM   411  N N   . GLU A 1 54  ? -6.773  -4.127  -2.052  1.00 44.64  ? 54  GLU A N   1 
ATOM   412  C CA  . GLU A 1 54  ? -6.971  -5.053  -3.167  1.00 45.86  ? 54  GLU A CA  1 
ATOM   413  C C   . GLU A 1 54  ? -5.665  -5.170  -3.976  1.00 42.83  ? 54  GLU A C   1 
ATOM   414  O O   . GLU A 1 54  ? -5.108  -4.156  -4.368  1.00 41.42  ? 54  GLU A O   1 
ATOM   415  C CB  . GLU A 1 54  ? -8.098  -4.537  -4.066  1.00 49.99  ? 54  GLU A CB  1 
ATOM   416  C CG  . GLU A 1 54  ? -8.561  -5.510  -5.141  1.00 57.72  ? 54  GLU A CG  1 
ATOM   417  C CD  . GLU A 1 54  ? -9.459  -4.860  -6.196  1.00 69.44  ? 54  GLU A CD  1 
ATOM   418  O OE1 . GLU A 1 54  ? -8.991  -3.923  -6.903  1.00 73.57  ? 54  GLU A OE1 1 
ATOM   419  O OE2 . GLU A 1 54  ? -10.627 -5.303  -6.332  1.00 70.22  ? 54  GLU A OE2 1 
ATOM   420  N N   . VAL A 1 55  ? -5.216  -6.403  -4.234  1.00 42.19  ? 55  VAL A N   1 
ATOM   421  C CA  . VAL A 1 55  ? -3.953  -6.700  -4.904  1.00 43.33  ? 55  VAL A CA  1 
ATOM   422  C C   . VAL A 1 55  ? -4.249  -7.577  -6.112  1.00 45.97  ? 55  VAL A C   1 
ATOM   423  O O   . VAL A 1 55  ? -4.519  -8.769  -5.954  1.00 45.68  ? 55  VAL A O   1 
ATOM   424  C CB  . VAL A 1 55  ? -2.968  -7.429  -3.955  1.00 43.44  ? 55  VAL A CB  1 
ATOM   425  C CG1 . VAL A 1 55  ? -1.679  -7.827  -4.654  1.00 44.71  ? 55  VAL A CG1 1 
ATOM   426  C CG2 . VAL A 1 55  ? -2.640  -6.561  -2.758  1.00 46.81  ? 55  VAL A CG2 1 
ATOM   427  N N   . ILE A 1 56  ? -4.183  -6.985  -7.312  1.00 48.63  ? 56  ILE A N   1 
ATOM   428  C CA  . ILE A 1 56  ? -4.396  -7.716  -8.573  1.00 51.04  ? 56  ILE A CA  1 
ATOM   429  C C   . ILE A 1 56  ? -3.054  -8.024  -9.218  1.00 52.03  ? 56  ILE A C   1 
ATOM   430  O O   . ILE A 1 56  ? -2.252  -7.126  -9.469  1.00 53.01  ? 56  ILE A O   1 
ATOM   431  C CB  . ILE A 1 56  ? -5.249  -6.919  -9.595  1.00 55.14  ? 56  ILE A CB  1 
ATOM   432  C CG1 . ILE A 1 56  ? -6.568  -6.420  -8.975  1.00 58.76  ? 56  ILE A CG1 1 
ATOM   433  C CG2 . ILE A 1 56  ? -5.510  -7.748  -10.850 1.00 55.84  ? 56  ILE A CG2 1 
ATOM   434  C CD1 . ILE A 1 56  ? -7.407  -7.484  -8.288  1.00 62.21  ? 56  ILE A CD1 1 
ATOM   435  N N   . ILE A 1 57  ? -2.842  -9.296  -9.524  1.00 52.33  ? 57  ILE A N   1 
ATOM   436  C CA  . ILE A 1 57  ? -1.636  -9.745  -10.187 1.00 52.59  ? 57  ILE A CA  1 
ATOM   437  C C   . ILE A 1 57  ? -1.923  -9.816  -11.700 1.00 55.82  ? 57  ILE A C   1 
ATOM   438  O O   . ILE A 1 57  ? -2.792  -10.582 -12.120 1.00 55.04  ? 57  ILE A O   1 
ATOM   439  C CB  . ILE A 1 57  ? -1.248  -11.125 -9.663  1.00 52.28  ? 57  ILE A CB  1 
ATOM   440  C CG1 . ILE A 1 57  ? -1.173  -11.125 -8.127  1.00 52.26  ? 57  ILE A CG1 1 
ATOM   441  C CG2 . ILE A 1 57  ? 0.044   -11.597 -10.297 1.00 50.52  ? 57  ILE A CG2 1 
ATOM   442  C CD1 . ILE A 1 57  ? -0.119  -10.218 -7.525  1.00 52.27  ? 57  ILE A CD1 1 
ATOM   443  N N   . PRO A 1 58  ? -1.201  -9.018  -12.519 1.00 57.18  ? 58  PRO A N   1 
ATOM   444  C CA  . PRO A 1 58  ? -1.482  -9.007  -13.962 1.00 55.74  ? 58  PRO A CA  1 
ATOM   445  C C   . PRO A 1 58  ? -0.970  -10.260 -14.669 1.00 57.52  ? 58  PRO A C   1 
ATOM   446  O O   . PRO A 1 58  ? -0.090  -10.954 -14.152 1.00 55.49  ? 58  PRO A O   1 
ATOM   447  C CB  . PRO A 1 58  ? -0.737  -7.768  -14.455 1.00 56.26  ? 58  PRO A CB  1 
ATOM   448  C CG  . PRO A 1 58  ? 0.405   -7.614  -13.506 1.00 56.08  ? 58  PRO A CG  1 
ATOM   449  C CD  . PRO A 1 58  ? -0.027  -8.183  -12.182 1.00 55.62  ? 58  PRO A CD  1 
ATOM   450  N N   . GLU A 1 59  ? -1.521  -10.527 -15.851 1.00 64.24  ? 59  GLU A N   1 
ATOM   451  C CA  . GLU A 1 59  ? -1.224  -11.756 -16.610 1.00 70.16  ? 59  GLU A CA  1 
ATOM   452  C C   . GLU A 1 59  ? 0.269   -11.940 -16.989 1.00 68.28  ? 59  GLU A C   1 
ATOM   453  O O   . GLU A 1 59  ? 0.717   -13.068 -17.193 1.00 68.01  ? 59  GLU A O   1 
ATOM   454  C CB  . GLU A 1 59  ? -2.118  -11.842 -17.865 1.00 76.72  ? 59  GLU A CB  1 
ATOM   455  C CG  . GLU A 1 59  ? -2.458  -13.267 -18.320 1.00 86.39  ? 59  GLU A CG  1 
ATOM   456  C CD  . GLU A 1 59  ? -3.420  -14.020 -17.389 1.00 91.48  ? 59  GLU A CD  1 
ATOM   457  O OE1 . GLU A 1 59  ? -4.163  -13.383 -16.607 1.00 92.81  ? 59  GLU A OE1 1 
ATOM   458  O OE2 . GLU A 1 59  ? -3.441  -15.271 -17.441 1.00 95.05  ? 59  GLU A OE2 1 
ATOM   459  N N   . ARG A 1 60  ? 1.032   -10.847 -17.047 1.00 67.00  ? 60  ARG A N   1 
ATOM   460  C CA  . ARG A 1 60  ? 2.463   -10.903 -17.363 1.00 67.09  ? 60  ARG A CA  1 
ATOM   461  C C   . ARG A 1 60  ? 3.400   -10.827 -16.138 1.00 63.04  ? 60  ARG A C   1 
ATOM   462  O O   . ARG A 1 60  ? 4.623   -10.694 -16.299 1.00 60.53  ? 60  ARG A O   1 
ATOM   463  C CB  . ARG A 1 60  ? 2.791   -9.827  -18.413 1.00 75.27  ? 60  ARG A CB  1 
ATOM   464  C CG  . ARG A 1 60  ? 2.382   -10.234 -19.832 1.00 81.59  ? 60  ARG A CG  1 
ATOM   465  C CD  . ARG A 1 60  ? 2.390   -9.082  -20.840 1.00 88.17  ? 60  ARG A CD  1 
ATOM   466  N NE  . ARG A 1 60  ? 3.476   -8.119  -20.606 1.00 94.08  ? 60  ARG A NE  1 
ATOM   467  C CZ  . ARG A 1 60  ? 4.751   -8.249  -20.988 1.00 91.35  ? 60  ARG A CZ  1 
ATOM   468  N NH1 . ARG A 1 60  ? 5.172   -9.318  -21.665 1.00 92.03  ? 60  ARG A NH1 1 
ATOM   469  N NH2 . ARG A 1 60  ? 5.622   -7.284  -20.685 1.00 90.42  ? 60  ARG A NH2 1 
ATOM   470  N N   . TYR A 1 61  ? 2.841   -10.951 -14.925 1.00 55.13  ? 61  TYR A N   1 
ATOM   471  C CA  . TYR A 1 61  ? 3.630   -11.033 -13.678 1.00 51.31  ? 61  TYR A CA  1 
ATOM   472  C C   . TYR A 1 61  ? 4.619   -12.198 -13.817 1.00 51.00  ? 61  TYR A C   1 
ATOM   473  O O   . TYR A 1 61  ? 4.218   -13.245 -14.327 1.00 50.92  ? 61  TYR A O   1 
ATOM   474  C CB  . TYR A 1 61  ? 2.693   -11.258 -12.436 1.00 50.30  ? 61  TYR A CB  1 
ATOM   475  C CG  . TYR A 1 61  ? 3.411   -11.131 -11.103 1.00 44.40  ? 61  TYR A CG  1 
ATOM   476  C CD1 . TYR A 1 61  ? 3.612   -9.890  -10.517 1.00 44.22  ? 61  TYR A CD1 1 
ATOM   477  C CD2 . TYR A 1 61  ? 3.940   -12.238 -10.459 1.00 41.76  ? 61  TYR A CD2 1 
ATOM   478  C CE1 . TYR A 1 61  ? 4.298   -9.757  -9.314  1.00 42.84  ? 61  TYR A CE1 1 
ATOM   479  C CE2 . TYR A 1 61  ? 4.645   -12.104 -9.261  1.00 41.63  ? 61  TYR A CE2 1 
ATOM   480  C CZ  . TYR A 1 61  ? 4.805   -10.859 -8.689  1.00 40.96  ? 61  TYR A CZ  1 
ATOM   481  O OH  . TYR A 1 61  ? 5.498   -10.711 -7.496  1.00 46.49  ? 61  TYR A OH  1 
ATOM   482  N N   . PRO A 1 62  ? 5.884   -12.074 -13.389 1.00 51.73  ? 62  PRO A N   1 
ATOM   483  C CA  . PRO A 1 62  ? 6.458   -10.961 -12.624 1.00 53.63  ? 62  PRO A CA  1 
ATOM   484  C C   . PRO A 1 62  ? 7.138   -9.846  -13.441 1.00 57.93  ? 62  PRO A C   1 
ATOM   485  O O   . PRO A 1 62  ? 8.002   -9.143  -12.903 1.00 60.22  ? 62  PRO A O   1 
ATOM   486  C CB  . PRO A 1 62  ? 7.507   -11.677 -11.778 1.00 50.50  ? 62  PRO A CB  1 
ATOM   487  C CG  . PRO A 1 62  ? 8.022   -12.725 -12.695 1.00 50.06  ? 62  PRO A CG  1 
ATOM   488  C CD  . PRO A 1 62  ? 6.857   -13.166 -13.545 1.00 50.13  ? 62  PRO A CD  1 
ATOM   489  N N   . PHE A 1 63  ? 6.759   -9.668  -14.701 1.00 59.35  ? 63  PHE A N   1 
ATOM   490  C CA  . PHE A 1 63  ? 7.390   -8.642  -15.541 1.00 64.77  ? 63  PHE A CA  1 
ATOM   491  C C   . PHE A 1 63  ? 6.623   -7.315  -15.509 1.00 69.61  ? 63  PHE A C   1 
ATOM   492  O O   . PHE A 1 63  ? 7.195   -6.275  -15.827 1.00 77.03  ? 63  PHE A O   1 
ATOM   493  C CB  . PHE A 1 63  ? 7.578   -9.155  -16.970 1.00 64.41  ? 63  PHE A CB  1 
ATOM   494  C CG  . PHE A 1 63  ? 8.298   -10.478 -17.043 1.00 61.52  ? 63  PHE A CG  1 
ATOM   495  C CD1 . PHE A 1 63  ? 9.622   -10.586 -16.618 1.00 60.29  ? 63  PHE A CD1 1 
ATOM   496  C CD2 . PHE A 1 63  ? 7.655   -11.615 -17.530 1.00 59.33  ? 63  PHE A CD2 1 
ATOM   497  C CE1 . PHE A 1 63  ? 10.293  -11.800 -16.678 1.00 58.78  ? 63  PHE A CE1 1 
ATOM   498  C CE2 . PHE A 1 63  ? 8.321   -12.831 -17.589 1.00 60.98  ? 63  PHE A CE2 1 
ATOM   499  C CZ  . PHE A 1 63  ? 9.641   -12.922 -17.161 1.00 60.49  ? 63  PHE A CZ  1 
ATOM   500  N N   . GLU A 1 64  ? 5.340   -7.355  -15.141 1.00 68.79  ? 64  GLU A N   1 
ATOM   501  C CA  . GLU A 1 64  ? 4.587   -6.164  -14.732 1.00 65.17  ? 64  GLU A CA  1 
ATOM   502  C C   . GLU A 1 64  ? 4.327   -6.238  -13.222 1.00 66.16  ? 64  GLU A C   1 
ATOM   503  O O   . GLU A 1 64  ? 4.206   -7.343  -12.661 1.00 55.79  ? 64  GLU A O   1 
ATOM   504  C CB  . GLU A 1 64  ? 3.244   -6.082  -15.453 1.00 68.42  ? 64  GLU A CB  1 
ATOM   505  C CG  . GLU A 1 64  ? 3.305   -6.263  -16.958 1.00 73.32  ? 64  GLU A CG  1 
ATOM   506  C CD  . GLU A 1 64  ? 2.008   -5.871  -17.642 1.00 77.85  ? 64  GLU A CD  1 
ATOM   507  O OE1 . GLU A 1 64  ? 0.930   -6.004  -17.023 1.00 78.96  ? 64  GLU A OE1 1 
ATOM   508  O OE2 . GLU A 1 64  ? 2.063   -5.424  -18.806 1.00 82.55  ? 64  GLU A OE2 1 
ATOM   509  N N   . PRO A 1 65  ? 4.215   -5.068  -12.559 1.00 61.83  ? 65  PRO A N   1 
ATOM   510  C CA  . PRO A 1 65  ? 4.060   -5.073  -11.110 1.00 57.82  ? 65  PRO A CA  1 
ATOM   511  C C   . PRO A 1 65  ? 2.636   -5.440  -10.657 1.00 51.94  ? 65  PRO A C   1 
ATOM   512  O O   . PRO A 1 65  ? 1.696   -5.378  -11.451 1.00 50.82  ? 65  PRO A O   1 
ATOM   513  C CB  . PRO A 1 65  ? 4.380   -3.626  -10.725 1.00 57.53  ? 65  PRO A CB  1 
ATOM   514  C CG  . PRO A 1 65  ? 3.921   -2.837  -11.894 1.00 59.81  ? 65  PRO A CG  1 
ATOM   515  C CD  . PRO A 1 65  ? 4.195   -3.697  -13.101 1.00 62.27  ? 65  PRO A CD  1 
ATOM   516  N N   . PRO A 1 66  ? 2.474   -5.791  -9.374  1.00 50.57  ? 66  PRO A N   1 
ATOM   517  C CA  . PRO A 1 66  ? 1.120   -5.942  -8.828  1.00 52.06  ? 66  PRO A CA  1 
ATOM   518  C C   . PRO A 1 66  ? 0.357   -4.621  -8.858  1.00 51.74  ? 66  PRO A C   1 
ATOM   519  O O   . PRO A 1 66  ? 0.962   -3.566  -8.641  1.00 56.14  ? 66  PRO A O   1 
ATOM   520  C CB  . PRO A 1 66  ? 1.358   -6.370  -7.375  1.00 50.87  ? 66  PRO A CB  1 
ATOM   521  C CG  . PRO A 1 66  ? 2.802   -6.686  -7.254  1.00 50.12  ? 66  PRO A CG  1 
ATOM   522  C CD  . PRO A 1 66  ? 3.502   -5.913  -8.327  1.00 51.82  ? 66  PRO A CD  1 
ATOM   523  N N   . GLN A 1 67  ? -0.941  -4.687  -9.132  1.00 50.56  ? 67  GLN A N   1 
ATOM   524  C CA  . GLN A 1 67  ? -1.808  -3.515  -9.132  1.00 52.52  ? 67  GLN A CA  1 
ATOM   525  C C   . GLN A 1 67  ? -2.495  -3.430  -7.771  1.00 52.29  ? 67  GLN A C   1 
ATOM   526  O O   . GLN A 1 67  ? -3.331  -4.288  -7.429  1.00 47.07  ? 67  GLN A O   1 
ATOM   527  C CB  . GLN A 1 67  ? -2.837  -3.614  -10.259 1.00 56.08  ? 67  GLN A CB  1 
ATOM   528  C CG  . GLN A 1 67  ? -2.230  -3.619  -11.666 1.00 63.65  ? 67  GLN A CG  1 
ATOM   529  C CD  . GLN A 1 67  ? -3.001  -4.501  -12.652 1.00 70.51  ? 67  GLN A CD  1 
ATOM   530  O OE1 . GLN A 1 67  ? -2.727  -5.699  -12.782 1.00 81.05  ? 67  GLN A OE1 1 
ATOM   531  N NE2 . GLN A 1 67  ? -3.967  -3.912  -13.348 1.00 69.67  ? 67  GLN A NE2 1 
ATOM   532  N N   . ILE A 1 68  ? -2.130  -2.409  -6.989  1.00 50.11  ? 68  ILE A N   1 
ATOM   533  C CA  . ILE A 1 68  ? -2.579  -2.301  -5.598  1.00 48.75  ? 68  ILE A CA  1 
ATOM   534  C C   . ILE A 1 68  ? -3.291  -0.983  -5.324  1.00 51.17  ? 68  ILE A C   1 
ATOM   535  O O   . ILE A 1 68  ? -2.819  0.062   -5.729  1.00 51.71  ? 68  ILE A O   1 
ATOM   536  C CB  . ILE A 1 68  ? -1.412  -2.460  -4.611  1.00 46.59  ? 68  ILE A CB  1 
ATOM   537  C CG1 . ILE A 1 68  ? -0.597  -3.709  -4.987  1.00 45.09  ? 68  ILE A CG1 1 
ATOM   538  C CG2 . ILE A 1 68  ? -1.946  -2.506  -3.166  1.00 47.00  ? 68  ILE A CG2 1 
ATOM   539  C CD1 . ILE A 1 68  ? 0.473   -4.110  -3.996  1.00 44.25  ? 68  ILE A CD1 1 
ATOM   540  N N   . ARG A 1 69  ? -4.419  -1.051  -4.619  1.00 51.60  ? 69  ARG A N   1 
ATOM   541  C CA  . ARG A 1 69  ? -5.152  0.138   -4.197  1.00 54.22  ? 69  ARG A CA  1 
ATOM   542  C C   . ARG A 1 69  ? -5.806  -0.074  -2.827  1.00 49.55  ? 69  ARG A C   1 
ATOM   543  O O   . ARG A 1 69  ? -6.164  -1.206  -2.478  1.00 45.85  ? 69  ARG A O   1 
ATOM   544  C CB  . ARG A 1 69  ? -6.192  0.525   -5.252  1.00 63.43  ? 69  ARG A CB  1 
ATOM   545  C CG  . ARG A 1 69  ? -7.456  -0.320  -5.272  1.00 71.97  ? 69  ARG A CG  1 
ATOM   546  C CD  . ARG A 1 69  ? -8.269  -0.079  -6.538  1.00 80.83  ? 69  ARG A CD  1 
ATOM   547  N NE  . ARG A 1 69  ? -9.397  -1.013  -6.678  1.00 94.40  ? 69  ARG A NE  1 
ATOM   548  C CZ  . ARG A 1 69  ? -10.582 -0.918  -6.062  1.00 97.19  ? 69  ARG A CZ  1 
ATOM   549  N NH1 . ARG A 1 69  ? -10.852 0.079   -5.216  1.00 98.66  ? 69  ARG A NH1 1 
ATOM   550  N NH2 . ARG A 1 69  ? -11.515 -1.844  -6.294  1.00 98.77  ? 69  ARG A NH2 1 
ATOM   551  N N   . PHE A 1 70  ? -5.932  1.010   -2.056  1.00 47.77  ? 70  PHE A N   1 
ATOM   552  C CA  . PHE A 1 70  ? -6.558  0.962   -0.723  1.00 47.84  ? 70  PHE A CA  1 
ATOM   553  C C   . PHE A 1 70  ? -8.065  0.821   -0.902  1.00 48.47  ? 70  PHE A C   1 
ATOM   554  O O   . PHE A 1 70  ? -8.642  1.516   -1.732  1.00 47.61  ? 70  PHE A O   1 
ATOM   555  C CB  . PHE A 1 70  ? -6.274  2.228   0.095   1.00 43.95  ? 70  PHE A CB  1 
ATOM   556  C CG  . PHE A 1 70  ? -4.924  2.246   0.761   1.00 45.39  ? 70  PHE A CG  1 
ATOM   557  C CD1 . PHE A 1 70  ? -4.798  1.997   2.121   1.00 42.84  ? 70  PHE A CD1 1 
ATOM   558  C CD2 . PHE A 1 70  ? -3.772  2.542   0.030   1.00 45.07  ? 70  PHE A CD2 1 
ATOM   559  C CE1 . PHE A 1 70  ? -3.555  2.024   2.737   1.00 44.94  ? 70  PHE A CE1 1 
ATOM   560  C CE2 . PHE A 1 70  ? -2.523  2.571   0.639   1.00 46.27  ? 70  PHE A CE2 1 
ATOM   561  C CZ  . PHE A 1 70  ? -2.412  2.320   2.001   1.00 46.77  ? 70  PHE A CZ  1 
ATOM   562  N N   . LEU A 1 71  ? -8.684  -0.087  -0.143  1.00 52.23  ? 71  LEU A N   1 
ATOM   563  C CA  . LEU A 1 71  ? -10.155 -0.158  -0.037  1.00 53.88  ? 71  LEU A CA  1 
ATOM   564  C C   . LEU A 1 71  ? -10.648 0.679   1.144   1.00 53.32  ? 71  LEU A C   1 
ATOM   565  O O   . LEU A 1 71  ? -11.710 1.283   1.074   1.00 57.29  ? 71  LEU A O   1 
ATOM   566  C CB  . LEU A 1 71  ? -10.624 -1.613  0.078   1.00 54.02  ? 71  LEU A CB  1 
ATOM   567  C CG  . LEU A 1 71  ? -10.291 -2.527  -1.111  1.00 52.99  ? 71  LEU A CG  1 
ATOM   568  C CD1 . LEU A 1 71  ? -10.613 -3.986  -0.841  1.00 52.31  ? 71  LEU A CD1 1 
ATOM   569  C CD2 . LEU A 1 71  ? -11.007 -2.064  -2.361  1.00 53.67  ? 71  LEU A CD2 1 
ATOM   570  N N   . THR A 1 72  ? -9.862  0.712   2.216   1.00 56.12  ? 72  THR A N   1 
ATOM   571  C CA  . THR A 1 72  ? -10.140 1.521   3.396   1.00 56.27  ? 72  THR A CA  1 
ATOM   572  C C   . THR A 1 72  ? -9.677  2.957   3.150   1.00 59.23  ? 72  THR A C   1 
ATOM   573  O O   . THR A 1 72  ? -8.510  3.159   2.816   1.00 54.44  ? 72  THR A O   1 
ATOM   574  C CB  . THR A 1 72  ? -9.352  0.993   4.608   1.00 55.24  ? 72  THR A CB  1 
ATOM   575  O OG1 . THR A 1 72  ? -9.598  -0.413  4.754   1.00 55.89  ? 72  THR A OG1 1 
ATOM   576  C CG2 . THR A 1 72  ? -9.738  1.741   5.886   1.00 54.94  ? 72  THR A CG2 1 
ATOM   577  N N   . PRO A 1 73  ? -10.577 3.953   3.321   1.00 60.55  ? 73  PRO A N   1 
ATOM   578  C CA  . PRO A 1 73  ? -10.151 5.332   3.133   1.00 59.03  ? 73  PRO A CA  1 
ATOM   579  C C   . PRO A 1 73  ? -8.983  5.751   4.018   1.00 58.32  ? 73  PRO A C   1 
ATOM   580  O O   . PRO A 1 73  ? -8.908  5.328   5.166   1.00 61.42  ? 73  PRO A O   1 
ATOM   581  C CB  . PRO A 1 73  ? -11.416 6.137   3.454   1.00 63.32  ? 73  PRO A CB  1 
ATOM   582  C CG  . PRO A 1 73  ? -12.539 5.227   3.079   1.00 62.36  ? 73  PRO A CG  1 
ATOM   583  C CD  . PRO A 1 73  ? -12.050 3.853   3.440   1.00 62.45  ? 73  PRO A CD  1 
ATOM   584  N N   . ILE A 1 74  ? -8.084  6.557   3.454   1.00 54.15  ? 74  ILE A N   1 
ATOM   585  C CA  . ILE A 1 74  ? -6.897  7.068   4.135   1.00 53.42  ? 74  ILE A CA  1 
ATOM   586  C C   . ILE A 1 74  ? -6.554  8.482   3.632   1.00 54.74  ? 74  ILE A C   1 
ATOM   587  O O   . ILE A 1 74  ? -6.695  8.771   2.450   1.00 51.46  ? 74  ILE A O   1 
ATOM   588  C CB  . ILE A 1 74  ? -5.685  6.118   3.952   1.00 54.03  ? 74  ILE A CB  1 
ATOM   589  C CG1 . ILE A 1 74  ? -4.501  6.561   4.826   1.00 52.54  ? 74  ILE A CG1 1 
ATOM   590  C CG2 . ILE A 1 74  ? -5.267  6.019   2.483   1.00 54.07  ? 74  ILE A CG2 1 
ATOM   591  C CD1 . ILE A 1 74  ? -3.336  5.593   4.805   1.00 53.45  ? 74  ILE A CD1 1 
ATOM   592  N N   . TYR A 1 75  ? -6.080  9.332   4.545   1.00 56.17  ? 75  TYR A N   1 
ATOM   593  C CA  . TYR A 1 75  ? -5.821  10.747  4.288   1.00 53.65  ? 75  TYR A CA  1 
ATOM   594  C C   . TYR A 1 75  ? -4.309  10.892  4.225   1.00 47.88  ? 75  TYR A C   1 
ATOM   595  O O   . TYR A 1 75  ? -3.645  10.792  5.251   1.00 47.89  ? 75  TYR A O   1 
ATOM   596  C CB  . TYR A 1 75  ? -6.431  11.569  5.439   1.00 57.03  ? 75  TYR A CB  1 
ATOM   597  C CG  . TYR A 1 75  ? -6.355  13.082  5.330   1.00 56.64  ? 75  TYR A CG  1 
ATOM   598  C CD1 . TYR A 1 75  ? -7.416  13.816  4.796   1.00 60.73  ? 75  TYR A CD1 1 
ATOM   599  C CD2 . TYR A 1 75  ? -5.245  13.787  5.813   1.00 57.51  ? 75  TYR A CD2 1 
ATOM   600  C CE1 . TYR A 1 75  ? -7.368  15.203  4.712   1.00 60.15  ? 75  TYR A CE1 1 
ATOM   601  C CE2 . TYR A 1 75  ? -5.185  15.173  5.734   1.00 58.68  ? 75  TYR A CE2 1 
ATOM   602  C CZ  . TYR A 1 75  ? -6.251  15.876  5.181   1.00 60.84  ? 75  TYR A CZ  1 
ATOM   603  O OH  . TYR A 1 75  ? -6.216  17.248  5.098   1.00 60.80  ? 75  TYR A OH  1 
ATOM   604  N N   . HIS A 1 76  ? -3.780  11.105  3.017   1.00 44.17  ? 76  HIS A N   1 
ATOM   605  C CA  . HIS A 1 76  ? -2.346  10.955  2.725   1.00 43.62  ? 76  HIS A CA  1 
ATOM   606  C C   . HIS A 1 76  ? -2.051  11.674  1.391   1.00 44.68  ? 76  HIS A C   1 
ATOM   607  O O   . HIS A 1 76  ? -2.845  11.570  0.451   1.00 46.35  ? 76  HIS A O   1 
ATOM   608  C CB  . HIS A 1 76  ? -2.006  9.441   2.620   1.00 45.71  ? 76  HIS A CB  1 
ATOM   609  C CG  . HIS A 1 76  ? -0.533  9.124   2.615   1.00 47.38  ? 76  HIS A CG  1 
ATOM   610  N ND1 . HIS A 1 76  ? 0.252   9.262   1.492   1.00 47.69  ? 76  HIS A ND1 1 
ATOM   611  C CD2 . HIS A 1 76  ? 0.288   8.652   3.584   1.00 47.54  ? 76  HIS A CD2 1 
ATOM   612  C CE1 . HIS A 1 76  ? 1.495   8.913   1.773   1.00 48.80  ? 76  HIS A CE1 1 
ATOM   613  N NE2 . HIS A 1 76  ? 1.542   8.527   3.034   1.00 49.70  ? 76  HIS A NE2 1 
ATOM   614  N N   . PRO A 1 77  ? -0.937  12.415  1.296   1.00 44.57  ? 77  PRO A N   1 
ATOM   615  C CA  . PRO A 1 77  ? -0.658  13.161  0.047   1.00 45.41  ? 77  PRO A CA  1 
ATOM   616  C C   . PRO A 1 77  ? -0.461  12.339  -1.224  1.00 43.48  ? 77  PRO A C   1 
ATOM   617  O O   . PRO A 1 77  ? -0.744  12.828  -2.301  1.00 43.04  ? 77  PRO A O   1 
ATOM   618  C CB  . PRO A 1 77  ? 0.639   13.932  0.362   1.00 45.72  ? 77  PRO A CB  1 
ATOM   619  C CG  . PRO A 1 77  ? 1.182   13.312  1.597   1.00 48.46  ? 77  PRO A CG  1 
ATOM   620  C CD  . PRO A 1 77  ? 0.023   12.761  2.361   1.00 47.04  ? 77  PRO A CD  1 
ATOM   621  N N   . ASN A 1 78  ? 0.086   11.138  -1.079  1.00 42.33  ? 78  ASN A N   1 
ATOM   622  C CA  . ASN A 1 78  ? 0.333   10.205  -2.179  1.00 41.48  ? 78  ASN A CA  1 
ATOM   623  C C   . ASN A 1 78  ? -0.773  9.203   -2.531  1.00 42.35  ? 78  ASN A C   1 
ATOM   624  O O   . ASN A 1 78  ? -0.570  8.349   -3.399  1.00 41.87  ? 78  ASN A O   1 
ATOM   625  C CB  . ASN A 1 78  ? 1.610   9.432   -1.873  1.00 40.70  ? 78  ASN A CB  1 
ATOM   626  C CG  . ASN A 1 78  ? 2.781   10.347  -1.604  1.00 43.94  ? 78  ASN A CG  1 
ATOM   627  O OD1 . ASN A 1 78  ? 3.263   10.433  -0.479  1.00 44.58  ? 78  ASN A OD1 1 
ATOM   628  N ND2 . ASN A 1 78  ? 3.226   11.065  -2.635  1.00 44.36  ? 78  ASN A ND2 1 
ATOM   629  N N   . ILE A 1 79  ? -1.917  9.277   -1.854  1.00 44.10  ? 79  ILE A N   1 
ATOM   630  C CA  . ILE A 1 79  ? -3.018  8.322   -2.062  1.00 44.09  ? 79  ILE A CA  1 
ATOM   631  C C   . ILE A 1 79  ? -4.293  9.102   -2.358  1.00 43.42  ? 79  ILE A C   1 
ATOM   632  O O   . ILE A 1 79  ? -4.624  10.015  -1.625  1.00 42.16  ? 79  ILE A O   1 
ATOM   633  C CB  . ILE A 1 79  ? -3.212  7.421   -0.826  1.00 47.37  ? 79  ILE A CB  1 
ATOM   634  C CG1 . ILE A 1 79  ? -1.931  6.615   -0.566  1.00 48.50  ? 79  ILE A CG1 1 
ATOM   635  C CG2 . ILE A 1 79  ? -4.407  6.485   -1.012  1.00 49.02  ? 79  ILE A CG2 1 
ATOM   636  C CD1 . ILE A 1 79  ? -1.836  6.021   0.814   1.00 49.06  ? 79  ILE A CD1 1 
ATOM   637  N N   . ASP A 1 80  ? -4.998  8.762   -3.437  1.00 47.67  ? 80  ASP A N   1 
ATOM   638  C CA  . ASP A 1 80  ? -6.186  9.542   -3.821  1.00 51.23  ? 80  ASP A CA  1 
ATOM   639  C C   . ASP A 1 80  ? -7.479  8.977   -3.252  1.00 52.82  ? 80  ASP A C   1 
ATOM   640  O O   . ASP A 1 80  ? -7.472  7.928   -2.617  1.00 51.86  ? 80  ASP A O   1 
ATOM   641  C CB  . ASP A 1 80  ? -6.227  9.817   -5.341  1.00 51.63  ? 80  ASP A CB  1 
ATOM   642  C CG  . ASP A 1 80  ? -6.737  8.649   -6.188  1.00 53.44  ? 80  ASP A CG  1 
ATOM   643  O OD1 . ASP A 1 80  ? -7.164  7.599   -5.662  1.00 52.53  ? 80  ASP A OD1 1 
ATOM   644  O OD2 . ASP A 1 80  ? -6.711  8.818   -7.432  1.00 53.67  ? 80  ASP A OD2 1 
ATOM   645  N N   . SER A 1 81  ? -8.580  9.680   -3.506  1.00 56.75  ? 81  SER A N   1 
ATOM   646  C CA  . SER A 1 81  ? -9.915  9.316   -3.012  1.00 58.88  ? 81  SER A CA  1 
ATOM   647  C C   . SER A 1 81  ? -10.491 7.999   -3.558  1.00 56.33  ? 81  SER A C   1 
ATOM   648  O O   . SER A 1 81  ? -11.477 7.497   -3.024  1.00 61.64  ? 81  SER A O   1 
ATOM   649  C CB  . SER A 1 81  ? -10.908 10.468  -3.261  1.00 63.12  ? 81  SER A CB  1 
ATOM   650  O OG  . SER A 1 81  ? -10.656 11.113  -4.509  1.00 70.86  ? 81  SER A OG  1 
ATOM   651  N N   . ALA A 1 82  ? -9.900  7.455   -4.616  1.00 50.71  ? 82  ALA A N   1 
ATOM   652  C CA  . ALA A 1 82  ? -10.257 6.131   -5.118  1.00 49.54  ? 82  ALA A CA  1 
ATOM   653  C C   . ALA A 1 82  ? -9.298  5.036   -4.649  1.00 49.04  ? 82  ALA A C   1 
ATOM   654  O O   . ALA A 1 82  ? -9.460  3.877   -5.046  1.00 50.61  ? 82  ALA A O   1 
ATOM   655  C CB  . ALA A 1 82  ? -10.290 6.155   -6.636  1.00 49.86  ? 82  ALA A CB  1 
ATOM   656  N N   . GLY A 1 83  ? -8.295  5.392   -3.841  1.00 45.04  ? 83  GLY A N   1 
ATOM   657  C CA  . GLY A 1 83  ? -7.308  4.423   -3.335  1.00 45.35  ? 83  GLY A CA  1 
ATOM   658  C C   . GLY A 1 83  ? -6.043  4.192   -4.153  1.00 44.36  ? 83  GLY A C   1 
ATOM   659  O O   . GLY A 1 83  ? -5.248  3.328   -3.794  1.00 44.55  ? 83  GLY A O   1 
ATOM   660  N N   . ARG A 1 84  ? -5.830  4.958   -5.227  1.00 46.07  ? 84  ARG A N   1 
ATOM   661  C CA  . ARG A 1 84  ? -4.628  4.793   -6.070  1.00 44.51  ? 84  ARG A CA  1 
ATOM   662  C C   . ARG A 1 84  ? -3.409  5.305   -5.310  1.00 43.32  ? 84  ARG A C   1 
ATOM   663  O O   . ARG A 1 84  ? -3.481  6.326   -4.643  1.00 41.96  ? 84  ARG A O   1 
ATOM   664  C CB  . ARG A 1 84  ? -4.749  5.569   -7.381  1.00 49.93  ? 84  ARG A CB  1 
ATOM   665  C CG  . ARG A 1 84  ? -5.828  5.104   -8.343  1.00 51.91  ? 84  ARG A CG  1 
ATOM   666  C CD  . ARG A 1 84  ? -6.173  6.178   -9.386  1.00 55.07  ? 84  ARG A CD  1 
ATOM   667  N NE  . ARG A 1 84  ? -5.091  6.428   -10.354 1.00 56.79  ? 84  ARG A NE  1 
ATOM   668  C CZ  . ARG A 1 84  ? -4.578  7.615   -10.705 1.00 55.99  ? 84  ARG A CZ  1 
ATOM   669  N NH1 . ARG A 1 84  ? -5.010  8.768   -10.204 1.00 55.24  ? 84  ARG A NH1 1 
ATOM   670  N NH2 . ARG A 1 84  ? -3.602  7.649   -11.605 1.00 61.63  ? 84  ARG A NH2 1 
ATOM   671  N N   . ILE A 1 85  ? -2.297  4.592   -5.433  1.00 41.52  ? 85  ILE A N   1 
ATOM   672  C CA  . ILE A 1 85  ? -1.078  4.903   -4.722  1.00 43.86  ? 85  ILE A CA  1 
ATOM   673  C C   . ILE A 1 85  ? -0.016  5.393   -5.729  1.00 44.52  ? 85  ILE A C   1 
ATOM   674  O O   . ILE A 1 85  ? 0.281   4.684   -6.682  1.00 42.16  ? 85  ILE A O   1 
ATOM   675  C CB  . ILE A 1 85  ? -0.555  3.635   -3.996  1.00 43.21  ? 85  ILE A CB  1 
ATOM   676  C CG1 . ILE A 1 85  ? -1.645  2.979   -3.108  1.00 42.53  ? 85  ILE A CG1 1 
ATOM   677  C CG2 . ILE A 1 85  ? 0.651   3.964   -3.147  1.00 43.08  ? 85  ILE A CG2 1 
ATOM   678  C CD1 . ILE A 1 85  ? -1.421  1.503   -2.873  1.00 40.77  ? 85  ILE A CD1 1 
ATOM   679  N N   . CYS A 1 86  ? 0.561   6.580   -5.504  1.00 44.58  ? 86  CYS A N   1 
ATOM   680  C CA  . CYS A 1 86  ? 1.730   7.036   -6.279  1.00 46.08  ? 86  CYS A CA  1 
ATOM   681  C C   . CYS A 1 86  ? 3.032   6.574   -5.597  1.00 43.58  ? 86  CYS A C   1 
ATOM   682  O O   . CYS A 1 86  ? 3.480   7.164   -4.620  1.00 45.50  ? 86  CYS A O   1 
ATOM   683  C CB  . CYS A 1 86  ? 1.717   8.561   -6.490  1.00 50.41  ? 86  CYS A CB  1 
ATOM   684  S SG  . CYS A 1 86  ? 2.856   9.117   -7.795  1.00 56.77  ? 86  CYS A SG  1 
ATOM   685  N N   . LEU A 1 87  ? 3.622   5.511   -6.132  1.00 42.32  ? 87  LEU A N   1 
ATOM   686  C CA  . LEU A 1 87  ? 4.776   4.838   -5.533  1.00 43.39  ? 87  LEU A CA  1 
ATOM   687  C C   . LEU A 1 87  ? 5.613   4.254   -6.668  1.00 45.13  ? 87  LEU A C   1 
ATOM   688  O O   . LEU A 1 87  ? 5.062   3.661   -7.600  1.00 45.13  ? 87  LEU A O   1 
ATOM   689  C CB  . LEU A 1 87  ? 4.296   3.720   -4.595  1.00 42.90  ? 87  LEU A CB  1 
ATOM   690  C CG  . LEU A 1 87  ? 5.287   2.893   -3.764  1.00 43.10  ? 87  LEU A CG  1 
ATOM   691  C CD1 . LEU A 1 87  ? 6.199   3.795   -2.950  1.00 43.32  ? 87  LEU A CD1 1 
ATOM   692  C CD2 . LEU A 1 87  ? 4.546   1.926   -2.841  1.00 43.88  ? 87  LEU A CD2 1 
ATOM   693  N N   . ASP A 1 88  ? 6.926   4.444   -6.605  1.00 45.40  ? 88  ASP A N   1 
ATOM   694  C CA  . ASP A 1 88  ? 7.821   4.057   -7.717  1.00 53.37  ? 88  ASP A CA  1 
ATOM   695  C C   . ASP A 1 88  ? 7.863   2.542   -8.001  1.00 50.34  ? 88  ASP A C   1 
ATOM   696  O O   . ASP A 1 88  ? 7.845   2.130   -9.169  1.00 47.68  ? 88  ASP A O   1 
ATOM   697  C CB  . ASP A 1 88  ? 9.250   4.617   -7.511  1.00 57.66  ? 88  ASP A CB  1 
ATOM   698  C CG  . ASP A 1 88  ? 9.914   4.144   -6.194  1.00 69.13  ? 88  ASP A CG  1 
ATOM   699  O OD1 . ASP A 1 88  ? 9.256   3.480   -5.337  1.00 70.49  ? 88  ASP A OD1 1 
ATOM   700  O OD2 . ASP A 1 88  ? 11.118  4.459   -6.011  1.00 82.03  ? 88  ASP A OD2 1 
ATOM   701  N N   . VAL A 1 89  ? 7.885   1.719   -6.945  1.00 46.20  ? 89  VAL A N   1 
ATOM   702  C CA  . VAL A 1 89  ? 7.944   0.252   -7.116  1.00 45.36  ? 89  VAL A CA  1 
ATOM   703  C C   . VAL A 1 89  ? 6.674   -0.358  -7.714  1.00 44.72  ? 89  VAL A C   1 
ATOM   704  O O   . VAL A 1 89  ? 6.700   -1.514  -8.131  1.00 48.10  ? 89  VAL A O   1 
ATOM   705  C CB  . VAL A 1 89  ? 8.331   -0.496  -5.819  1.00 49.58  ? 89  VAL A CB  1 
ATOM   706  C CG1 . VAL A 1 89  ? 9.746   -0.126  -5.371  1.00 49.22  ? 89  VAL A CG1 1 
ATOM   707  C CG2 . VAL A 1 89  ? 7.328   -0.250  -4.683  1.00 50.99  ? 89  VAL A CG2 1 
ATOM   708  N N   . LEU A 1 90  ? 5.583   0.408   -7.782  1.00 43.03  ? 90  LEU A N   1 
ATOM   709  C CA  . LEU A 1 90  ? 4.373   0.001   -8.527  1.00 47.01  ? 90  LEU A CA  1 
ATOM   710  C C   . LEU A 1 90  ? 4.324   0.461   -9.983  1.00 48.59  ? 90  LEU A C   1 
ATOM   711  O O   . LEU A 1 90  ? 3.313   0.254   -10.646 1.00 48.10  ? 90  LEU A O   1 
ATOM   712  C CB  . LEU A 1 90  ? 3.106   0.495   -7.803  1.00 47.64  ? 90  LEU A CB  1 
ATOM   713  C CG  . LEU A 1 90  ? 2.977   0.168   -6.314  1.00 47.16  ? 90  LEU A CG  1 
ATOM   714  C CD1 . LEU A 1 90  ? 1.676   0.740   -5.803  1.00 50.33  ? 90  LEU A CD1 1 
ATOM   715  C CD2 . LEU A 1 90  ? 3.030   -1.329  -6.061  1.00 48.01  ? 90  LEU A CD2 1 
ATOM   716  N N   . LYS A 1 91  ? 5.398   1.064   -10.501 1.00 55.04  ? 91  LYS A N   1 
ATOM   717  C CA  . LYS A 1 91  ? 5.424   1.519   -11.900 1.00 56.98  ? 91  LYS A CA  1 
ATOM   718  C C   . LYS A 1 91  ? 6.589   0.895   -12.664 1.00 54.89  ? 91  LYS A C   1 
ATOM   719  O O   . LYS A 1 91  ? 7.652   0.625   -12.097 1.00 52.29  ? 91  LYS A O   1 
ATOM   720  C CB  . LYS A 1 91  ? 5.508   3.046   -11.965 1.00 62.36  ? 91  LYS A CB  1 
ATOM   721  C CG  . LYS A 1 91  ? 4.309   3.782   -11.376 1.00 67.35  ? 91  LYS A CG  1 
ATOM   722  C CD  . LYS A 1 91  ? 4.595   5.271   -11.167 1.00 73.60  ? 91  LYS A CD  1 
ATOM   723  C CE  . LYS A 1 91  ? 3.496   5.923   -10.333 1.00 80.16  ? 91  LYS A CE  1 
ATOM   724  N NZ  . LYS A 1 91  ? 3.653   7.394   -10.124 1.00 83.46  ? 91  LYS A NZ  1 
ATOM   725  N N   . LEU A 1 92  ? 6.385   0.669   -13.957 1.00 59.41  ? 92  LEU A N   1 
ATOM   726  C CA  . LEU A 1 92  ? 7.452   0.167   -14.829 1.00 64.12  ? 92  LEU A CA  1 
ATOM   727  C C   . LEU A 1 92  ? 8.501   1.271   -15.084 1.00 64.46  ? 92  LEU A C   1 
ATOM   728  O O   . LEU A 1 92  ? 8.156   2.463   -15.071 1.00 56.74  ? 92  LEU A O   1 
ATOM   729  C CB  . LEU A 1 92  ? 6.867   -0.332  -16.156 1.00 68.07  ? 92  LEU A CB  1 
ATOM   730  C CG  . LEU A 1 92  ? 6.075   -1.648  -16.063 1.00 66.28  ? 92  LEU A CG  1 
ATOM   731  C CD1 . LEU A 1 92  ? 5.081   -1.796  -17.218 1.00 67.56  ? 92  LEU A CD1 1 
ATOM   732  C CD2 . LEU A 1 92  ? 7.016   -2.855  -15.985 1.00 62.20  ? 92  LEU A CD2 1 
ATOM   733  N N   . PRO A 1 93  ? 9.782   0.884   -15.298 1.00 67.89  ? 93  PRO A N   1 
ATOM   734  C CA  . PRO A 1 93  ? 10.781  1.864   -15.767 1.00 69.08  ? 93  PRO A CA  1 
ATOM   735  C C   . PRO A 1 93  ? 10.438  2.415   -17.172 1.00 62.98  ? 93  PRO A C   1 
ATOM   736  O O   . PRO A 1 93  ? 9.687   1.768   -17.906 1.00 58.49  ? 93  PRO A O   1 
ATOM   737  C CB  . PRO A 1 93  ? 12.093  1.059   -15.789 1.00 70.74  ? 93  PRO A CB  1 
ATOM   738  C CG  . PRO A 1 93  ? 11.851  -0.108  -14.886 1.00 72.73  ? 93  PRO A CG  1 
ATOM   739  C CD  . PRO A 1 93  ? 10.396  -0.439  -15.067 1.00 71.64  ? 93  PRO A CD  1 
ATOM   740  N N   . PRO A 1 94  ? 10.977  3.570   -17.564 1.00 64.05  ? 94  PRO A N   1 
ATOM   741  C CA  . PRO A 1 94  ? 12.067  4.283   -16.865 1.00 64.47  ? 94  PRO A CA  1 
ATOM   742  C C   . PRO A 1 94  ? 11.686  5.157   -15.648 1.00 60.89  ? 94  PRO A C   1 
ATOM   743  O O   . PRO A 1 94  ? 12.527  5.385   -14.787 1.00 56.58  ? 94  PRO A O   1 
ATOM   744  C CB  . PRO A 1 94  ? 12.680  5.154   -17.978 1.00 65.53  ? 94  PRO A CB  1 
ATOM   745  C CG  . PRO A 1 94  ? 11.643  5.206   -19.058 1.00 65.18  ? 94  PRO A CG  1 
ATOM   746  C CD  . PRO A 1 94  ? 10.945  3.887   -19.003 1.00 65.65  ? 94  PRO A CD  1 
ATOM   747  N N   . LYS A 1 95  ? 10.451  5.645   -15.581 1.00 64.43  ? 95  LYS A N   1 
ATOM   748  C CA  . LYS A 1 95  ? 10.000  6.439   -14.428 1.00 68.39  ? 95  LYS A CA  1 
ATOM   749  C C   . LYS A 1 95  ? 9.974   5.591   -13.155 1.00 64.36  ? 95  LYS A C   1 
ATOM   750  O O   . LYS A 1 95  ? 10.506  5.993   -12.121 1.00 65.44  ? 95  LYS A O   1 
ATOM   751  C CB  . LYS A 1 95  ? 8.612   7.032   -14.693 1.00 77.42  ? 95  LYS A CB  1 
ATOM   752  C CG  . LYS A 1 95  ? 8.084   7.942   -13.589 1.00 87.50  ? 95  LYS A CG  1 
ATOM   753  C CD  . LYS A 1 95  ? 6.872   8.744   -14.060 1.00 96.29  ? 95  LYS A CD  1 
ATOM   754  C CE  . LYS A 1 95  ? 6.311   9.642   -12.963 1.00 99.67  ? 95  LYS A CE  1 
ATOM   755  N NZ  . LYS A 1 95  ? 5.812   8.866   -11.792 1.00 100.49 ? 95  LYS A NZ  1 
ATOM   756  N N   . GLY A 1 96  ? 9.380   4.405   -13.250 1.00 62.25  ? 96  GLY A N   1 
ATOM   757  C CA  . GLY A 1 96  ? 9.238   3.518   -12.102 1.00 63.79  ? 96  GLY A CA  1 
ATOM   758  C C   . GLY A 1 96  ? 10.470  2.708   -11.730 1.00 62.95  ? 96  GLY A C   1 
ATOM   759  O O   . GLY A 1 96  ? 11.535  2.842   -12.347 1.00 60.64  ? 96  GLY A O   1 
ATOM   760  N N   . ALA A 1 97  ? 10.296  1.854   -10.717 1.00 58.37  ? 97  ALA A N   1 
ATOM   761  C CA  . ALA A 1 97  ? 11.350  0.986   -10.209 1.00 55.78  ? 97  ALA A CA  1 
ATOM   762  C C   . ALA A 1 97  ? 10.941  -0.484  -10.045 1.00 57.04  ? 97  ALA A C   1 
ATOM   763  O O   . ALA A 1 97  ? 11.641  -1.226  -9.361  1.00 57.36  ? 97  ALA A O   1 
ATOM   764  C CB  . ALA A 1 97  ? 11.869  1.530   -8.884  1.00 55.81  ? 97  ALA A CB  1 
ATOM   765  N N   . TRP A 1 98  ? 9.845   -0.925  -10.668 1.00 58.98  ? 98  TRP A N   1 
ATOM   766  C CA  . TRP A 1 98  ? 9.503   -2.348  -10.624 1.00 60.63  ? 98  TRP A CA  1 
ATOM   767  C C   . TRP A 1 98  ? 10.545  -3.160  -11.403 1.00 66.07  ? 98  TRP A C   1 
ATOM   768  O O   . TRP A 1 98  ? 10.878  -2.813  -12.538 1.00 71.62  ? 98  TRP A O   1 
ATOM   769  C CB  . TRP A 1 98  ? 8.104   -2.655  -11.183 1.00 58.41  ? 98  TRP A CB  1 
ATOM   770  C CG  . TRP A 1 98  ? 7.870   -4.156  -11.283 1.00 59.49  ? 98  TRP A CG  1 
ATOM   771  C CD1 . TRP A 1 98  ? 7.894   -4.918  -12.417 1.00 61.44  ? 98  TRP A CD1 1 
ATOM   772  C CD2 . TRP A 1 98  ? 7.632   -5.068  -10.195 1.00 58.97  ? 98  TRP A CD2 1 
ATOM   773  N NE1 . TRP A 1 98  ? 7.668   -6.241  -12.106 1.00 64.12  ? 98  TRP A NE1 1 
ATOM   774  C CE2 . TRP A 1 98  ? 7.511   -6.362  -10.749 1.00 59.74  ? 98  TRP A CE2 1 
ATOM   775  C CE3 . TRP A 1 98  ? 7.491   -4.914  -8.811  1.00 57.11  ? 98  TRP A CE3 1 
ATOM   776  C CZ2 . TRP A 1 98  ? 7.256   -7.494  -9.964  1.00 57.97  ? 98  TRP A CZ2 1 
ATOM   777  C CZ3 . TRP A 1 98  ? 7.242   -6.047  -8.029  1.00 57.36  ? 98  TRP A CZ3 1 
ATOM   778  C CH2 . TRP A 1 98  ? 7.131   -7.315  -8.608  1.00 55.86  ? 98  TRP A CH2 1 
ATOM   779  N N   . ARG A 1 99  ? 11.038  -4.230  -10.773 1.00 67.50  ? 99  ARG A N   1 
ATOM   780  C CA  . ARG A 1 99  ? 11.881  -5.252  -11.415 1.00 66.29  ? 99  ARG A CA  1 
ATOM   781  C C   . ARG A 1 99  ? 11.498  -6.636  -10.843 1.00 67.44  ? 99  ARG A C   1 
ATOM   782  O O   . ARG A 1 99  ? 11.067  -6.720  -9.686  1.00 58.35  ? 99  ARG A O   1 
ATOM   783  C CB  . ARG A 1 99  ? 13.365  -4.958  -11.170 1.00 66.19  ? 99  ARG A CB  1 
ATOM   784  C CG  . ARG A 1 99  ? 13.746  -4.892  -9.703  1.00 69.35  ? 99  ARG A CG  1 
ATOM   785  C CD  . ARG A 1 99  ? 15.092  -4.233  -9.461  1.00 73.36  ? 99  ARG A CD  1 
ATOM   786  N NE  . ARG A 1 99  ? 15.267  -3.892  -8.040  1.00 77.23  ? 99  ARG A NE  1 
ATOM   787  C CZ  . ARG A 1 99  ? 14.677  -2.868  -7.404  1.00 79.07  ? 99  ARG A CZ  1 
ATOM   788  N NH1 . ARG A 1 99  ? 13.838  -2.042  -8.033  1.00 81.00  ? 99  ARG A NH1 1 
ATOM   789  N NH2 . ARG A 1 99  ? 14.922  -2.663  -6.109  1.00 76.51  ? 99  ARG A NH2 1 
ATOM   790  N N   . PRO A 1 100 ? 11.676  -7.724  -11.625 1.00 70.04  ? 100 PRO A N   1 
ATOM   791  C CA  . PRO A 1 100 ? 11.181  -9.025  -11.154 1.00 68.90  ? 100 PRO A CA  1 
ATOM   792  C C   . PRO A 1 100 ? 11.930  -9.672  -9.980  1.00 64.30  ? 100 PRO A C   1 
ATOM   793  O O   . PRO A 1 100 ? 11.510  -10.717 -9.534  1.00 65.87  ? 100 PRO A O   1 
ATOM   794  C CB  . PRO A 1 100 ? 11.261  -9.921  -12.405 1.00 69.92  ? 100 PRO A CB  1 
ATOM   795  C CG  . PRO A 1 100 ? 11.600  -9.015  -13.543 1.00 73.36  ? 100 PRO A CG  1 
ATOM   796  C CD  . PRO A 1 100 ? 12.337  -7.859  -12.934 1.00 72.07  ? 100 PRO A CD  1 
ATOM   797  N N   . SER A 1 101 ? 13.016  -9.075  -9.491  1.00 67.44  ? 101 SER A N   1 
ATOM   798  C CA  . SER A 1 101 ? 13.640  -9.499  -8.233  1.00 66.92  ? 101 SER A CA  1 
ATOM   799  C C   . SER A 1 101 ? 12.937  -8.931  -6.989  1.00 67.24  ? 101 SER A C   1 
ATOM   800  O O   . SER A 1 101 ? 13.337  -9.235  -5.862  1.00 70.71  ? 101 SER A O   1 
ATOM   801  C CB  . SER A 1 101 ? 15.127  -9.111  -8.220  1.00 73.99  ? 101 SER A CB  1 
ATOM   802  O OG  . SER A 1 101 ? 15.313  -7.715  -8.399  1.00 77.99  ? 101 SER A OG  1 
ATOM   803  N N   . LEU A 1 102 ? 11.934  -8.072  -7.182  1.00 66.02  ? 102 LEU A N   1 
ATOM   804  C CA  . LEU A 1 102 ? 11.008  -7.703  -6.103  1.00 65.96  ? 102 LEU A CA  1 
ATOM   805  C C   . LEU A 1 102 ? 9.833   -8.683  -6.082  1.00 60.56  ? 102 LEU A C   1 
ATOM   806  O O   . LEU A 1 102 ? 9.713   -9.538  -6.955  1.00 59.06  ? 102 LEU A O   1 
ATOM   807  C CB  . LEU A 1 102 ? 10.496  -6.268  -6.290  1.00 66.04  ? 102 LEU A CB  1 
ATOM   808  C CG  . LEU A 1 102 ? 11.560  -5.167  -6.360  1.00 65.09  ? 102 LEU A CG  1 
ATOM   809  C CD1 . LEU A 1 102 ? 10.893  -3.821  -6.606  1.00 62.67  ? 102 LEU A CD1 1 
ATOM   810  C CD2 . LEU A 1 102 ? 12.411  -5.125  -5.096  1.00 63.52  ? 102 LEU A CD2 1 
ATOM   811  N N   . ASN A 1 103 ? 8.983   -8.555  -5.070  1.00 57.63  ? 103 ASN A N   1 
ATOM   812  C CA  . ASN A 1 103 ? 7.806   -9.412  -4.908  1.00 55.40  ? 103 ASN A CA  1 
ATOM   813  C C   . ASN A 1 103 ? 6.681   -8.671  -4.167  1.00 54.72  ? 103 ASN A C   1 
ATOM   814  O O   . ASN A 1 103 ? 6.832   -7.492  -3.803  1.00 51.81  ? 103 ASN A O   1 
ATOM   815  C CB  . ASN A 1 103 ? 8.210   -10.691 -4.161  1.00 56.03  ? 103 ASN A CB  1 
ATOM   816  C CG  . ASN A 1 103 ? 8.896   -10.400 -2.842  1.00 58.21  ? 103 ASN A CG  1 
ATOM   817  O OD1 . ASN A 1 103 ? 8.396   -9.625  -2.035  1.00 62.36  ? 103 ASN A OD1 1 
ATOM   818  N ND2 . ASN A 1 103 ? 10.046  -11.008 -2.621  1.00 59.83  ? 103 ASN A ND2 1 
ATOM   819  N N   . ILE A 1 104 ? 5.568   -9.372  -3.942  1.00 49.50  ? 104 ILE A N   1 
ATOM   820  C CA  . ILE A 1 104 ? 4.393   -8.795  -3.296  1.00 48.04  ? 104 ILE A CA  1 
ATOM   821  C C   . ILE A 1 104 ? 4.714   -8.294  -1.889  1.00 45.58  ? 104 ILE A C   1 
ATOM   822  O O   . ILE A 1 104 ? 4.288   -7.215  -1.501  1.00 46.50  ? 104 ILE A O   1 
ATOM   823  C CB  . ILE A 1 104 ? 3.201   -9.788  -3.296  1.00 47.51  ? 104 ILE A CB  1 
ATOM   824  C CG1 . ILE A 1 104 ? 2.708   -10.022 -4.733  1.00 48.27  ? 104 ILE A CG1 1 
ATOM   825  C CG2 . ILE A 1 104 ? 2.036   -9.256  -2.467  1.00 47.49  ? 104 ILE A CG2 1 
ATOM   826  C CD1 . ILE A 1 104 ? 2.025   -11.352 -4.945  1.00 50.00  ? 104 ILE A CD1 1 
ATOM   827  N N   . ALA A 1 105 ? 5.487   -9.061  -1.141  1.00 48.26  ? 105 ALA A N   1 
ATOM   828  C CA  . ALA A 1 105 ? 5.860   -8.681  0.224   1.00 48.26  ? 105 ALA A CA  1 
ATOM   829  C C   . ALA A 1 105 ? 6.664   -7.398  0.282   1.00 46.45  ? 105 ALA A C   1 
ATOM   830  O O   . ALA A 1 105 ? 6.421   -6.550  1.141   1.00 46.17  ? 105 ALA A O   1 
ATOM   831  C CB  . ALA A 1 105 ? 6.637   -9.812  0.891   1.00 50.83  ? 105 ALA A CB  1 
ATOM   832  N N   . THR A 1 106 ? 7.615   -7.247  -0.636  1.00 50.03  ? 106 THR A N   1 
ATOM   833  C CA  . THR A 1 106 ? 8.464   -6.054  -0.633  1.00 52.09  ? 106 THR A CA  1 
ATOM   834  C C   . THR A 1 106 ? 7.691   -4.796  -1.002  1.00 48.78  ? 106 THR A C   1 
ATOM   835  O O   . THR A 1 106 ? 7.911   -3.765  -0.368  1.00 50.10  ? 106 THR A O   1 
ATOM   836  C CB  . THR A 1 106 ? 9.731   -6.198  -1.492  1.00 54.88  ? 106 THR A CB  1 
ATOM   837  O OG1 . THR A 1 106 ? 9.379   -6.451  -2.853  1.00 58.55  ? 106 THR A OG1 1 
ATOM   838  C CG2 . THR A 1 106 ? 10.603  -7.347  -0.947  1.00 58.65  ? 106 THR A CG2 1 
ATOM   839  N N   . VAL A 1 107 ? 6.763   -4.875  -1.965  1.00 44.99  ? 107 VAL A N   1 
ATOM   840  C CA  . VAL A 1 107 ? 5.956   -3.695  -2.287  1.00 45.68  ? 107 VAL A CA  1 
ATOM   841  C C   . VAL A 1 107 ? 4.971   -3.335  -1.158  1.00 44.86  ? 107 VAL A C   1 
ATOM   842  O O   . VAL A 1 107 ? 4.771   -2.153  -0.879  1.00 44.89  ? 107 VAL A O   1 
ATOM   843  C CB  . VAL A 1 107 ? 5.284   -3.724  -3.683  1.00 46.78  ? 107 VAL A CB  1 
ATOM   844  C CG1 . VAL A 1 107 ? 6.333   -3.920  -4.759  1.00 50.10  ? 107 VAL A CG1 1 
ATOM   845  C CG2 . VAL A 1 107 ? 4.203   -4.777  -3.796  1.00 49.17  ? 107 VAL A CG2 1 
ATOM   846  N N   . LEU A 1 108 ? 4.381   -4.329  -0.491  1.00 44.31  ? 108 LEU A N   1 
ATOM   847  C CA  . LEU A 1 108 ? 3.518   -4.032  0.661   1.00 41.72  ? 108 LEU A CA  1 
ATOM   848  C C   . LEU A 1 108 ? 4.316   -3.319  1.767   1.00 41.35  ? 108 LEU A C   1 
ATOM   849  O O   . LEU A 1 108 ? 3.861   -2.324  2.333   1.00 40.85  ? 108 LEU A O   1 
ATOM   850  C CB  . LEU A 1 108 ? 2.835   -5.303  1.180   1.00 43.60  ? 108 LEU A CB  1 
ATOM   851  C CG  . LEU A 1 108 ? 1.819   -5.922  0.201   1.00 45.12  ? 108 LEU A CG  1 
ATOM   852  C CD1 . LEU A 1 108 ? 1.482   -7.348  0.603   1.00 45.58  ? 108 LEU A CD1 1 
ATOM   853  C CD2 . LEU A 1 108 ? 0.554   -5.091  0.096   1.00 44.97  ? 108 LEU A CD2 1 
ATOM   854  N N   . THR A 1 109 ? 5.517   -3.805  2.042   1.00 41.32  ? 109 THR A N   1 
ATOM   855  C CA  . THR A 1 109 ? 6.428   -3.125  2.959   1.00 50.26  ? 109 THR A CA  1 
ATOM   856  C C   . THR A 1 109 ? 6.753   -1.674  2.507   1.00 51.72  ? 109 THR A C   1 
ATOM   857  O O   . THR A 1 109 ? 6.859   -0.778  3.341   1.00 53.74  ? 109 THR A O   1 
ATOM   858  C CB  . THR A 1 109 ? 7.730   -3.958  3.130   1.00 55.21  ? 109 THR A CB  1 
ATOM   859  O OG1 . THR A 1 109 ? 7.393   -5.290  3.552   1.00 56.75  ? 109 THR A OG1 1 
ATOM   860  C CG2 . THR A 1 109 ? 8.665   -3.341  4.155   1.00 54.11  ? 109 THR A CG2 1 
ATOM   861  N N   . SER A 1 110 ? 6.906   -1.439  1.205   1.00 48.69  ? 110 SER A N   1 
ATOM   862  C CA  . SER A 1 110 ? 7.126   -0.063  0.697   1.00 50.10  ? 110 SER A CA  1 
ATOM   863  C C   . SER A 1 110 ? 5.921   0.848   0.905   1.00 49.73  ? 110 SER A C   1 
ATOM   864  O O   . SER A 1 110 ? 6.087   2.013   1.267   1.00 51.45  ? 110 SER A O   1 
ATOM   865  C CB  . SER A 1 110 ? 7.486   -0.058  -0.783  1.00 48.19  ? 110 SER A CB  1 
ATOM   866  O OG  . SER A 1 110 ? 8.609   -0.871  -1.011  1.00 49.01  ? 110 SER A OG  1 
ATOM   867  N N   . ILE A 1 111 ? 4.721   0.320   0.662   1.00 44.41  ? 111 ILE A N   1 
ATOM   868  C CA  . ILE A 1 111 ? 3.480   1.054   0.942   1.00 45.88  ? 111 ILE A CA  1 
ATOM   869  C C   . ILE A 1 111 ? 3.376   1.413   2.430   1.00 48.21  ? 111 ILE A C   1 
ATOM   870  O O   . ILE A 1 111 ? 2.935   2.507   2.785   1.00 51.84  ? 111 ILE A O   1 
ATOM   871  C CB  . ILE A 1 111 ? 2.236   0.253   0.517   1.00 43.37  ? 111 ILE A CB  1 
ATOM   872  C CG1 . ILE A 1 111 ? 2.206   0.092   -1.009  1.00 41.93  ? 111 ILE A CG1 1 
ATOM   873  C CG2 . ILE A 1 111 ? 0.963   0.947   0.983   1.00 42.46  ? 111 ILE A CG2 1 
ATOM   874  C CD1 . ILE A 1 111 ? 1.310   -1.020  -1.505  1.00 43.20  ? 111 ILE A CD1 1 
ATOM   875  N N   . GLN A 1 112 ? 3.776   0.481   3.286   1.00 52.07  ? 112 GLN A N   1 
ATOM   876  C CA  . GLN A 1 112 ? 3.854   0.714   4.735   1.00 56.13  ? 112 GLN A CA  1 
ATOM   877  C C   . GLN A 1 112 ? 4.845   1.829   5.096   1.00 53.12  ? 112 GLN A C   1 
ATOM   878  O O   . GLN A 1 112 ? 4.564   2.653   5.964   1.00 51.34  ? 112 GLN A O   1 
ATOM   879  C CB  . GLN A 1 112 ? 4.257   -0.582  5.437   1.00 58.82  ? 112 GLN A CB  1 
ATOM   880  C CG  . GLN A 1 112 ? 4.333   -0.515  6.955   1.00 62.51  ? 112 GLN A CG  1 
ATOM   881  C CD  . GLN A 1 112 ? 4.781   -1.840  7.545   1.00 63.73  ? 112 GLN A CD  1 
ATOM   882  O OE1 . GLN A 1 112 ? 5.902   -2.292  7.295   1.00 59.16  ? 112 GLN A OE1 1 
ATOM   883  N NE2 . GLN A 1 112 ? 3.907   -2.475  8.322   1.00 65.22  ? 112 GLN A NE2 1 
ATOM   884  N N   . LEU A 1 113 ? 6.000   1.830   4.439   1.00 54.56  ? 113 LEU A N   1 
ATOM   885  C CA  . LEU A 1 113 ? 6.996   2.886   4.618   1.00 58.21  ? 113 LEU A CA  1 
ATOM   886  C C   . LEU A 1 113 ? 6.476   4.243   4.115   1.00 59.77  ? 113 LEU A C   1 
ATOM   887  O O   . LEU A 1 113 ? 6.659   5.269   4.779   1.00 57.67  ? 113 LEU A O   1 
ATOM   888  C CB  . LEU A 1 113 ? 8.302   2.520   3.908   1.00 60.16  ? 113 LEU A CB  1 
ATOM   889  C CG  . LEU A 1 113 ? 9.456   3.535   3.958   1.00 65.98  ? 113 LEU A CG  1 
ATOM   890  C CD1 . LEU A 1 113 ? 9.786   3.942   5.389   1.00 66.67  ? 113 LEU A CD1 1 
ATOM   891  C CD2 . LEU A 1 113 ? 10.687  2.978   3.257   1.00 66.05  ? 113 LEU A CD2 1 
ATOM   892  N N   . LEU A 1 114 ? 5.827   4.234   2.950   1.00 57.92  ? 114 LEU A N   1 
ATOM   893  C CA  . LEU A 1 114 ? 5.158   5.428   2.414   1.00 55.02  ? 114 LEU A CA  1 
ATOM   894  C C   . LEU A 1 114 ? 4.164   6.040   3.409   1.00 53.95  ? 114 LEU A C   1 
ATOM   895  O O   . LEU A 1 114 ? 4.063   7.265   3.498   1.00 54.91  ? 114 LEU A O   1 
ATOM   896  C CB  . LEU A 1 114 ? 4.445   5.095   1.097   1.00 55.16  ? 114 LEU A CB  1 
ATOM   897  C CG  . LEU A 1 114 ? 3.842   6.247   0.290   1.00 57.44  ? 114 LEU A CG  1 
ATOM   898  C CD1 . LEU A 1 114 ? 4.950   7.132   -0.279  1.00 56.34  ? 114 LEU A CD1 1 
ATOM   899  C CD2 . LEU A 1 114 ? 2.946   5.715   -0.827  1.00 57.68  ? 114 LEU A CD2 1 
ATOM   900  N N   . MET A 1 115 ? 3.443   5.196   4.149   1.00 54.31  ? 115 MET A N   1 
ATOM   901  C CA  . MET A 1 115 ? 2.500   5.660   5.183   1.00 56.56  ? 115 MET A CA  1 
ATOM   902  C C   . MET A 1 115 ? 3.190   6.395   6.334   1.00 62.86  ? 115 MET A C   1 
ATOM   903  O O   . MET A 1 115 ? 2.641   7.362   6.865   1.00 62.63  ? 115 MET A O   1 
ATOM   904  C CB  . MET A 1 115 ? 1.671   4.494   5.738   1.00 56.27  ? 115 MET A CB  1 
ATOM   905  C CG  . MET A 1 115 ? 0.609   3.999   4.770   1.00 57.56  ? 115 MET A CG  1 
ATOM   906  S SD  . MET A 1 115 ? -0.092  2.387   5.193   1.00 56.49  ? 115 MET A SD  1 
ATOM   907  C CE  . MET A 1 115 ? -0.821  2.703   6.799   1.00 60.78  ? 115 MET A CE  1 
ATOM   908  N N   . SER A 1 116 ? 4.380   5.935   6.723   1.00 67.77  ? 116 SER A N   1 
ATOM   909  C CA  . SER A 1 116 ? 5.195   6.626   7.736   1.00 70.60  ? 116 SER A CA  1 
ATOM   910  C C   . SER A 1 116 ? 5.850   7.892   7.200   1.00 68.81  ? 116 SER A C   1 
ATOM   911  O O   . SER A 1 116 ? 5.977   8.872   7.928   1.00 67.13  ? 116 SER A O   1 
ATOM   912  C CB  . SER A 1 116 ? 6.306   5.711   8.256   1.00 71.18  ? 116 SER A CB  1 
ATOM   913  O OG  . SER A 1 116 ? 5.769   4.512   8.773   1.00 77.80  ? 116 SER A OG  1 
ATOM   914  N N   . GLU A 1 117 ? 6.289   7.849   5.942   1.00 66.38  ? 117 GLU A N   1 
ATOM   915  C CA  . GLU A 1 117 ? 7.167   8.875   5.377   1.00 69.36  ? 117 GLU A CA  1 
ATOM   916  C C   . GLU A 1 117 ? 6.707   9.298   3.969   1.00 62.93  ? 117 GLU A C   1 
ATOM   917  O O   . GLU A 1 117 ? 7.268   8.849   2.969   1.00 62.08  ? 117 GLU A O   1 
ATOM   918  C CB  . GLU A 1 117 ? 8.610   8.356   5.374   1.00 75.71  ? 117 GLU A CB  1 
ATOM   919  C CG  . GLU A 1 117 ? 9.102   7.964   6.767   1.00 86.70  ? 117 GLU A CG  1 
ATOM   920  C CD  . GLU A 1 117 ? 10.543  7.482   6.821   1.00 95.35  ? 117 GLU A CD  1 
ATOM   921  O OE1 . GLU A 1 117 ? 11.121  7.140   5.764   1.00 99.27  ? 117 GLU A OE1 1 
ATOM   922  O OE2 . GLU A 1 117 ? 11.096  7.429   7.943   1.00 101.20 ? 117 GLU A OE2 1 
ATOM   923  N N   . PRO A 1 118 ? 5.677   10.172  3.891   1.00 61.04  ? 118 PRO A N   1 
ATOM   924  C CA  . PRO A 1 118 ? 5.141   10.662  2.606   1.00 60.12  ? 118 PRO A CA  1 
ATOM   925  C C   . PRO A 1 118 ? 6.136   11.402  1.712   1.00 59.70  ? 118 PRO A C   1 
ATOM   926  O O   . PRO A 1 118 ? 7.151   11.877  2.200   1.00 61.45  ? 118 PRO A O   1 
ATOM   927  C CB  . PRO A 1 118 ? 4.031   11.618  3.035   1.00 60.55  ? 118 PRO A CB  1 
ATOM   928  C CG  . PRO A 1 118 ? 3.618   11.158  4.386   1.00 60.24  ? 118 PRO A CG  1 
ATOM   929  C CD  . PRO A 1 118 ? 4.871   10.659  5.032   1.00 60.26  ? 118 PRO A CD  1 
ATOM   930  N N   . ASN A 1 119 ? 5.843   11.468  0.413   1.00 63.26  ? 119 ASN A N   1 
ATOM   931  C CA  . ASN A 1 119 ? 6.615   12.268  -0.556  1.00 67.71  ? 119 ASN A CA  1 
ATOM   932  C C   . ASN A 1 119 ? 5.750   13.392  -1.145  1.00 71.00  ? 119 ASN A C   1 
ATOM   933  O O   . ASN A 1 119 ? 4.998   13.149  -2.092  1.00 71.39  ? 119 ASN A O   1 
ATOM   934  C CB  . ASN A 1 119 ? 7.131   11.394  -1.707  1.00 69.37  ? 119 ASN A CB  1 
ATOM   935  C CG  . ASN A 1 119 ? 7.932   10.203  -1.237  1.00 75.73  ? 119 ASN A CG  1 
ATOM   936  O OD1 . ASN A 1 119 ? 7.705   9.078   -1.692  1.00 74.75  ? 119 ASN A OD1 1 
ATOM   937  N ND2 . ASN A 1 119 ? 8.878   10.433  -0.327  1.00 80.04  ? 119 ASN A ND2 1 
ATOM   938  N N   . PRO A 1 120 ? 5.830   14.623  -0.589  1.00 80.54  ? 120 PRO A N   1 
ATOM   939  C CA  . PRO A 1 120 ? 5.090   15.762  -1.192  1.00 84.86  ? 120 PRO A CA  1 
ATOM   940  C C   . PRO A 1 120 ? 5.652   16.269  -2.544  1.00 85.21  ? 120 PRO A C   1 
ATOM   941  O O   . PRO A 1 120 ? 4.965   17.005  -3.255  1.00 80.92  ? 120 PRO A O   1 
ATOM   942  C CB  . PRO A 1 120 ? 5.175   16.859  -0.116  1.00 82.40  ? 120 PRO A CB  1 
ATOM   943  C CG  . PRO A 1 120 ? 5.607   16.163  1.127   1.00 84.06  ? 120 PRO A CG  1 
ATOM   944  C CD  . PRO A 1 120 ? 6.461   15.014  0.682   1.00 81.19  ? 120 PRO A CD  1 
ATOM   945  N N   . ASP A 1 121 ? 6.893   15.902  -2.863  1.00 87.62  ? 121 ASP A N   1 
ATOM   946  C CA  . ASP A 1 121 ? 7.468   16.096  -4.203  1.00 94.24  ? 121 ASP A CA  1 
ATOM   947  C C   . ASP A 1 121 ? 6.643   15.492  -5.357  1.00 94.78  ? 121 ASP A C   1 
ATOM   948  O O   . ASP A 1 121 ? 6.597   16.079  -6.444  1.00 102.47 ? 121 ASP A O   1 
ATOM   949  C CB  . ASP A 1 121 ? 8.910   15.550  -4.253  1.00 103.33 ? 121 ASP A CB  1 
ATOM   950  C CG  . ASP A 1 121 ? 9.025   14.089  -3.774  1.00 110.17 ? 121 ASP A CG  1 
ATOM   951  O OD1 . ASP A 1 121 ? 9.551   13.863  -2.660  1.00 111.14 ? 121 ASP A OD1 1 
ATOM   952  O OD2 . ASP A 1 121 ? 8.588   13.170  -4.504  1.00 116.16 ? 121 ASP A OD2 1 
ATOM   953  N N   . ASP A 1 122 ? 6.010   14.334  -5.117  1.00 90.56  ? 122 ASP A N   1 
ATOM   954  C CA  . ASP A 1 122 ? 5.189   13.623  -6.122  1.00 89.66  ? 122 ASP A CA  1 
ATOM   955  C C   . ASP A 1 122 ? 3.770   13.343  -5.596  1.00 80.90  ? 122 ASP A C   1 
ATOM   956  O O   . ASP A 1 122 ? 3.383   12.185  -5.400  1.00 77.79  ? 122 ASP A O   1 
ATOM   957  C CB  . ASP A 1 122 ? 5.879   12.314  -6.555  1.00 93.10  ? 122 ASP A CB  1 
ATOM   958  C CG  . ASP A 1 122 ? 6.994   12.533  -7.584  1.00 97.45  ? 122 ASP A CG  1 
ATOM   959  O OD1 . ASP A 1 122 ? 7.161   13.665  -8.103  1.00 96.66  ? 122 ASP A OD1 1 
ATOM   960  O OD2 . ASP A 1 122 ? 7.700   11.547  -7.883  1.00 98.03  ? 122 ASP A OD2 1 
ATOM   961  N N   . PRO A 1 123 ? 2.977   14.411  -5.398  1.00 73.30  ? 123 PRO A N   1 
ATOM   962  C CA  . PRO A 1 123 ? 1.685   14.271  -4.756  1.00 71.07  ? 123 PRO A CA  1 
ATOM   963  C C   . PRO A 1 123 ? 0.592   13.837  -5.724  1.00 67.75  ? 123 PRO A C   1 
ATOM   964  O O   . PRO A 1 123 ? 0.706   14.039  -6.935  1.00 68.76  ? 123 PRO A O   1 
ATOM   965  C CB  . PRO A 1 123 ? 1.405   15.692  -4.269  1.00 75.22  ? 123 PRO A CB  1 
ATOM   966  C CG  . PRO A 1 123 ? 2.001   16.555  -5.337  1.00 74.38  ? 123 PRO A CG  1 
ATOM   967  C CD  . PRO A 1 123 ? 3.161   15.782  -5.919  1.00 74.33  ? 123 PRO A CD  1 
ATOM   968  N N   . LEU A 1 124 ? -0.443  13.221  -5.176  1.00 61.25  ? 124 LEU A N   1 
ATOM   969  C CA  . LEU A 1 124 ? -1.673  12.924  -5.903  1.00 57.92  ? 124 LEU A CA  1 
ATOM   970  C C   . LEU A 1 124 ? -2.841  13.754  -5.378  1.00 55.26  ? 124 LEU A C   1 
ATOM   971  O O   . LEU A 1 124 ? -3.850  13.902  -6.071  1.00 54.95  ? 124 LEU A O   1 
ATOM   972  C CB  . LEU A 1 124 ? -1.987  11.433  -5.770  1.00 57.27  ? 124 LEU A CB  1 
ATOM   973  C CG  . LEU A 1 124 ? -2.372  10.661  -7.016  1.00 58.77  ? 124 LEU A CG  1 
ATOM   974  C CD1 . LEU A 1 124 ? -1.353  10.864  -8.142  1.00 59.54  ? 124 LEU A CD1 1 
ATOM   975  C CD2 . LEU A 1 124 ? -2.492  9.184   -6.660  1.00 60.15  ? 124 LEU A CD2 1 
ATOM   976  N N   . MET A 1 125 ? -2.712  14.253  -4.146  1.00 51.99  ? 125 MET A N   1 
ATOM   977  C CA  . MET A 1 125 ? -3.690  15.118  -3.507  1.00 53.41  ? 125 MET A CA  1 
ATOM   978  C C   . MET A 1 125 ? -2.973  16.414  -3.150  1.00 53.05  ? 125 MET A C   1 
ATOM   979  O O   . MET A 1 125 ? -2.231  16.468  -2.158  1.00 50.89  ? 125 MET A O   1 
ATOM   980  C CB  . MET A 1 125 ? -4.245  14.435  -2.250  1.00 51.24  ? 125 MET A CB  1 
ATOM   981  C CG  . MET A 1 125 ? -4.898  13.101  -2.523  1.00 51.02  ? 125 MET A CG  1 
ATOM   982  S SD  . MET A 1 125 ? -6.357  13.259  -3.566  1.00 54.28  ? 125 MET A SD  1 
ATOM   983  C CE  . MET A 1 125 ? -7.574  13.695  -2.332  1.00 54.52  ? 125 MET A CE  1 
ATOM   984  N N   . ALA A 1 126 ? -3.193  17.444  -3.974  1.00 52.81  ? 126 ALA A N   1 
ATOM   985  C CA  . ALA A 1 126 ? -2.428  18.695  -3.895  1.00 54.05  ? 126 ALA A CA  1 
ATOM   986  C C   . ALA A 1 126 ? -2.722  19.500  -2.625  1.00 53.93  ? 126 ALA A C   1 
ATOM   987  O O   . ALA A 1 126 ? -1.792  19.987  -1.987  1.00 50.13  ? 126 ALA A O   1 
ATOM   988  C CB  . ALA A 1 126 ? -2.638  19.543  -5.136  1.00 53.73  ? 126 ALA A CB  1 
ATOM   989  N N   . ASP A 1 127 ? -3.993  19.600  -2.238  1.00 55.24  ? 127 ASP A N   1 
ATOM   990  C CA  . ASP A 1 127 ? -4.353  20.269  -0.983  1.00 59.21  ? 127 ASP A CA  1 
ATOM   991  C C   . ASP A 1 127 ? -3.799  19.558  0.248   1.00 59.13  ? 127 ASP A C   1 
ATOM   992  O O   . ASP A 1 127 ? -3.303  20.216  1.165   1.00 62.89  ? 127 ASP A O   1 
ATOM   993  C CB  . ASP A 1 127 ? -5.875  20.420  -0.835  1.00 64.62  ? 127 ASP A CB  1 
ATOM   994  C CG  . ASP A 1 127 ? -6.479  21.437  -1.816  1.00 70.31  ? 127 ASP A CG  1 
ATOM   995  O OD1 . ASP A 1 127 ? -5.755  21.962  -2.703  1.00 71.03  ? 127 ASP A OD1 1 
ATOM   996  O OD2 . ASP A 1 127 ? -7.696  21.714  -1.688  1.00 70.68  ? 127 ASP A OD2 1 
ATOM   997  N N   . ILE A 1 128 ? -3.876  18.227  0.283   1.00 57.09  ? 128 ILE A N   1 
ATOM   998  C CA  . ILE A 1 128 ? -3.310  17.478  1.418   1.00 54.77  ? 128 ILE A CA  1 
ATOM   999  C C   . ILE A 1 128 ? -1.793  17.656  1.453   1.00 51.18  ? 128 ILE A C   1 
ATOM   1000 O O   . ILE A 1 128 ? -1.223  17.864  2.506   1.00 50.26  ? 128 ILE A O   1 
ATOM   1001 C CB  . ILE A 1 128 ? -3.670  15.981  1.387   1.00 55.62  ? 128 ILE A CB  1 
ATOM   1002 C CG1 . ILE A 1 128 ? -5.186  15.807  1.483   1.00 55.51  ? 128 ILE A CG1 1 
ATOM   1003 C CG2 . ILE A 1 128 ? -3.018  15.245  2.555   1.00 55.74  ? 128 ILE A CG2 1 
ATOM   1004 C CD1 . ILE A 1 128 ? -5.661  14.407  1.173   1.00 56.00  ? 128 ILE A CD1 1 
ATOM   1005 N N   . SER A 1 129 ? -1.161  17.587  0.289   1.00 53.62  ? 129 SER A N   1 
ATOM   1006 C CA  . SER A 1 129 ? 0.286   17.794  0.157   1.00 54.79  ? 129 SER A CA  1 
ATOM   1007 C C   . SER A 1 129 ? 0.805   19.159  0.661   1.00 56.18  ? 129 SER A C   1 
ATOM   1008 O O   . SER A 1 129 ? 1.855   19.215  1.313   1.00 61.13  ? 129 SER A O   1 
ATOM   1009 C CB  . SER A 1 129 ? 0.699   17.586  -1.296  1.00 56.49  ? 129 SER A CB  1 
ATOM   1010 O OG  . SER A 1 129 ? 2.103   17.628  -1.421  1.00 65.36  ? 129 SER A OG  1 
ATOM   1011 N N   . SER A 1 130 ? 0.086   20.241  0.363   1.00 51.86  ? 130 SER A N   1 
ATOM   1012 C CA  . SER A 1 130 ? 0.447   21.573  0.882   1.00 54.16  ? 130 SER A CA  1 
ATOM   1013 C C   . SER A 1 130 ? 0.244   21.689  2.393   1.00 52.48  ? 130 SER A C   1 
ATOM   1014 O O   . SER A 1 130 ? 1.072   22.259  3.084   1.00 52.41  ? 130 SER A O   1 
ATOM   1015 C CB  . SER A 1 130 ? -0.347  22.662  0.169   1.00 55.37  ? 130 SER A CB  1 
ATOM   1016 O OG  . SER A 1 130 ? 0.140   22.828  -1.149  1.00 58.77  ? 130 SER A OG  1 
ATOM   1017 N N   . GLU A 1 131 ? -0.865  21.153  2.892   1.00 50.40  ? 131 GLU A N   1 
ATOM   1018 C CA  . GLU A 1 131 ? -1.113  21.070  4.327   1.00 53.07  ? 131 GLU A CA  1 
ATOM   1019 C C   . GLU A 1 131 ? 0.011   20.320  5.065   1.00 58.20  ? 131 GLU A C   1 
ATOM   1020 O O   . GLU A 1 131 ? 0.408   20.726  6.159   1.00 58.18  ? 131 GLU A O   1 
ATOM   1021 C CB  . GLU A 1 131 ? -2.464  20.396  4.585   1.00 55.43  ? 131 GLU A CB  1 
ATOM   1022 C CG  . GLU A 1 131 ? -2.971  20.420  6.013   1.00 57.30  ? 131 GLU A CG  1 
ATOM   1023 C CD  . GLU A 1 131 ? -4.300  19.674  6.154   1.00 64.30  ? 131 GLU A CD  1 
ATOM   1024 O OE1 . GLU A 1 131 ? -4.329  18.457  5.883   1.00 69.94  ? 131 GLU A OE1 1 
ATOM   1025 O OE2 . GLU A 1 131 ? -5.323  20.290  6.525   1.00 65.89  ? 131 GLU A OE2 1 
ATOM   1026 N N   . PHE A 1 132 ? 0.517   19.237  4.466   1.00 56.64  ? 132 PHE A N   1 
ATOM   1027 C CA  . PHE A 1 132 ? 1.615   18.454  5.043   1.00 56.89  ? 132 PHE A CA  1 
ATOM   1028 C C   . PHE A 1 132 ? 2.897   19.287  5.145   1.00 60.20  ? 132 PHE A C   1 
ATOM   1029 O O   . PHE A 1 132 ? 3.555   19.269  6.180   1.00 64.61  ? 132 PHE A O   1 
ATOM   1030 C CB  . PHE A 1 132 ? 1.866   17.191  4.202   1.00 57.69  ? 132 PHE A CB  1 
ATOM   1031 C CG  . PHE A 1 132 ? 2.985   16.318  4.703   1.00 56.84  ? 132 PHE A CG  1 
ATOM   1032 C CD1 . PHE A 1 132 ? 2.737   15.296  5.609   1.00 59.58  ? 132 PHE A CD1 1 
ATOM   1033 C CD2 . PHE A 1 132 ? 4.291   16.502  4.257   1.00 61.63  ? 132 PHE A CD2 1 
ATOM   1034 C CE1 . PHE A 1 132 ? 3.764   14.479  6.066   1.00 59.01  ? 132 PHE A CE1 1 
ATOM   1035 C CE2 . PHE A 1 132 ? 5.329   15.693  4.719   1.00 60.88  ? 132 PHE A CE2 1 
ATOM   1036 C CZ  . PHE A 1 132 ? 5.065   14.678  5.622   1.00 58.55  ? 132 PHE A CZ  1 
ATOM   1037 N N   . LYS A 1 133 ? 3.250   20.001  4.076   1.00 64.68  ? 133 LYS A N   1 
ATOM   1038 C CA  . LYS A 1 133 ? 4.454   20.849  4.079   1.00 67.87  ? 133 LYS A CA  1 
ATOM   1039 C C   . LYS A 1 133 ? 4.350   22.057  5.015   1.00 69.19  ? 133 LYS A C   1 
ATOM   1040 O O   . LYS A 1 133 ? 5.271   22.316  5.781   1.00 71.54  ? 133 LYS A O   1 
ATOM   1041 C CB  . LYS A 1 133 ? 4.773   21.371  2.682   1.00 68.34  ? 133 LYS A CB  1 
ATOM   1042 C CG  . LYS A 1 133 ? 5.184   20.306  1.686   1.00 74.33  ? 133 LYS A CG  1 
ATOM   1043 C CD  . LYS A 1 133 ? 5.500   20.900  0.316   1.00 79.40  ? 133 LYS A CD  1 
ATOM   1044 C CE  . LYS A 1 133 ? 6.665   21.882  0.381   1.00 83.66  ? 133 LYS A CE  1 
ATOM   1045 N NZ  . LYS A 1 133 ? 7.338   22.050  -0.935  1.00 87.02  ? 133 LYS A NZ  1 
ATOM   1046 N N   . TYR A 1 134 ? 3.230   22.779  4.952   1.00 67.28  ? 134 TYR A N   1 
ATOM   1047 C CA  . TYR A 1 134 ? 3.133   24.126  5.536   1.00 65.85  ? 134 TYR A CA  1 
ATOM   1048 C C   . TYR A 1 134 ? 2.319   24.258  6.824   1.00 66.45  ? 134 TYR A C   1 
ATOM   1049 O O   . TYR A 1 134 ? 2.389   25.288  7.490   1.00 73.63  ? 134 TYR A O   1 
ATOM   1050 C CB  . TYR A 1 134 ? 2.576   25.085  4.489   1.00 63.42  ? 134 TYR A CB  1 
ATOM   1051 C CG  . TYR A 1 134 ? 3.412   25.152  3.226   1.00 60.99  ? 134 TYR A CG  1 
ATOM   1052 C CD1 . TYR A 1 134 ? 4.745   25.538  3.273   1.00 61.54  ? 134 TYR A CD1 1 
ATOM   1053 C CD2 . TYR A 1 134 ? 2.865   24.851  1.985   1.00 60.91  ? 134 TYR A CD2 1 
ATOM   1054 C CE1 . TYR A 1 134 ? 5.516   25.604  2.122   1.00 61.79  ? 134 TYR A CE1 1 
ATOM   1055 C CE2 . TYR A 1 134 ? 3.628   24.921  0.827   1.00 62.75  ? 134 TYR A CE2 1 
ATOM   1056 C CZ  . TYR A 1 134 ? 4.953   25.297  0.904   1.00 62.20  ? 134 TYR A CZ  1 
ATOM   1057 O OH  . TYR A 1 134 ? 5.718   25.368  -0.235  1.00 71.52  ? 134 TYR A OH  1 
ATOM   1058 N N   . ASN A 1 135 ? 1.544   23.240  7.170   1.00 64.90  ? 135 ASN A N   1 
ATOM   1059 C CA  . ASN A 1 135 ? 0.731   23.274  8.382   1.00 68.08  ? 135 ASN A CA  1 
ATOM   1060 C C   . ASN A 1 135 ? 0.668   21.860  8.942   1.00 68.32  ? 135 ASN A C   1 
ATOM   1061 O O   . ASN A 1 135 ? -0.411  21.265  9.094   1.00 64.09  ? 135 ASN A O   1 
ATOM   1062 C CB  . ASN A 1 135 ? -0.662  23.850  8.074   1.00 71.44  ? 135 ASN A CB  1 
ATOM   1063 C CG  . ASN A 1 135 ? -1.522  24.052  9.322   1.00 71.40  ? 135 ASN A CG  1 
ATOM   1064 O OD1 . ASN A 1 135 ? -1.048  23.956  10.451  1.00 71.59  ? 135 ASN A OD1 1 
ATOM   1065 N ND2 . ASN A 1 135 ? -2.802  24.334  9.110   1.00 71.13  ? 135 ASN A ND2 1 
ATOM   1066 N N   . LYS A 1 136 ? 1.858   21.344  9.249   1.00 71.64  ? 136 LYS A N   1 
ATOM   1067 C CA  . LYS A 1 136 ? 2.037   19.966  9.703   1.00 73.93  ? 136 LYS A CA  1 
ATOM   1068 C C   . LYS A 1 136 ? 1.090   19.540  10.852  1.00 73.52  ? 136 LYS A C   1 
ATOM   1069 O O   . LYS A 1 136 ? 0.517   18.462  10.779  1.00 73.09  ? 136 LYS A O   1 
ATOM   1070 C CB  . LYS A 1 136 ? 3.521   19.701  10.040  1.00 77.56  ? 136 LYS A CB  1 
ATOM   1071 C CG  . LYS A 1 136 ? 3.879   18.268  10.446  1.00 79.98  ? 136 LYS A CG  1 
ATOM   1072 C CD  . LYS A 1 136 ? 3.337   17.214  9.482   1.00 83.15  ? 136 LYS A CD  1 
ATOM   1073 C CE  . LYS A 1 136 ? 3.808   15.805  9.816   1.00 81.15  ? 136 LYS A CE  1 
ATOM   1074 N NZ  . LYS A 1 136 ? 5.160   15.519  9.263   1.00 81.84  ? 136 LYS A NZ  1 
ATOM   1075 N N   . PRO A 1 137 ? 0.888   20.390  11.883  1.00 76.53  ? 137 PRO A N   1 
ATOM   1076 C CA  . PRO A 1 137 ? -0.036  19.994  12.961  1.00 71.94  ? 137 PRO A CA  1 
ATOM   1077 C C   . PRO A 1 137 ? -1.474  19.727  12.513  1.00 69.68  ? 137 PRO A C   1 
ATOM   1078 O O   . PRO A 1 137 ? -2.118  18.831  13.054  1.00 70.45  ? 137 PRO A O   1 
ATOM   1079 C CB  . PRO A 1 137 ? -0.002  21.194  13.918  1.00 75.05  ? 137 PRO A CB  1 
ATOM   1080 C CG  . PRO A 1 137 ? 1.291   21.878  13.635  1.00 77.21  ? 137 PRO A CG  1 
ATOM   1081 C CD  . PRO A 1 137 ? 1.523   21.693  12.167  1.00 77.70  ? 137 PRO A CD  1 
ATOM   1082 N N   . ALA A 1 138 ? -1.967  20.495  11.543  1.00 67.42  ? 138 ALA A N   1 
ATOM   1083 C CA  . ALA A 1 138 ? -3.326  20.305  11.011  1.00 68.83  ? 138 ALA A CA  1 
ATOM   1084 C C   . ALA A 1 138 ? -3.469  19.036  10.153  1.00 66.72  ? 138 ALA A C   1 
ATOM   1085 O O   . ALA A 1 138 ? -4.554  18.422  10.111  1.00 62.50  ? 138 ALA A O   1 
ATOM   1086 C CB  . ALA A 1 138 ? -3.747  21.523  10.204  1.00 70.87  ? 138 ALA A CB  1 
ATOM   1087 N N   . PHE A 1 139 ? -2.393  18.677  9.446   1.00 62.90  ? 139 PHE A N   1 
ATOM   1088 C CA  . PHE A 1 139 ? -2.343  17.425  8.694   1.00 67.24  ? 139 PHE A CA  1 
ATOM   1089 C C   . PHE A 1 139 ? -2.515  16.251  9.648   1.00 70.21  ? 139 PHE A C   1 
ATOM   1090 O O   . PHE A 1 139 ? -3.330  15.355  9.408   1.00 62.03  ? 139 PHE A O   1 
ATOM   1091 C CB  . PHE A 1 139 ? -1.027  17.266  7.917   1.00 66.16  ? 139 PHE A CB  1 
ATOM   1092 C CG  . PHE A 1 139 ? -0.817  15.871  7.377   1.00 71.99  ? 139 PHE A CG  1 
ATOM   1093 C CD1 . PHE A 1 139 ? -1.499  15.438  6.240   1.00 69.97  ? 139 PHE A CD1 1 
ATOM   1094 C CD2 . PHE A 1 139 ? 0.034   14.971  8.026   1.00 72.03  ? 139 PHE A CD2 1 
ATOM   1095 C CE1 . PHE A 1 139 ? -1.326  14.149  5.752   1.00 69.38  ? 139 PHE A CE1 1 
ATOM   1096 C CE2 . PHE A 1 139 ? 0.205   13.678  7.541   1.00 73.16  ? 139 PHE A CE2 1 
ATOM   1097 C CZ  . PHE A 1 139 ? -0.472  13.269  6.400   1.00 71.27  ? 139 PHE A CZ  1 
ATOM   1098 N N   . LEU A 1 140 ? -1.740  16.281  10.733  1.00 72.87  ? 140 LEU A N   1 
ATOM   1099 C CA  . LEU A 1 140 ? -1.738  15.208  11.723  1.00 72.52  ? 140 LEU A CA  1 
ATOM   1100 C C   . LEU A 1 140 ? -3.104  15.074  12.378  1.00 71.74  ? 140 LEU A C   1 
ATOM   1101 O O   . LEU A 1 140 ? -3.573  13.959  12.605  1.00 71.63  ? 140 LEU A O   1 
ATOM   1102 C CB  . LEU A 1 140 ? -0.645  15.440  12.773  1.00 73.84  ? 140 LEU A CB  1 
ATOM   1103 C CG  . LEU A 1 140 ? 0.798   15.418  12.239  1.00 74.75  ? 140 LEU A CG  1 
ATOM   1104 C CD1 . LEU A 1 140 ? 1.757   16.016  13.259  1.00 76.14  ? 140 LEU A CD1 1 
ATOM   1105 C CD2 . LEU A 1 140 ? 1.243   14.017  11.837  1.00 74.79  ? 140 LEU A CD2 1 
ATOM   1106 N N   . LYS A 1 141 ? -3.761  16.204  12.626  1.00 75.33  ? 141 LYS A N   1 
ATOM   1107 C CA  . LYS A 1 141 ? -5.102  16.198  13.205  1.00 80.24  ? 141 LYS A CA  1 
ATOM   1108 C C   . LYS A 1 141 ? -6.127  15.564  12.249  1.00 79.29  ? 141 LYS A C   1 
ATOM   1109 O O   . LYS A 1 141 ? -6.924  14.723  12.673  1.00 80.89  ? 141 LYS A O   1 
ATOM   1110 C CB  . LYS A 1 141 ? -5.536  17.616  13.606  1.00 86.30  ? 141 LYS A CB  1 
ATOM   1111 C CG  . LYS A 1 141 ? -6.663  17.642  14.635  1.00 94.93  ? 141 LYS A CG  1 
ATOM   1112 C CD  . LYS A 1 141 ? -7.611  18.823  14.446  1.00 102.51 ? 141 LYS A CD  1 
ATOM   1113 C CE  . LYS A 1 141 ? -8.561  18.608  13.268  1.00 106.20 ? 141 LYS A CE  1 
ATOM   1114 N NZ  . LYS A 1 141 ? -9.669  19.604  13.232  1.00 106.29 ? 141 LYS A NZ  1 
ATOM   1115 N N   . ASN A 1 142 ? -6.099  15.952  10.973  1.00 76.41  ? 142 ASN A N   1 
ATOM   1116 C CA  . ASN A 1 142 ? -7.030  15.397  9.978   1.00 74.79  ? 142 ASN A CA  1 
ATOM   1117 C C   . ASN A 1 142 ? -6.813  13.903  9.709   1.00 71.51  ? 142 ASN A C   1 
ATOM   1118 O O   . ASN A 1 142 ? -7.778  13.143  9.603   1.00 66.65  ? 142 ASN A O   1 
ATOM   1119 C CB  . ASN A 1 142 ? -6.964  16.176  8.662   1.00 75.97  ? 142 ASN A CB  1 
ATOM   1120 C CG  . ASN A 1 142 ? -7.550  17.571  8.773   1.00 75.31  ? 142 ASN A CG  1 
ATOM   1121 O OD1 . ASN A 1 142 ? -6.909  18.551  8.406   1.00 72.56  ? 142 ASN A OD1 1 
ATOM   1122 N ND2 . ASN A 1 142 ? -8.779  17.663  9.273   1.00 76.78  ? 142 ASN A ND2 1 
ATOM   1123 N N   . ALA A 1 143 ? -5.551  13.489  9.613   1.00 72.58  ? 143 ALA A N   1 
ATOM   1124 C CA  . ALA A 1 143 ? -5.207  12.065  9.447   1.00 74.90  ? 143 ALA A CA  1 
ATOM   1125 C C   . ALA A 1 143 ? -5.772  11.187  10.585  1.00 76.70  ? 143 ALA A C   1 
ATOM   1126 O O   . ALA A 1 143 ? -6.377  10.137  10.321  1.00 75.25  ? 143 ALA A O   1 
ATOM   1127 C CB  . ALA A 1 143 ? -3.699  11.890  9.319   1.00 69.52  ? 143 ALA A CB  1 
ATOM   1128 N N   . ARG A 1 144 ? -5.601  11.637  11.831  1.00 76.91  ? 144 ARG A N   1 
ATOM   1129 C CA  . ARG A 1 144 ? -6.106  10.909  13.006  1.00 74.34  ? 144 ARG A CA  1 
ATOM   1130 C C   . ARG A 1 144 ? -7.626  10.822  13.040  1.00 71.62  ? 144 ARG A C   1 
ATOM   1131 O O   . ARG A 1 144 ? -8.177  9.802   13.439  1.00 72.04  ? 144 ARG A O   1 
ATOM   1132 C CB  . ARG A 1 144 ? -5.585  11.528  14.311  1.00 79.36  ? 144 ARG A CB  1 
ATOM   1133 C CG  . ARG A 1 144 ? -4.113  11.237  14.588  1.00 84.81  ? 144 ARG A CG  1 
ATOM   1134 C CD  . ARG A 1 144 ? -3.727  11.522  16.034  1.00 90.62  ? 144 ARG A CD  1 
ATOM   1135 N NE  . ARG A 1 144 ? -3.924  12.929  16.401  1.00 95.34  ? 144 ARG A NE  1 
ATOM   1136 C CZ  . ARG A 1 144 ? -3.017  13.908  16.296  1.00 93.45  ? 144 ARG A CZ  1 
ATOM   1137 N NH1 . ARG A 1 144 ? -1.788  13.681  15.825  1.00 93.34  ? 144 ARG A NH1 1 
ATOM   1138 N NH2 . ARG A 1 144 ? -3.350  15.145  16.670  1.00 93.13  ? 144 ARG A NH2 1 
ATOM   1139 N N   . GLN A 1 145 ? -8.293  11.889  12.618  1.00 74.06  ? 145 GLN A N   1 
ATOM   1140 C CA  . GLN A 1 145 ? -9.750  11.894  12.500  1.00 77.62  ? 145 GLN A CA  1 
ATOM   1141 C C   . GLN A 1 145 ? -10.247 10.957  11.401  1.00 77.08  ? 145 GLN A C   1 
ATOM   1142 O O   . GLN A 1 145 ? -11.242 10.243  11.586  1.00 78.51  ? 145 GLN A O   1 
ATOM   1143 C CB  . GLN A 1 145 ? -10.269 13.310  12.224  1.00 86.36  ? 145 GLN A CB  1 
ATOM   1144 C CG  . GLN A 1 145 ? -10.221 14.243  13.422  1.00 93.77  ? 145 GLN A CG  1 
ATOM   1145 C CD  . GLN A 1 145 ? -11.013 15.521  13.191  1.00 101.18 ? 145 GLN A CD  1 
ATOM   1146 O OE1 . GLN A 1 145 ? -10.943 16.126  12.118  1.00 105.17 ? 145 GLN A OE1 1 
ATOM   1147 N NE2 . GLN A 1 145 ? -11.775 15.939  14.199  1.00 104.67 ? 145 GLN A NE2 1 
ATOM   1148 N N   . TRP A 1 146 ? -9.570  10.986  10.251  1.00 75.90  ? 146 TRP A N   1 
ATOM   1149 C CA  . TRP A 1 146 ? -9.890  10.080  9.143   1.00 74.73  ? 146 TRP A CA  1 
ATOM   1150 C C   . TRP A 1 146 ? -9.682  8.622   9.547   1.00 69.04  ? 146 TRP A C   1 
ATOM   1151 O O   . TRP A 1 146 ? -10.504 7.765   9.212   1.00 64.41  ? 146 TRP A O   1 
ATOM   1152 C CB  . TRP A 1 146 ? -9.107  10.443  7.858   1.00 77.82  ? 146 TRP A CB  1 
ATOM   1153 C CG  . TRP A 1 146 ? -9.893  11.383  7.023   1.00 82.43  ? 146 TRP A CG  1 
ATOM   1154 C CD1 . TRP A 1 146 ? -10.176 12.689  7.309   1.00 85.44  ? 146 TRP A CD1 1 
ATOM   1155 C CD2 . TRP A 1 146 ? -10.571 11.082  5.804   1.00 84.11  ? 146 TRP A CD2 1 
ATOM   1156 N NE1 . TRP A 1 146 ? -10.973 13.228  6.332   1.00 88.18  ? 146 TRP A NE1 1 
ATOM   1157 C CE2 . TRP A 1 146 ? -11.233 12.266  5.392   1.00 89.90  ? 146 TRP A CE2 1 
ATOM   1158 C CE3 . TRP A 1 146 ? -10.675 9.936   5.009   1.00 82.16  ? 146 TRP A CE3 1 
ATOM   1159 C CZ2 . TRP A 1 146 ? -11.987 12.338  4.219   1.00 89.27  ? 146 TRP A CZ2 1 
ATOM   1160 C CZ3 . TRP A 1 146 ? -11.431 10.005  3.843   1.00 87.10  ? 146 TRP A CZ3 1 
ATOM   1161 C CH2 . TRP A 1 146 ? -12.081 11.203  3.461   1.00 90.11  ? 146 TRP A CH2 1 
ATOM   1162 N N   . THR A 1 147 ? -8.600  8.361   10.285  1.00 66.70  ? 147 THR A N   1 
ATOM   1163 C CA  . THR A 1 147 ? -8.302  7.024   10.792  1.00 69.62  ? 147 THR A CA  1 
ATOM   1164 C C   . THR A 1 147 ? -9.433  6.502   11.684  1.00 77.60  ? 147 THR A C   1 
ATOM   1165 O O   . THR A 1 147 ? -9.989  5.429   11.415  1.00 75.41  ? 147 THR A O   1 
ATOM   1166 C CB  . THR A 1 147 ? -6.967  6.995   11.563  1.00 65.91  ? 147 THR A CB  1 
ATOM   1167 O OG1 . THR A 1 147 ? -5.901  7.379   10.686  1.00 62.30  ? 147 THR A OG1 1 
ATOM   1168 C CG2 . THR A 1 147 ? -6.685  5.600   12.133  1.00 65.72  ? 147 THR A CG2 1 
ATOM   1169 N N   . GLU A 1 148 ? -9.783  7.285   12.711  1.00 82.89  ? 148 GLU A N   1 
ATOM   1170 C CA  . GLU A 1 148 ? -10.793 6.887   13.705  1.00 85.27  ? 148 GLU A CA  1 
ATOM   1171 C C   . GLU A 1 148 ? -12.158 6.604   13.071  1.00 81.65  ? 148 GLU A C   1 
ATOM   1172 O O   . GLU A 1 148 ? -12.835 5.637   13.437  1.00 80.68  ? 148 GLU A O   1 
ATOM   1173 C CB  . GLU A 1 148 ? -10.923 7.952   14.798  1.00 94.26  ? 148 GLU A CB  1 
ATOM   1174 C CG  . GLU A 1 148 ? -11.611 7.467   16.069  1.00 101.91 ? 148 GLU A CG  1 
ATOM   1175 C CD  . GLU A 1 148 ? -12.097 8.613   16.941  1.00 109.49 ? 148 GLU A CD  1 
ATOM   1176 O OE1 . GLU A 1 148 ? -11.296 9.534   17.219  1.00 114.28 ? 148 GLU A OE1 1 
ATOM   1177 O OE2 . GLU A 1 148 ? -13.281 8.593   17.350  1.00 108.06 ? 148 GLU A OE2 1 
ATOM   1178 N N   . LYS A 1 149 ? -12.541 7.432   12.106  1.00 76.97  ? 149 LYS A N   1 
ATOM   1179 C CA  . LYS A 1 149 ? -13.796 7.241   11.398  1.00 81.20  ? 149 LYS A CA  1 
ATOM   1180 C C   . LYS A 1 149 ? -13.834 5.946   10.570  1.00 87.18  ? 149 LYS A C   1 
ATOM   1181 O O   . LYS A 1 149 ? -14.684 5.083   10.821  1.00 87.10  ? 149 LYS A O   1 
ATOM   1182 C CB  . LYS A 1 149 ? -14.086 8.443   10.500  1.00 84.13  ? 149 LYS A CB  1 
ATOM   1183 C CG  . LYS A 1 149 ? -15.437 8.370   9.804   1.00 89.54  ? 149 LYS A CG  1 
ATOM   1184 C CD  . LYS A 1 149 ? -15.879 9.725   9.279   1.00 93.37  ? 149 LYS A CD  1 
ATOM   1185 C CE  . LYS A 1 149 ? -17.275 9.638   8.689   1.00 96.53  ? 149 LYS A CE  1 
ATOM   1186 N NZ  . LYS A 1 149 ? -17.667 10.909  8.027   1.00 97.56  ? 149 LYS A NZ  1 
ATOM   1187 N N   . HIS A 1 150 ? -12.904 5.812   9.612   1.00 85.62  ? 150 HIS A N   1 
ATOM   1188 C CA  . HIS A 1 150 ? -12.983 4.781   8.550   1.00 78.12  ? 150 HIS A CA  1 
ATOM   1189 C C   . HIS A 1 150 ? -12.180 3.489   8.778   1.00 74.07  ? 150 HIS A C   1 
ATOM   1190 O O   . HIS A 1 150 ? -12.513 2.459   8.193   1.00 70.39  ? 150 HIS A O   1 
ATOM   1191 C CB  . HIS A 1 150 ? -12.534 5.372   7.216   1.00 78.34  ? 150 HIS A CB  1 
ATOM   1192 C CG  . HIS A 1 150 ? -13.377 6.509   6.733   1.00 77.66  ? 150 HIS A CG  1 
ATOM   1193 N ND1 . HIS A 1 150 ? -13.083 7.825   7.021   1.00 76.78  ? 150 HIS A ND1 1 
ATOM   1194 C CD2 . HIS A 1 150 ? -14.482 6.531   5.951   1.00 75.43  ? 150 HIS A CD2 1 
ATOM   1195 C CE1 . HIS A 1 150 ? -13.978 8.609   6.445   1.00 77.53  ? 150 HIS A CE1 1 
ATOM   1196 N NE2 . HIS A 1 150 ? -14.838 7.848   5.790   1.00 76.47  ? 150 HIS A NE2 1 
ATOM   1197 N N   . ALA A 1 151 ? -11.127 3.546   9.591   1.00 72.90  ? 151 ALA A N   1 
ATOM   1198 C CA  . ALA A 1 151 ? -10.244 2.392   9.822   1.00 77.18  ? 151 ALA A CA  1 
ATOM   1199 C C   . ALA A 1 151 ? -10.451 1.658   11.161  1.00 86.50  ? 151 ALA A C   1 
ATOM   1200 O O   . ALA A 1 151 ? -9.601  0.848   11.542  1.00 88.69  ? 151 ALA A O   1 
ATOM   1201 C CB  . ALA A 1 151 ? -8.796  2.843   9.706   1.00 76.16  ? 151 ALA A CB  1 
ATOM   1202 N N   . ARG A 1 152 ? -11.553 1.927   11.872  1.00 95.61  ? 152 ARG A N   1 
ATOM   1203 C CA  . ARG A 1 152 ? -11.767 1.381   13.230  1.00 103.86 ? 152 ARG A CA  1 
ATOM   1204 C C   . ARG A 1 152 ? -13.237 1.038   13.517  1.00 108.09 ? 152 ARG A C   1 
ATOM   1205 O O   . ARG A 1 152 ? -14.130 1.838   13.239  1.00 109.34 ? 152 ARG A O   1 
ATOM   1206 C CB  . ARG A 1 152 ? -11.254 2.367   14.284  1.00 103.05 ? 152 ARG A CB  1 
ATOM   1207 C CG  . ARG A 1 152 ? -9.805  2.785   14.087  1.00 104.22 ? 152 ARG A CG  1 
ATOM   1208 C CD  . ARG A 1 152 ? -9.304  3.684   15.197  1.00 107.62 ? 152 ARG A CD  1 
ATOM   1209 N NE  . ARG A 1 152 ? -8.864  2.932   16.366  1.00 115.51 ? 152 ARG A NE  1 
ATOM   1210 C CZ  . ARG A 1 152 ? -8.256  3.463   17.429  1.00 120.18 ? 152 ARG A CZ  1 
ATOM   1211 N NH1 . ARG A 1 152 ? -7.895  2.678   18.441  1.00 120.31 ? 152 ARG A NH1 1 
ATOM   1212 N NH2 . ARG A 1 152 ? -8.002  4.771   17.495  1.00 119.09 ? 152 ARG A NH2 1 
ATOM   1213 N N   . GLN A 1 153 ? -13.466 -0.157  14.075  1.00 112.01 ? 153 GLN A N   1 
ATOM   1214 C CA  . GLN A 1 153 ? -14.800 -0.641  14.468  1.00 113.30 ? 153 GLN A CA  1 
ATOM   1215 C C   . GLN A 1 153 ? -15.783 -0.657  13.295  1.00 114.43 ? 153 GLN A C   1 
ATOM   1216 O O   . GLN A 1 153 ? -16.942 -1.036  13.449  1.00 116.67 ? 153 GLN A O   1 
ATOM   1217 C CB  . GLN A 1 153 ? -15.360 0.185   15.638  1.00 109.93 ? 153 GLN A CB  1 
HETATM 1218 N NAG . 2BG B 2 .   ? -11.349 6.043   -0.327  0.80 87.06  ? 201 2BG A NAG 1 
HETATM 1219 C CAJ . 2BG B 2 .   ? -11.430 7.402   -0.034  0.80 84.68  ? 201 2BG A CAJ 1 
HETATM 1220 C CAD . 2BG B 2 .   ? -12.583 8.229   0.004   0.80 81.63  ? 201 2BG A CAD 1 
HETATM 1221 C CAB . 2BG B 2 .   ? -12.477 9.559   0.311   0.80 85.18  ? 201 2BG A CAB 1 
HETATM 1222 C CAC . 2BG B 2 .   ? -11.223 10.126  0.573   0.80 86.69  ? 201 2BG A CAC 1 
HETATM 1223 C CAE . 2BG B 2 .   ? -10.077 9.351   0.556   0.80 86.11  ? 201 2BG A CAE 1 
HETATM 1224 C CAK . 2BG B 2 .   ? -10.175 7.989   0.247   0.80 86.63  ? 201 2BG A CAK 1 
HETATM 1225 S SAH . 2BG B 2 .   ? -8.904  6.796   0.124   0.80 85.02  ? 201 2BG A SAH 1 
HETATM 1226 C CAI . 2BG B 2 .   ? -10.133 5.622   -0.289  0.80 86.66  ? 201 2BG A CAI 1 
HETATM 1227 C CAF . 2BG B 2 .   ? -9.782  4.184   -0.557  0.80 84.39  ? 201 2BG A CAF 1 
HETATM 1228 N NAA . 2BG B 2 .   ? -10.812 3.515   -1.356  0.80 85.81  ? 201 2BG A NAA 1 
HETATM 1229 O O   . HOH C 3 .   ? -8.459  6.881   7.213   1.00 58.06  ? 301 HOH A O   1 
HETATM 1230 O O   . HOH C 3 .   ? -2.800  2.144   -7.382  1.00 45.31  ? 302 HOH A O   1 
HETATM 1231 O O   . HOH C 3 .   ? -5.870  10.800  0.598   1.00 49.50  ? 303 HOH A O   1 
HETATM 1232 O O   . HOH C 3 .   ? 9.844   9.778   2.085   1.00 65.54  ? 304 HOH A O   1 
HETATM 1233 O O   . HOH C 3 .   ? 8.089   -20.791 5.063   1.00 63.91  ? 305 HOH A O   1 
HETATM 1234 O O   . HOH C 3 .   ? -8.515  -15.516 -4.630  1.00 70.49  ? 306 HOH A O   1 
HETATM 1235 O O   . HOH C 3 .   ? 5.783   8.274   -3.623  1.00 46.56  ? 307 HOH A O   1 
HETATM 1236 O O   . HOH C 3 .   ? -15.492 4.218   13.552  1.00 73.60  ? 308 HOH A O   1 
HETATM 1237 O O   . HOH C 3 .   ? 1.943   -22.926 2.842   1.00 73.80  ? 309 HOH A O   1 
HETATM 1238 O O   . HOH C 3 .   ? -0.202  11.414  15.666  1.00 73.07  ? 310 HOH A O   1 
HETATM 1239 O O   . HOH C 3 .   ? -0.358  2.630   -8.449  1.00 48.69  ? 311 HOH A O   1 
HETATM 1240 O O   . HOH C 3 .   ? 0.971   -1.190  -10.133 1.00 43.24  ? 312 HOH A O   1 
HETATM 1241 O O   . HOH C 3 .   ? -4.408  22.676  2.008   1.00 46.46  ? 313 HOH A O   1 
HETATM 1242 O O   . HOH C 3 .   ? -5.408  -10.787 -13.218 1.00 65.79  ? 314 HOH A O   1 
HETATM 1243 O O   . HOH C 3 .   ? -11.393 -8.054  -7.299  1.00 72.57  ? 315 HOH A O   1 
HETATM 1244 O O   . HOH C 3 .   ? -13.046 -7.084  -1.092  1.00 60.67  ? 316 HOH A O   1 
HETATM 1245 O O   . HOH C 3 .   ? -9.367  20.408  0.231   1.00 62.10  ? 317 HOH A O   1 
HETATM 1246 O O   . HOH C 3 .   ? -11.667 17.275  9.598   1.00 78.80  ? 318 HOH A O   1 
HETATM 1247 O O   . HOH C 3 .   ? -5.179  7.055   14.859  1.00 64.73  ? 319 HOH A O   1 
HETATM 1248 O O   . HOH C 3 .   ? 7.872   6.635   -4.988  1.00 68.98  ? 320 HOH A O   1 
HETATM 1249 O O   . HOH C 3 .   ? -0.364  -13.172 5.613   1.00 59.89  ? 321 HOH A O   1 
HETATM 1250 O O   . HOH C 3 .   ? 7.903   -0.490  6.203   1.00 54.31  ? 322 HOH A O   1 
HETATM 1251 O O   . HOH C 3 .   ? 13.420  5.064   -12.034 1.00 66.04  ? 323 HOH A O   1 
HETATM 1252 O O   . HOH C 3 .   ? 8.270   3.803   0.503   1.00 56.51  ? 324 HOH A O   1 
HETATM 1253 O O   . HOH C 3 .   ? 11.661  -12.700 -5.799  1.00 74.30  ? 325 HOH A O   1 
HETATM 1254 O O   . HOH C 3 .   ? 10.268  -2.734  1.073   1.00 50.85  ? 326 HOH A O   1 
HETATM 1255 O O   . HOH C 3 .   ? -10.773 14.103  -4.372  1.00 58.59  ? 327 HOH A O   1 
HETATM 1256 O O   . HOH C 3 .   ? 4.543   -19.083 11.120  1.00 71.77  ? 328 HOH A O   1 
HETATM 1257 O O   . HOH C 3 .   ? -0.886  -0.148  -8.578  1.00 43.53  ? 329 HOH A O   1 
HETATM 1258 O O   . HOH C 3 .   ? 6.110   -12.329 -1.473  1.00 56.85  ? 330 HOH A O   1 
HETATM 1259 O O   . HOH C 3 .   ? -6.250  -2.829  -7.825  1.00 53.67  ? 331 HOH A O   1 
HETATM 1260 O O   . HOH C 3 .   ? -6.630  14.485  16.768  1.00 80.72  ? 332 HOH A O   1 
HETATM 1261 O O   . HOH C 3 .   ? 16.379  -5.757  -5.759  1.00 58.78  ? 333 HOH A O   1 
HETATM 1262 O O   . HOH C 3 .   ? 2.896   -8.303  13.218  1.00 70.16  ? 334 HOH A O   1 
HETATM 1263 O O   . HOH C 3 .   ? -13.052 -5.515  -3.704  1.00 75.29  ? 335 HOH A O   1 
HETATM 1264 O O   . HOH C 3 .   ? -6.192  8.353   7.607   1.00 57.68  ? 336 HOH A O   1 
HETATM 1265 O O   . HOH C 3 .   ? 13.463  -8.391  -2.746  1.00 63.15  ? 337 HOH A O   1 
HETATM 1266 O O   . HOH C 3 .   ? -6.257  17.304  -1.869  1.00 55.58  ? 338 HOH A O   1 
HETATM 1267 O O   . HOH C 3 .   ? 2.736   3.292   8.864   1.00 67.42  ? 339 HOH A O   1 
HETATM 1268 O O   . HOH C 3 .   ? 2.678   14.678  -9.601  0.50 64.60  ? 340 HOH A O   1 
HETATM 1269 O O   . HOH C 3 .   ? -6.632  21.537  -6.013  1.00 63.58  ? 341 HOH A O   1 
HETATM 1270 O O   . HOH C 3 .   ? -0.788  6.399   -10.001 1.00 56.89  ? 342 HOH A O   1 
HETATM 1271 O O   . HOH C 3 .   ? -4.055  24.622  -0.743  1.00 60.12  ? 343 HOH A O   1 
HETATM 1272 O O   . HOH C 3 .   ? 8.603   -13.512 -0.082  1.00 62.68  ? 344 HOH A O   1 
HETATM 1273 O O   . HOH C 3 .   ? 8.084   12.363  6.311   1.00 67.02  ? 345 HOH A O   1 
HETATM 1274 O O   . HOH C 3 .   ? -7.217  1.628   -8.867  1.00 65.11  ? 346 HOH A O   1 
HETATM 1275 O O   . HOH C 3 .   ? -4.593  2.084   -9.783  1.00 45.08  ? 347 HOH A O   1 
HETATM 1276 O O   . HOH C 3 .   ? -14.932 -3.450  -3.335  1.00 70.73  ? 348 HOH A O   1 
# 
